data_1POQ
#
_entry.id   1POQ
#
_entity_poly.entity_id   1
_entity_poly.type   'polypeptide(L)'
_entity_poly.pdbx_seq_one_letter_code
;RIPNIATYTGTIQGKGEVCIIGNKEGKTRGGELYAVLHSTNVNADMTLILLRNVGGNGWGEIKRNDIDKPLKYEDYYTSG
LSWIWKIKNNSSETSNYSLDATVHDDKEDSDVLTKCPV
;
_entity_poly.pdbx_strand_id   A
#
# COMPACT_ATOMS: atom_id res chain seq x y z
N ARG A 1 3.67 0.49 18.86
CA ARG A 1 2.71 -0.43 19.44
C ARG A 1 2.37 -1.52 18.43
N ILE A 2 3.37 -1.88 17.63
CA ILE A 2 3.22 -2.88 16.59
C ILE A 2 4.46 -3.77 16.53
N PRO A 3 4.26 -5.11 16.47
CA PRO A 3 5.36 -6.10 16.50
C PRO A 3 6.50 -5.80 15.52
N ASN A 4 6.45 -6.39 14.33
CA ASN A 4 7.52 -6.23 13.37
C ASN A 4 7.09 -5.30 12.24
N ILE A 5 6.03 -5.68 11.54
CA ILE A 5 5.52 -4.90 10.42
C ILE A 5 4.18 -4.28 10.78
N ALA A 6 3.91 -3.10 10.25
CA ALA A 6 2.64 -2.42 10.48
C ALA A 6 1.56 -3.03 9.60
N THR A 7 0.77 -3.92 10.20
CA THR A 7 -0.29 -4.60 9.49
C THR A 7 -1.50 -3.69 9.27
N TYR A 8 -1.61 -3.14 8.07
CA TYR A 8 -2.78 -2.38 7.68
C TYR A 8 -3.89 -3.33 7.25
N THR A 9 -4.68 -3.78 8.21
CA THR A 9 -5.74 -4.74 7.94
C THR A 9 -7.10 -4.05 7.93
N GLY A 10 -7.83 -4.22 6.84
CA GLY A 10 -9.15 -3.66 6.73
C GLY A 10 -9.96 -4.36 5.67
N THR A 11 -11.15 -3.87 5.40
CA THR A 11 -12.00 -4.44 4.37
C THR A 11 -12.16 -3.47 3.21
N ILE A 12 -11.70 -3.89 2.04
CA ILE A 12 -11.84 -3.06 0.86
C ILE A 12 -13.23 -3.25 0.26
N GLN A 13 -13.91 -2.15 0.01
CA GLN A 13 -15.30 -2.19 -0.43
C GLN A 13 -15.39 -2.54 -1.91
N GLY A 14 -15.42 -3.84 -2.19
CA GLY A 14 -15.49 -4.32 -3.56
C GLY A 14 -14.27 -3.95 -4.36
N LYS A 15 -14.49 -3.38 -5.53
CA LYS A 15 -13.40 -2.99 -6.41
C LYS A 15 -12.89 -1.62 -6.01
N GLY A 16 -12.43 -1.52 -4.78
CA GLY A 16 -11.97 -0.26 -4.25
C GLY A 16 -10.63 0.16 -4.79
N GLU A 17 -10.36 1.45 -4.73
CA GLU A 17 -9.09 2.01 -5.15
C GLU A 17 -8.62 3.00 -4.09
N VAL A 18 -7.52 2.67 -3.43
CA VAL A 18 -7.07 3.47 -2.30
C VAL A 18 -5.56 3.60 -2.27
N CYS A 19 -5.11 4.79 -1.90
CA CYS A 19 -3.70 5.09 -1.77
C CYS A 19 -3.29 5.08 -0.31
N ILE A 20 -2.52 4.06 0.08
CA ILE A 20 -2.12 3.91 1.47
C ILE A 20 -0.75 4.50 1.74
N ILE A 21 -0.71 5.45 2.65
CA ILE A 21 0.53 6.03 3.14
C ILE A 21 0.37 6.36 4.63
N GLY A 22 -0.58 5.67 5.25
CA GLY A 22 -0.94 5.94 6.62
C GLY A 22 0.11 5.48 7.61
N ASN A 23 0.05 6.06 8.80
CA ASN A 23 1.00 5.75 9.85
C ASN A 23 0.37 4.81 10.87
N LYS A 24 1.14 3.80 11.28
CA LYS A 24 0.66 2.82 12.25
C LYS A 24 1.85 2.04 12.84
N GLU A 25 2.96 2.74 13.00
CA GLU A 25 4.20 2.11 13.43
C GLU A 25 4.81 2.87 14.60
N GLY A 26 6.10 2.69 14.82
CA GLY A 26 6.80 3.41 15.85
C GLY A 26 8.30 3.28 15.76
N LYS A 27 8.75 2.26 15.04
CA LYS A 27 10.19 2.01 14.90
C LYS A 27 10.84 3.06 14.00
N THR A 28 12.12 3.30 14.22
CA THR A 28 12.89 4.21 13.38
C THR A 28 13.33 3.50 12.11
N ARG A 29 13.41 2.18 12.19
CA ARG A 29 13.88 1.38 11.07
C ARG A 29 12.72 0.65 10.42
N GLY A 30 12.84 0.40 9.12
CA GLY A 30 11.80 -0.31 8.40
C GLY A 30 12.33 -0.96 7.14
N GLY A 31 11.51 -1.01 6.11
CA GLY A 31 11.93 -1.60 4.86
C GLY A 31 11.82 -0.63 3.71
N GLU A 32 12.96 -0.35 3.09
CA GLU A 32 13.02 0.54 1.94
C GLU A 32 12.13 0.03 0.81
N LEU A 33 10.94 0.63 0.70
CA LEU A 33 9.95 0.23 -0.29
C LEU A 33 9.56 -1.24 -0.10
N TYR A 34 9.28 -1.60 1.14
CA TYR A 34 8.92 -2.98 1.48
C TYR A 34 7.56 -3.05 2.15
N ALA A 35 6.60 -3.67 1.45
CA ALA A 35 5.27 -3.90 2.01
C ALA A 35 4.62 -5.10 1.34
N VAL A 36 4.00 -5.97 2.12
CA VAL A 36 3.35 -7.14 1.57
C VAL A 36 1.84 -7.02 1.67
N LEU A 37 1.18 -7.08 0.52
CA LEU A 37 -0.27 -7.05 0.48
C LEU A 37 -0.82 -8.44 0.73
N HIS A 38 -1.43 -8.64 1.88
CA HIS A 38 -2.01 -9.92 2.24
C HIS A 38 -3.50 -9.94 1.91
N SER A 39 -3.97 -11.09 1.49
CA SER A 39 -5.37 -11.28 1.17
C SER A 39 -5.74 -12.76 1.31
N THR A 40 -6.80 -13.04 2.07
CA THR A 40 -7.19 -14.41 2.34
C THR A 40 -8.68 -14.64 2.06
N ASN A 41 -8.97 -15.20 0.88
CA ASN A 41 -10.33 -15.60 0.51
C ASN A 41 -10.30 -16.50 -0.73
N VAL A 42 -11.35 -16.47 -1.54
CA VAL A 42 -11.39 -17.24 -2.78
C VAL A 42 -10.46 -16.61 -3.82
N ASN A 43 -10.97 -15.65 -4.56
CA ASN A 43 -10.14 -14.84 -5.43
C ASN A 43 -10.07 -13.44 -4.85
N ALA A 44 -8.92 -13.10 -4.29
CA ALA A 44 -8.74 -11.79 -3.71
C ALA A 44 -8.82 -10.75 -4.80
N ASP A 45 -8.15 -11.04 -5.90
CA ASP A 45 -8.15 -10.15 -7.07
C ASP A 45 -7.69 -8.76 -6.68
N MET A 46 -6.69 -8.70 -5.82
CA MET A 46 -6.20 -7.44 -5.30
C MET A 46 -4.86 -7.09 -5.93
N THR A 47 -4.79 -5.91 -6.49
CA THR A 47 -3.60 -5.45 -7.17
C THR A 47 -2.82 -4.50 -6.28
N LEU A 48 -1.68 -4.94 -5.78
CA LEU A 48 -0.82 -4.08 -4.98
C LEU A 48 0.16 -3.39 -5.90
N ILE A 49 -0.08 -2.13 -6.19
CA ILE A 49 0.74 -1.45 -7.15
C ILE A 49 1.44 -0.22 -6.54
N LEU A 50 2.75 -0.19 -6.71
CA LEU A 50 3.58 0.90 -6.21
C LEU A 50 3.46 2.09 -7.14
N LEU A 51 2.96 3.19 -6.59
CA LEU A 51 2.69 4.38 -7.39
C LEU A 51 3.44 5.58 -6.84
N ARG A 52 3.71 6.56 -7.70
CA ARG A 52 4.24 7.84 -7.24
C ARG A 52 3.84 8.95 -8.21
N ASN A 53 2.92 9.78 -7.74
CA ASN A 53 2.48 10.97 -8.46
C ASN A 53 2.47 12.12 -7.48
N VAL A 54 2.70 13.34 -7.95
CA VAL A 54 2.71 14.47 -7.05
C VAL A 54 2.46 15.78 -7.79
N GLY A 55 1.21 16.21 -7.76
CA GLY A 55 0.82 17.41 -8.45
C GLY A 55 -0.44 17.21 -9.26
N GLY A 56 -0.50 16.08 -9.96
CA GLY A 56 -1.64 15.80 -10.82
C GLY A 56 -2.78 15.14 -10.06
N ASN A 57 -2.49 14.68 -8.84
CA ASN A 57 -3.48 14.01 -7.99
C ASN A 57 -4.05 12.78 -8.69
N GLY A 58 -3.19 12.09 -9.43
CA GLY A 58 -3.59 10.87 -10.10
C GLY A 58 -2.48 9.85 -10.10
N TRP A 59 -2.53 8.93 -9.14
CA TRP A 59 -1.49 7.93 -8.98
C TRP A 59 -1.46 6.96 -10.15
N GLY A 60 -0.29 6.78 -10.77
CA GLY A 60 -0.19 5.83 -11.86
C GLY A 60 1.24 5.38 -12.17
N GLU A 61 1.84 4.67 -11.24
CA GLU A 61 3.17 4.09 -11.44
C GLU A 61 3.07 2.61 -11.76
N ILE A 62 4.16 2.05 -12.26
CA ILE A 62 4.14 0.75 -12.90
C ILE A 62 4.58 -0.43 -11.99
N LYS A 63 4.79 -0.24 -10.68
CA LYS A 63 5.31 -1.37 -9.91
C LYS A 63 4.18 -2.22 -9.34
N ARG A 64 3.62 -3.08 -10.18
CA ARG A 64 2.48 -3.91 -9.80
C ARG A 64 2.93 -5.26 -9.22
N ASN A 65 2.39 -5.58 -8.05
CA ASN A 65 2.55 -6.90 -7.45
C ASN A 65 1.21 -7.60 -7.30
N ASP A 66 1.26 -8.89 -6.98
CA ASP A 66 0.08 -9.73 -6.95
C ASP A 66 -0.47 -9.90 -5.54
N ILE A 67 -1.38 -10.87 -5.39
CA ILE A 67 -2.05 -11.13 -4.12
C ILE A 67 -1.16 -11.92 -3.17
N ASP A 68 -1.15 -11.51 -1.90
CA ASP A 68 -0.37 -12.17 -0.86
C ASP A 68 1.11 -12.14 -1.22
N LYS A 69 1.55 -10.97 -1.67
CA LYS A 69 2.91 -10.83 -2.19
C LYS A 69 3.60 -9.61 -1.61
N PRO A 70 4.84 -9.78 -1.14
CA PRO A 70 5.64 -8.67 -0.63
C PRO A 70 6.29 -7.87 -1.76
N LEU A 71 6.02 -6.58 -1.77
CA LEU A 71 6.62 -5.70 -2.74
C LEU A 71 7.86 -5.04 -2.17
N LYS A 72 8.98 -5.25 -2.82
CA LYS A 72 10.23 -4.60 -2.46
C LYS A 72 10.91 -4.07 -3.70
N TYR A 73 11.27 -2.80 -3.68
CA TYR A 73 11.92 -2.18 -4.82
C TYR A 73 13.15 -1.41 -4.36
N GLU A 74 14.25 -1.59 -5.09
CA GLU A 74 15.50 -0.89 -4.79
C GLU A 74 15.45 0.55 -5.26
N ASP A 75 14.31 0.95 -5.81
CA ASP A 75 14.15 2.30 -6.35
C ASP A 75 13.76 3.29 -5.26
N TYR A 76 14.60 3.41 -4.26
CA TYR A 76 14.39 4.36 -3.17
C TYR A 76 15.15 5.66 -3.46
N TYR A 77 15.35 5.93 -4.74
CA TYR A 77 16.07 7.10 -5.18
C TYR A 77 15.09 8.19 -5.57
N THR A 78 15.54 9.44 -5.49
CA THR A 78 14.68 10.58 -5.77
C THR A 78 13.56 10.67 -4.73
N SER A 79 13.97 10.82 -3.47
CA SER A 79 13.03 10.85 -2.35
C SER A 79 12.35 12.22 -2.22
N GLY A 80 12.09 12.85 -3.36
CA GLY A 80 11.40 14.12 -3.38
C GLY A 80 10.08 14.03 -4.12
N LEU A 81 9.70 12.80 -4.45
CA LEU A 81 8.44 12.54 -5.14
C LEU A 81 7.53 11.71 -4.24
N SER A 82 6.29 12.14 -4.11
CA SER A 82 5.32 11.43 -3.30
C SER A 82 5.00 10.07 -3.90
N TRP A 83 5.27 9.02 -3.14
CA TRP A 83 4.98 7.67 -3.58
C TRP A 83 3.93 7.04 -2.66
N ILE A 84 3.26 6.01 -3.16
CA ILE A 84 2.15 5.41 -2.43
C ILE A 84 2.01 3.92 -2.70
N TRP A 85 1.42 3.21 -1.74
CA TRP A 85 0.98 1.83 -1.96
C TRP A 85 -0.48 1.86 -2.37
N LYS A 86 -0.75 1.60 -3.64
CA LYS A 86 -2.12 1.66 -4.13
C LYS A 86 -2.76 0.28 -4.14
N ILE A 87 -3.91 0.17 -3.49
CA ILE A 87 -4.67 -1.06 -3.47
C ILE A 87 -5.87 -0.96 -4.38
N LYS A 88 -5.83 -1.69 -5.48
CA LYS A 88 -6.97 -1.75 -6.38
C LYS A 88 -7.53 -3.16 -6.39
N ASN A 89 -8.81 -3.28 -6.11
CA ASN A 89 -9.42 -4.59 -5.97
C ASN A 89 -10.33 -4.91 -7.15
N ASN A 90 -10.43 -6.19 -7.47
CA ASN A 90 -11.29 -6.64 -8.57
C ASN A 90 -12.38 -7.55 -8.04
N SER A 91 -12.31 -7.89 -6.76
CA SER A 91 -13.31 -8.78 -6.17
C SER A 91 -14.62 -8.03 -5.95
N SER A 92 -15.73 -8.73 -6.17
CA SER A 92 -17.04 -8.15 -6.01
C SER A 92 -17.38 -7.95 -4.53
N GLU A 93 -17.04 -8.94 -3.73
CA GLU A 93 -17.34 -8.92 -2.30
C GLU A 93 -16.33 -8.07 -1.55
N THR A 94 -16.74 -7.55 -0.40
CA THR A 94 -15.86 -6.82 0.48
C THR A 94 -14.72 -7.72 0.94
N SER A 95 -13.54 -7.50 0.38
CA SER A 95 -12.41 -8.38 0.63
C SER A 95 -11.54 -7.84 1.76
N ASN A 96 -10.94 -8.75 2.51
CA ASN A 96 -10.02 -8.39 3.56
C ASN A 96 -8.64 -8.13 2.98
N TYR A 97 -8.06 -6.99 3.33
CA TYR A 97 -6.70 -6.69 2.93
C TYR A 97 -5.83 -6.48 4.15
N SER A 98 -4.63 -7.00 4.10
CA SER A 98 -3.68 -6.89 5.19
C SER A 98 -2.34 -6.42 4.65
N LEU A 99 -2.14 -5.12 4.63
CA LEU A 99 -0.90 -4.57 4.10
C LEU A 99 0.14 -4.44 5.20
N ASP A 100 1.05 -5.39 5.26
CA ASP A 100 2.11 -5.36 6.26
C ASP A 100 3.31 -4.60 5.74
N ALA A 101 3.47 -3.37 6.19
CA ALA A 101 4.57 -2.53 5.75
C ALA A 101 5.49 -2.17 6.90
N THR A 102 6.78 -2.04 6.60
CA THR A 102 7.74 -1.62 7.61
C THR A 102 8.17 -0.18 7.36
N VAL A 103 7.54 0.74 8.05
CA VAL A 103 7.79 2.16 7.83
C VAL A 103 8.08 2.88 9.14
N HIS A 104 8.77 4.01 9.05
CA HIS A 104 9.08 4.81 10.22
C HIS A 104 7.94 5.80 10.48
N ASP A 105 7.11 5.49 11.47
CA ASP A 105 5.99 6.36 11.83
C ASP A 105 6.50 7.65 12.45
N ASP A 106 6.27 8.75 11.75
CA ASP A 106 6.64 10.06 12.25
C ASP A 106 5.83 11.15 11.56
N LYS A 107 4.76 10.73 10.88
CA LYS A 107 3.95 11.65 10.10
C LYS A 107 2.48 11.48 10.44
N GLU A 108 1.67 12.40 9.99
CA GLU A 108 0.24 12.37 10.24
C GLU A 108 -0.53 12.48 8.93
N ASP A 109 -0.27 11.53 8.04
CA ASP A 109 -0.86 11.55 6.71
C ASP A 109 -2.35 11.23 6.75
N SER A 110 -3.05 11.63 5.70
CA SER A 110 -4.52 11.63 5.71
C SER A 110 -5.14 10.23 5.64
N ASP A 111 -4.53 9.31 4.91
CA ASP A 111 -5.20 8.04 4.64
C ASP A 111 -4.44 6.87 5.22
N VAL A 112 -5.10 6.18 6.12
CA VAL A 112 -4.54 5.01 6.76
C VAL A 112 -5.46 3.80 6.54
N LEU A 113 -6.49 3.99 5.71
CA LEU A 113 -7.47 2.94 5.48
C LEU A 113 -8.11 3.05 4.09
N THR A 114 -9.04 3.99 3.93
CA THR A 114 -9.70 4.23 2.64
C THR A 114 -10.28 5.64 2.57
N LYS A 115 -9.41 6.62 2.35
CA LYS A 115 -9.83 8.02 2.26
C LYS A 115 -9.32 8.65 0.96
N CYS A 116 -8.34 8.01 0.36
CA CYS A 116 -7.75 8.46 -0.90
C CYS A 116 -8.30 7.64 -2.06
N PRO A 117 -9.35 8.14 -2.74
CA PRO A 117 -10.02 7.45 -3.82
C PRO A 117 -9.56 7.91 -5.20
N VAL A 118 -8.50 7.31 -5.71
CA VAL A 118 -8.00 7.61 -7.04
C VAL A 118 -7.14 6.44 -7.54
N ARG A 1 -1.64 -5.10 16.10
CA ARG A 1 -0.66 -5.03 15.03
C ARG A 1 0.74 -5.12 15.62
N ILE A 2 1.70 -5.56 14.82
CA ILE A 2 3.07 -5.66 15.28
C ILE A 2 3.69 -4.28 15.44
N PRO A 3 4.27 -3.98 16.62
CA PRO A 3 4.89 -2.68 16.91
C PRO A 3 6.23 -2.49 16.19
N ASN A 4 6.28 -2.90 14.94
CA ASN A 4 7.46 -2.79 14.09
C ASN A 4 7.02 -2.80 12.65
N ILE A 5 6.46 -3.92 12.22
CA ILE A 5 5.82 -4.00 10.92
C ILE A 5 4.33 -3.78 11.09
N ALA A 6 3.86 -2.61 10.71
CA ALA A 6 2.48 -2.24 10.92
C ALA A 6 1.57 -3.01 9.98
N THR A 7 0.78 -3.89 10.55
CA THR A 7 -0.16 -4.71 9.79
C THR A 7 -1.42 -3.93 9.47
N TYR A 8 -1.59 -3.59 8.21
CA TYR A 8 -2.79 -2.92 7.74
C TYR A 8 -3.83 -3.96 7.35
N THR A 9 -4.50 -4.50 8.36
CA THR A 9 -5.52 -5.51 8.14
C THR A 9 -6.90 -4.86 7.97
N GLY A 10 -7.11 -4.22 6.84
CA GLY A 10 -8.35 -3.53 6.60
C GLY A 10 -9.20 -4.19 5.52
N THR A 11 -10.42 -3.72 5.34
CA THR A 11 -11.32 -4.27 4.35
C THR A 11 -11.55 -3.28 3.21
N ILE A 12 -11.25 -3.70 1.99
CA ILE A 12 -11.43 -2.86 0.83
C ILE A 12 -12.78 -3.14 0.18
N GLN A 13 -13.33 -2.13 -0.49
CA GLN A 13 -14.65 -2.23 -1.10
C GLN A 13 -14.57 -3.04 -2.39
N GLY A 14 -15.74 -3.45 -2.88
CA GLY A 14 -15.80 -4.20 -4.12
C GLY A 14 -15.57 -3.33 -5.33
N LYS A 15 -14.61 -3.73 -6.16
CA LYS A 15 -14.23 -2.97 -7.35
C LYS A 15 -13.74 -1.58 -6.98
N GLY A 16 -13.03 -1.49 -5.86
CA GLY A 16 -12.53 -0.22 -5.39
C GLY A 16 -11.02 -0.17 -5.36
N GLU A 17 -10.48 1.04 -5.39
CA GLU A 17 -9.04 1.26 -5.33
C GLU A 17 -8.74 2.29 -4.25
N VAL A 18 -7.97 1.91 -3.25
CA VAL A 18 -7.69 2.80 -2.13
C VAL A 18 -6.24 3.28 -2.14
N CYS A 19 -6.01 4.38 -1.42
CA CYS A 19 -4.70 5.02 -1.39
C CYS A 19 -4.13 5.07 0.02
N ILE A 20 -3.09 4.28 0.25
CA ILE A 20 -2.35 4.36 1.50
C ILE A 20 -0.87 4.55 1.20
N ILE A 21 -0.28 5.56 1.82
CA ILE A 21 1.12 5.87 1.58
C ILE A 21 2.03 4.83 2.24
N GLY A 22 3.16 4.58 1.60
CA GLY A 22 4.08 3.57 2.10
C GLY A 22 5.28 4.18 2.81
N ASN A 23 6.27 3.33 3.07
CA ASN A 23 7.48 3.76 3.75
C ASN A 23 8.55 4.14 2.74
N LYS A 24 9.74 4.45 3.22
CA LYS A 24 10.86 4.76 2.34
C LYS A 24 11.99 3.77 2.54
N GLU A 25 11.63 2.52 2.78
CA GLU A 25 12.61 1.47 3.03
C GLU A 25 12.26 0.19 2.28
N GLY A 26 13.29 -0.52 1.84
CA GLY A 26 13.11 -1.77 1.14
C GLY A 26 14.34 -2.64 1.21
N LYS A 27 14.65 -3.35 0.13
CA LYS A 27 15.83 -4.20 0.08
C LYS A 27 16.06 -4.73 -1.33
N THR A 28 16.86 -5.80 -1.42
CA THR A 28 17.34 -6.34 -2.68
C THR A 28 16.23 -6.75 -3.64
N ARG A 29 15.56 -7.86 -3.36
CA ARG A 29 14.60 -8.42 -4.31
C ARG A 29 13.22 -8.58 -3.69
N GLY A 30 12.21 -8.50 -4.55
CA GLY A 30 10.83 -8.63 -4.12
C GLY A 30 9.93 -7.85 -5.05
N GLY A 31 8.89 -7.25 -4.50
CA GLY A 31 8.08 -6.33 -5.28
C GLY A 31 8.79 -5.00 -5.49
N GLU A 32 8.43 -4.00 -4.70
CA GLU A 32 9.08 -2.70 -4.72
C GLU A 32 8.58 -1.87 -3.55
N LEU A 33 9.50 -1.45 -2.67
CA LEU A 33 9.16 -0.77 -1.41
C LEU A 33 8.57 -1.78 -0.44
N TYR A 34 8.97 -1.77 0.83
CA TYR A 34 8.67 -2.92 1.67
C TYR A 34 7.31 -2.83 2.35
N ALA A 35 6.37 -3.53 1.74
CA ALA A 35 5.05 -3.74 2.30
C ALA A 35 4.47 -5.03 1.73
N VAL A 36 4.32 -6.03 2.57
CA VAL A 36 3.82 -7.32 2.11
C VAL A 36 2.30 -7.33 2.12
N LEU A 37 1.71 -7.48 0.94
CA LEU A 37 0.26 -7.50 0.82
C LEU A 37 -0.25 -8.93 0.79
N HIS A 38 -1.14 -9.25 1.71
CA HIS A 38 -1.85 -10.54 1.70
C HIS A 38 -3.34 -10.28 1.51
N SER A 39 -4.03 -11.27 0.96
CA SER A 39 -5.48 -11.16 0.76
C SER A 39 -6.22 -12.22 1.56
N THR A 40 -6.66 -11.85 2.75
CA THR A 40 -7.30 -12.78 3.66
C THR A 40 -8.81 -12.86 3.37
N ASN A 41 -9.16 -13.25 2.15
CA ASN A 41 -10.57 -13.30 1.76
C ASN A 41 -10.80 -14.30 0.63
N VAL A 42 -12.04 -14.37 0.17
CA VAL A 42 -12.46 -15.26 -0.91
C VAL A 42 -11.59 -15.13 -2.14
N ASN A 43 -11.79 -14.04 -2.86
CA ASN A 43 -11.18 -13.82 -4.15
C ASN A 43 -9.96 -12.93 -3.99
N ALA A 44 -8.79 -13.56 -3.91
CA ALA A 44 -7.55 -12.82 -3.79
C ALA A 44 -7.12 -12.26 -5.14
N ASP A 45 -8.00 -11.50 -5.76
CA ASP A 45 -7.73 -10.86 -7.03
C ASP A 45 -7.52 -9.37 -6.80
N MET A 46 -6.57 -9.05 -5.96
CA MET A 46 -6.24 -7.68 -5.66
C MET A 46 -4.92 -7.32 -6.30
N THR A 47 -4.90 -6.29 -7.11
CA THR A 47 -3.68 -5.89 -7.76
C THR A 47 -3.03 -4.74 -7.02
N LEU A 48 -1.77 -4.93 -6.63
CA LEU A 48 -1.05 -3.89 -5.92
C LEU A 48 -0.29 -3.05 -6.93
N ILE A 49 -0.43 -1.74 -6.82
CA ILE A 49 0.32 -0.85 -7.67
C ILE A 49 1.16 0.11 -6.84
N LEU A 50 2.45 0.11 -7.12
CA LEU A 50 3.37 1.05 -6.55
C LEU A 50 3.38 2.32 -7.40
N LEU A 51 2.88 3.40 -6.84
CA LEU A 51 2.75 4.65 -7.57
C LEU A 51 3.32 5.81 -6.77
N ARG A 52 3.64 6.90 -7.45
CA ARG A 52 4.04 8.12 -6.78
C ARG A 52 3.34 9.31 -7.42
N ASN A 53 2.37 9.85 -6.72
CA ASN A 53 1.70 11.08 -7.13
C ASN A 53 1.62 12.01 -5.94
N VAL A 54 1.80 13.28 -6.18
CA VAL A 54 1.68 14.26 -5.12
C VAL A 54 1.67 15.67 -5.71
N GLY A 55 1.55 15.74 -7.03
CA GLY A 55 1.41 17.01 -7.69
C GLY A 55 -0.02 17.46 -7.73
N GLY A 56 -0.94 16.49 -7.74
CA GLY A 56 -2.35 16.82 -7.72
C GLY A 56 -3.08 16.41 -8.98
N ASN A 57 -2.61 15.35 -9.62
CA ASN A 57 -3.23 14.87 -10.86
C ASN A 57 -3.96 13.55 -10.62
N GLY A 58 -3.89 13.06 -9.41
CA GLY A 58 -4.49 11.78 -9.09
C GLY A 58 -3.48 10.66 -9.16
N TRP A 59 -3.82 9.50 -8.62
CA TRP A 59 -2.90 8.36 -8.63
C TRP A 59 -2.88 7.70 -10.00
N GLY A 60 -2.29 6.51 -10.06
CA GLY A 60 -2.17 5.79 -11.31
C GLY A 60 -1.52 4.45 -11.10
N GLU A 61 -1.33 3.69 -12.17
CA GLU A 61 -0.58 2.44 -12.08
C GLU A 61 0.83 2.59 -12.67
N ILE A 62 1.84 2.13 -11.92
CA ILE A 62 3.19 2.04 -12.46
C ILE A 62 3.75 0.65 -12.21
N LYS A 63 3.90 0.26 -10.95
CA LYS A 63 4.38 -1.08 -10.63
C LYS A 63 3.22 -2.00 -10.26
N ARG A 64 2.86 -2.88 -11.17
CA ARG A 64 1.78 -3.83 -10.94
C ARG A 64 2.35 -5.16 -10.43
N ASN A 65 1.97 -5.55 -9.23
CA ASN A 65 2.49 -6.77 -8.64
C ASN A 65 1.39 -7.65 -8.05
N ASP A 66 1.79 -8.87 -7.66
CA ASP A 66 0.86 -9.93 -7.28
C ASP A 66 0.58 -9.92 -5.79
N ILE A 67 -0.46 -10.64 -5.37
CA ILE A 67 -0.85 -10.71 -3.98
C ILE A 67 0.02 -11.68 -3.19
N ASP A 68 -0.03 -11.56 -1.87
CA ASP A 68 0.80 -12.38 -0.96
C ASP A 68 2.27 -12.24 -1.31
N LYS A 69 2.66 -11.02 -1.69
CA LYS A 69 4.01 -10.77 -2.12
C LYS A 69 4.69 -9.71 -1.24
N PRO A 70 5.90 -10.03 -0.75
CA PRO A 70 6.74 -9.06 -0.04
C PRO A 70 7.42 -8.12 -1.02
N LEU A 71 6.95 -6.90 -1.06
CA LEU A 71 7.51 -5.90 -1.96
C LEU A 71 8.81 -5.36 -1.39
N LYS A 72 9.88 -5.37 -2.18
CA LYS A 72 11.16 -4.81 -1.74
C LYS A 72 11.81 -4.01 -2.87
N TYR A 73 12.31 -2.82 -2.54
CA TYR A 73 13.06 -2.02 -3.49
C TYR A 73 14.25 -1.37 -2.79
N GLU A 74 15.39 -1.35 -3.47
CA GLU A 74 16.62 -0.80 -2.90
C GLU A 74 16.62 0.72 -2.98
N ASP A 75 16.82 1.25 -4.17
CA ASP A 75 16.82 2.70 -4.38
C ASP A 75 15.73 3.08 -5.38
N TYR A 76 15.01 4.13 -5.06
CA TYR A 76 13.88 4.56 -5.87
C TYR A 76 14.18 5.90 -6.55
N TYR A 77 14.88 6.76 -5.83
CA TYR A 77 15.16 8.12 -6.29
C TYR A 77 16.31 8.70 -5.47
N THR A 78 15.95 9.38 -4.40
CA THR A 78 16.90 9.85 -3.41
C THR A 78 16.21 9.94 -2.06
N SER A 79 15.09 10.66 -2.04
CA SER A 79 14.23 10.72 -0.88
C SER A 79 12.78 10.50 -1.31
N GLY A 80 12.17 9.44 -0.80
CA GLY A 80 10.80 9.12 -1.15
C GLY A 80 9.82 10.15 -0.64
N LEU A 81 9.47 11.11 -1.49
CA LEU A 81 8.52 12.16 -1.14
C LEU A 81 7.19 11.58 -0.70
N SER A 82 6.48 10.97 -1.64
CA SER A 82 5.22 10.31 -1.35
C SER A 82 5.01 9.13 -2.28
N TRP A 83 4.90 7.95 -1.71
CA TRP A 83 4.63 6.74 -2.47
C TRP A 83 3.32 6.14 -2.00
N ILE A 84 2.52 5.68 -2.94
CA ILE A 84 1.21 5.18 -2.62
C ILE A 84 1.07 3.70 -2.97
N TRP A 85 0.41 2.97 -2.08
CA TRP A 85 0.04 1.59 -2.35
C TRP A 85 -1.35 1.57 -2.97
N LYS A 86 -1.41 1.63 -4.29
CA LYS A 86 -2.69 1.65 -4.97
C LYS A 86 -3.26 0.25 -5.04
N ILE A 87 -4.13 -0.07 -4.09
CA ILE A 87 -4.76 -1.37 -4.02
C ILE A 87 -6.07 -1.36 -4.79
N LYS A 88 -6.03 -1.92 -5.99
CA LYS A 88 -7.24 -2.04 -6.79
C LYS A 88 -7.78 -3.46 -6.68
N ASN A 89 -8.97 -3.56 -6.12
CA ASN A 89 -9.58 -4.85 -5.86
C ASN A 89 -10.52 -5.24 -6.99
N ASN A 90 -10.26 -6.40 -7.59
CA ASN A 90 -11.03 -6.86 -8.74
C ASN A 90 -12.33 -7.52 -8.29
N SER A 91 -12.38 -7.92 -7.04
CA SER A 91 -13.56 -8.57 -6.49
C SER A 91 -14.67 -7.55 -6.24
N SER A 92 -15.88 -7.91 -6.65
CA SER A 92 -17.03 -7.03 -6.49
C SER A 92 -17.54 -7.02 -5.04
N GLU A 93 -17.05 -7.96 -4.25
CA GLU A 93 -17.43 -8.07 -2.85
C GLU A 93 -16.37 -7.45 -1.95
N THR A 94 -16.72 -7.19 -0.70
CA THR A 94 -15.79 -6.60 0.24
C THR A 94 -14.69 -7.60 0.58
N SER A 95 -13.45 -7.22 0.30
CA SER A 95 -12.32 -8.11 0.49
C SER A 95 -11.34 -7.57 1.53
N ASN A 96 -10.94 -8.42 2.46
CA ASN A 96 -10.01 -8.02 3.51
C ASN A 96 -8.58 -8.22 3.05
N TYR A 97 -7.73 -7.26 3.36
CA TYR A 97 -6.31 -7.35 3.03
C TYR A 97 -5.48 -7.22 4.29
N SER A 98 -4.28 -7.76 4.25
CA SER A 98 -3.34 -7.63 5.35
C SER A 98 -1.99 -7.19 4.82
N LEU A 99 -1.69 -5.92 5.00
CA LEU A 99 -0.43 -5.36 4.54
C LEU A 99 0.56 -5.19 5.68
N ASP A 100 1.67 -5.93 5.63
CA ASP A 100 2.71 -5.79 6.64
C ASP A 100 3.85 -4.94 6.09
N ALA A 101 3.94 -3.71 6.57
CA ALA A 101 4.98 -2.79 6.12
C ALA A 101 5.72 -2.22 7.32
N THR A 102 7.01 -1.97 7.16
CA THR A 102 7.79 -1.38 8.23
C THR A 102 7.75 0.13 8.14
N VAL A 103 6.72 0.70 8.75
CA VAL A 103 6.54 2.14 8.77
C VAL A 103 6.71 2.66 10.18
N HIS A 104 7.44 3.75 10.32
CA HIS A 104 7.64 4.36 11.63
C HIS A 104 6.43 5.20 12.01
N ASP A 105 5.32 4.51 12.22
CA ASP A 105 4.04 5.14 12.52
C ASP A 105 4.14 6.05 13.74
N ASP A 106 3.93 7.33 13.52
CA ASP A 106 3.94 8.31 14.60
C ASP A 106 2.63 8.22 15.37
N LYS A 107 1.53 8.38 14.64
CA LYS A 107 0.18 8.21 15.17
C LYS A 107 -0.86 8.42 14.08
N GLU A 108 -0.88 7.49 13.12
CA GLU A 108 -1.83 7.57 12.01
C GLU A 108 -2.61 6.28 11.88
N ASP A 109 -3.39 5.95 12.91
CA ASP A 109 -4.17 4.71 12.92
C ASP A 109 -5.36 4.80 11.96
N SER A 110 -5.60 5.99 11.43
CA SER A 110 -6.68 6.21 10.48
C SER A 110 -6.23 5.91 9.05
N ASP A 111 -4.93 5.68 8.88
CA ASP A 111 -4.35 5.50 7.54
C ASP A 111 -4.44 4.06 7.09
N VAL A 112 -5.66 3.55 7.06
CA VAL A 112 -5.91 2.20 6.57
C VAL A 112 -6.89 2.21 5.40
N LEU A 113 -7.57 3.35 5.24
CA LEU A 113 -8.58 3.50 4.20
C LEU A 113 -9.13 4.92 4.21
N THR A 114 -9.42 5.43 5.40
CA THR A 114 -10.01 6.75 5.57
C THR A 114 -8.98 7.86 5.35
N LYS A 115 -8.53 8.00 4.12
CA LYS A 115 -7.55 9.02 3.79
C LYS A 115 -7.97 9.85 2.58
N CYS A 116 -8.27 9.19 1.47
CA CYS A 116 -8.62 9.90 0.26
C CYS A 116 -9.84 9.29 -0.44
N PRO A 117 -10.83 10.12 -0.79
CA PRO A 117 -11.96 9.73 -1.61
C PRO A 117 -11.58 9.71 -3.10
N VAL A 118 -10.59 8.88 -3.42
CA VAL A 118 -9.99 8.88 -4.74
C VAL A 118 -10.74 7.95 -5.68
N ARG A 1 9.67 -4.89 13.39
CA ARG A 1 10.37 -5.96 12.68
C ARG A 1 11.30 -5.38 11.63
N ILE A 2 10.75 -4.55 10.76
CA ILE A 2 11.51 -3.93 9.68
C ILE A 2 11.41 -2.40 9.80
N PRO A 3 12.18 -1.64 9.00
CA PRO A 3 12.16 -0.18 9.04
C PRO A 3 11.24 0.46 8.01
N ASN A 4 10.50 -0.34 7.26
CA ASN A 4 9.63 0.19 6.20
C ASN A 4 8.20 0.30 6.67
N ILE A 5 7.74 1.53 6.88
CA ILE A 5 6.43 1.77 7.49
C ILE A 5 5.30 1.81 6.47
N ALA A 6 4.51 0.76 6.45
CA ALA A 6 3.24 0.74 5.72
C ALA A 6 2.38 -0.38 6.29
N THR A 7 1.75 -0.11 7.42
CA THR A 7 1.02 -1.14 8.16
C THR A 7 -0.48 -0.94 7.99
N TYR A 8 -1.08 -1.72 7.12
CA TYR A 8 -2.48 -1.53 6.77
C TYR A 8 -3.24 -2.85 6.78
N THR A 9 -3.72 -3.22 7.96
CA THR A 9 -4.54 -4.40 8.13
C THR A 9 -6.02 -4.01 8.14
N GLY A 10 -6.68 -4.11 7.00
CA GLY A 10 -8.07 -3.70 6.91
C GLY A 10 -8.83 -4.41 5.82
N THR A 11 -9.96 -3.83 5.42
CA THR A 11 -10.80 -4.40 4.39
C THR A 11 -11.08 -3.39 3.28
N ILE A 12 -11.07 -3.84 2.04
CA ILE A 12 -11.37 -2.99 0.91
C ILE A 12 -12.73 -3.40 0.32
N GLN A 13 -13.54 -2.42 -0.03
CA GLN A 13 -14.87 -2.67 -0.59
C GLN A 13 -14.76 -3.41 -1.91
N GLY A 14 -15.83 -4.10 -2.29
CA GLY A 14 -15.83 -4.88 -3.51
C GLY A 14 -15.62 -4.03 -4.74
N LYS A 15 -14.60 -4.38 -5.53
CA LYS A 15 -14.26 -3.68 -6.75
C LYS A 15 -13.98 -2.21 -6.47
N GLY A 16 -13.05 -1.97 -5.56
CA GLY A 16 -12.71 -0.61 -5.19
C GLY A 16 -11.23 -0.35 -5.26
N GLU A 17 -10.85 0.89 -5.01
CA GLU A 17 -9.46 1.28 -5.02
C GLU A 17 -9.12 2.05 -3.75
N VAL A 18 -8.03 1.65 -3.11
CA VAL A 18 -7.52 2.38 -1.95
C VAL A 18 -6.07 2.76 -2.17
N CYS A 19 -5.58 3.69 -1.38
CA CYS A 19 -4.27 4.24 -1.60
C CYS A 19 -3.61 4.60 -0.25
N ILE A 20 -2.41 4.09 0.00
CA ILE A 20 -1.72 4.37 1.27
C ILE A 20 -0.19 4.17 1.19
N ILE A 21 0.53 5.27 0.97
CA ILE A 21 2.01 5.35 1.08
C ILE A 21 2.80 4.20 0.40
N GLY A 22 3.35 4.49 -0.78
CA GLY A 22 4.25 3.55 -1.45
C GLY A 22 4.44 3.86 -2.93
N ASN A 23 5.65 4.27 -3.32
CA ASN A 23 6.00 4.63 -4.71
C ASN A 23 7.31 3.97 -5.14
N LYS A 24 7.47 3.76 -6.45
CA LYS A 24 8.67 3.15 -7.00
C LYS A 24 9.83 4.13 -7.08
N GLU A 25 9.68 5.17 -7.91
CA GLU A 25 10.78 6.09 -8.19
C GLU A 25 10.90 7.17 -7.12
N GLY A 26 11.95 7.08 -6.30
CA GLY A 26 12.16 8.08 -5.27
C GLY A 26 13.62 8.44 -5.10
N LYS A 27 13.86 9.59 -4.48
CA LYS A 27 15.21 10.06 -4.20
C LYS A 27 15.24 10.85 -2.90
N THR A 28 14.38 10.46 -1.96
CA THR A 28 14.19 11.23 -0.75
C THR A 28 14.77 10.53 0.48
N ARG A 29 14.28 9.34 0.79
CA ARG A 29 14.70 8.66 2.01
C ARG A 29 15.22 7.25 1.69
N GLY A 30 15.62 6.53 2.72
CA GLY A 30 16.13 5.19 2.54
C GLY A 30 15.11 4.14 2.95
N GLY A 31 15.59 2.99 3.38
CA GLY A 31 14.71 1.91 3.76
C GLY A 31 14.15 1.17 2.55
N GLU A 32 14.37 -0.13 2.49
CA GLU A 32 13.84 -0.92 1.40
C GLU A 32 12.34 -1.10 1.56
N LEU A 33 11.62 -0.97 0.45
CA LEU A 33 10.17 -1.05 0.46
C LEU A 33 9.71 -2.49 0.61
N TYR A 34 9.80 -3.02 1.83
CA TYR A 34 9.30 -4.35 2.11
C TYR A 34 7.88 -4.28 2.63
N ALA A 35 6.95 -4.78 1.83
CA ALA A 35 5.54 -4.81 2.20
C ALA A 35 4.89 -6.08 1.67
N VAL A 36 4.73 -7.08 2.54
CA VAL A 36 4.02 -8.29 2.15
C VAL A 36 2.54 -8.07 2.33
N LEU A 37 1.76 -8.37 1.32
CA LEU A 37 0.35 -8.07 1.31
C LEU A 37 -0.45 -9.34 1.09
N HIS A 38 -1.46 -9.53 1.93
CA HIS A 38 -2.34 -10.69 1.81
C HIS A 38 -3.74 -10.22 1.43
N SER A 39 -4.55 -11.13 0.90
CA SER A 39 -5.92 -10.80 0.53
C SER A 39 -6.83 -12.00 0.71
N THR A 40 -7.57 -12.02 1.80
CA THR A 40 -8.52 -13.07 2.07
C THR A 40 -9.94 -12.61 1.70
N ASN A 41 -10.57 -13.35 0.80
CA ASN A 41 -11.94 -13.06 0.38
C ASN A 41 -12.40 -14.16 -0.59
N VAL A 42 -13.31 -13.81 -1.49
CA VAL A 42 -13.80 -14.77 -2.48
C VAL A 42 -12.68 -15.14 -3.45
N ASN A 43 -12.10 -14.13 -4.05
CA ASN A 43 -11.01 -14.31 -4.99
C ASN A 43 -9.96 -13.23 -4.79
N ALA A 44 -8.74 -13.62 -4.50
CA ALA A 44 -7.66 -12.69 -4.29
C ALA A 44 -7.16 -12.13 -5.62
N ASP A 45 -7.94 -11.24 -6.21
CA ASP A 45 -7.60 -10.61 -7.48
C ASP A 45 -7.25 -9.15 -7.27
N MET A 46 -6.39 -8.89 -6.30
CA MET A 46 -6.04 -7.53 -5.95
C MET A 46 -4.63 -7.20 -6.41
N THR A 47 -4.51 -6.12 -7.16
CA THR A 47 -3.22 -5.67 -7.64
C THR A 47 -2.67 -4.56 -6.73
N LEU A 48 -1.46 -4.77 -6.21
CA LEU A 48 -0.83 -3.80 -5.34
C LEU A 48 0.20 -2.98 -6.11
N ILE A 49 0.02 -1.68 -6.15
CA ILE A 49 0.90 -0.80 -6.92
C ILE A 49 1.63 0.20 -6.05
N LEU A 50 2.93 0.24 -6.29
CA LEU A 50 3.83 1.19 -5.68
C LEU A 50 3.88 2.45 -6.54
N LEU A 51 3.09 3.46 -6.17
CA LEU A 51 2.95 4.65 -7.01
C LEU A 51 3.07 5.95 -6.23
N ARG A 52 3.50 7.00 -6.91
CA ARG A 52 3.47 8.35 -6.35
C ARG A 52 2.67 9.26 -7.28
N ASN A 53 1.54 9.72 -6.80
CA ASN A 53 0.73 10.67 -7.55
C ASN A 53 0.34 11.82 -6.65
N VAL A 54 0.33 13.02 -7.20
CA VAL A 54 -0.02 14.20 -6.43
C VAL A 54 -0.04 15.42 -7.33
N GLY A 55 -0.79 16.45 -6.93
CA GLY A 55 -0.98 17.60 -7.78
C GLY A 55 -2.02 17.32 -8.86
N GLY A 56 -2.82 16.28 -8.62
CA GLY A 56 -3.84 15.88 -9.57
C GLY A 56 -4.71 14.78 -9.01
N ASN A 57 -6.00 14.85 -9.25
CA ASN A 57 -6.94 13.88 -8.72
C ASN A 57 -7.01 12.65 -9.64
N GLY A 58 -6.46 11.55 -9.16
CA GLY A 58 -6.49 10.33 -9.93
C GLY A 58 -5.19 9.55 -9.82
N TRP A 59 -5.21 8.47 -9.02
CA TRP A 59 -4.03 7.64 -8.83
C TRP A 59 -3.82 6.73 -10.04
N GLY A 60 -2.55 6.44 -10.34
CA GLY A 60 -2.24 5.63 -11.50
C GLY A 60 -1.50 4.35 -11.15
N GLU A 61 -1.10 3.60 -12.15
CA GLU A 61 -0.34 2.38 -11.95
C GLU A 61 1.15 2.61 -12.20
N ILE A 62 1.97 2.14 -11.27
CA ILE A 62 3.42 2.22 -11.44
C ILE A 62 4.04 0.82 -11.31
N LYS A 63 4.34 0.39 -10.08
CA LYS A 63 4.90 -0.92 -9.86
C LYS A 63 3.84 -1.90 -9.38
N ARG A 64 3.52 -2.86 -10.21
CA ARG A 64 2.44 -3.79 -9.93
C ARG A 64 2.97 -5.09 -9.32
N ASN A 65 2.28 -5.60 -8.32
CA ASN A 65 2.56 -6.90 -7.74
C ASN A 65 1.25 -7.63 -7.42
N ASP A 66 1.35 -8.92 -7.16
CA ASP A 66 0.18 -9.77 -6.93
C ASP A 66 -0.19 -9.80 -5.45
N ILE A 67 -1.02 -10.78 -5.10
CA ILE A 67 -1.46 -10.96 -3.71
C ILE A 67 -0.60 -11.99 -2.98
N ASP A 68 -0.74 -12.01 -1.66
CA ASP A 68 -0.01 -12.92 -0.77
C ASP A 68 1.49 -12.96 -1.11
N LYS A 69 2.02 -11.79 -1.40
CA LYS A 69 3.43 -11.68 -1.78
C LYS A 69 4.13 -10.62 -0.96
N PRO A 70 5.40 -10.85 -0.64
CA PRO A 70 6.25 -9.85 -0.04
C PRO A 70 6.84 -8.92 -1.10
N LEU A 71 6.35 -7.70 -1.17
CA LEU A 71 6.90 -6.71 -2.08
C LEU A 71 8.17 -6.18 -1.48
N LYS A 72 9.27 -6.30 -2.21
CA LYS A 72 10.55 -5.85 -1.72
C LYS A 72 11.20 -4.93 -2.75
N TYR A 73 12.07 -4.05 -2.27
CA TYR A 73 12.72 -3.08 -3.12
C TYR A 73 13.73 -3.78 -4.03
N GLU A 74 13.35 -3.92 -5.30
CA GLU A 74 14.23 -4.51 -6.30
C GLU A 74 15.32 -3.51 -6.68
N ASP A 75 14.99 -2.58 -7.57
CA ASP A 75 15.89 -1.50 -7.93
C ASP A 75 15.11 -0.22 -8.11
N TYR A 76 14.83 0.45 -7.00
CA TYR A 76 14.06 1.69 -7.02
C TYR A 76 14.97 2.88 -6.78
N TYR A 77 16.28 2.59 -6.69
CA TYR A 77 17.30 3.60 -6.38
C TYR A 77 17.16 4.10 -4.94
N THR A 78 16.05 4.77 -4.65
CA THR A 78 15.78 5.29 -3.32
C THR A 78 14.27 5.40 -3.10
N SER A 79 13.86 5.68 -1.86
CA SER A 79 12.46 5.81 -1.54
C SER A 79 11.99 7.25 -1.72
N GLY A 80 10.73 7.43 -2.08
CA GLY A 80 10.22 8.75 -2.42
C GLY A 80 9.63 9.50 -1.24
N LEU A 81 9.26 10.75 -1.50
CA LEU A 81 8.67 11.62 -0.48
C LEU A 81 7.19 11.29 -0.30
N SER A 82 6.38 11.72 -1.26
CA SER A 82 4.97 11.40 -1.26
C SER A 82 4.72 10.18 -2.14
N TRP A 83 3.88 9.27 -1.66
CA TRP A 83 3.65 8.01 -2.35
C TRP A 83 2.40 7.33 -1.82
N ILE A 84 1.87 6.38 -2.60
CA ILE A 84 0.64 5.69 -2.25
C ILE A 84 0.64 4.23 -2.73
N TRP A 85 0.29 3.32 -1.83
CA TRP A 85 0.08 1.91 -2.18
C TRP A 85 -1.29 1.79 -2.85
N LYS A 86 -1.31 1.60 -4.16
CA LYS A 86 -2.56 1.46 -4.88
C LYS A 86 -3.11 0.06 -4.75
N ILE A 87 -4.19 -0.06 -4.00
CA ILE A 87 -4.86 -1.35 -3.80
C ILE A 87 -6.13 -1.41 -4.63
N LYS A 88 -6.11 -2.21 -5.68
CA LYS A 88 -7.27 -2.38 -6.53
C LYS A 88 -7.70 -3.84 -6.54
N ASN A 89 -8.92 -4.11 -6.09
CA ASN A 89 -9.45 -5.46 -6.07
C ASN A 89 -10.53 -5.61 -7.13
N ASN A 90 -10.70 -6.82 -7.65
CA ASN A 90 -11.60 -7.04 -8.78
C ASN A 90 -12.88 -7.75 -8.34
N SER A 91 -12.79 -8.52 -7.27
CA SER A 91 -13.97 -9.16 -6.72
C SER A 91 -14.89 -8.13 -6.09
N SER A 92 -16.19 -8.29 -6.31
CA SER A 92 -17.18 -7.33 -5.85
C SER A 92 -17.58 -7.57 -4.39
N GLU A 93 -16.77 -8.37 -3.69
CA GLU A 93 -17.01 -8.64 -2.29
C GLU A 93 -15.92 -7.98 -1.44
N THR A 94 -16.26 -7.68 -0.20
CA THR A 94 -15.33 -7.07 0.73
C THR A 94 -14.08 -7.93 0.89
N SER A 95 -12.98 -7.48 0.32
CA SER A 95 -11.74 -8.22 0.37
C SER A 95 -10.87 -7.74 1.52
N ASN A 96 -10.32 -8.67 2.28
CA ASN A 96 -9.41 -8.32 3.35
C ASN A 96 -8.02 -8.10 2.79
N TYR A 97 -7.33 -7.10 3.30
CA TYR A 97 -5.96 -6.84 2.88
C TYR A 97 -5.10 -6.55 4.09
N SER A 98 -4.01 -7.28 4.21
CA SER A 98 -3.06 -7.06 5.26
C SER A 98 -1.72 -6.62 4.66
N LEU A 99 -1.49 -5.32 4.67
CA LEU A 99 -0.23 -4.77 4.21
C LEU A 99 0.78 -4.81 5.36
N ASP A 100 1.64 -5.80 5.34
CA ASP A 100 2.63 -5.97 6.40
C ASP A 100 3.91 -5.24 6.05
N ALA A 101 3.96 -3.98 6.41
CA ALA A 101 5.19 -3.20 6.42
C ALA A 101 5.20 -2.39 7.70
N THR A 102 6.21 -2.55 8.51
CA THR A 102 6.15 -2.05 9.87
C THR A 102 7.30 -1.12 10.24
N VAL A 103 7.16 -0.48 11.38
CA VAL A 103 8.15 0.44 11.91
C VAL A 103 9.09 -0.32 12.85
N HIS A 104 10.23 0.27 13.21
CA HIS A 104 11.14 -0.37 14.15
C HIS A 104 10.67 -0.16 15.58
N ASP A 105 9.48 -0.66 15.88
CA ASP A 105 8.90 -0.56 17.22
C ASP A 105 8.59 -1.95 17.75
N ASP A 106 7.33 -2.20 18.12
CA ASP A 106 6.91 -3.52 18.60
C ASP A 106 5.40 -3.56 18.76
N LYS A 107 4.78 -4.58 18.13
CA LYS A 107 3.33 -4.89 18.20
C LYS A 107 2.78 -5.19 16.80
N GLU A 108 1.48 -5.41 16.71
CA GLU A 108 0.83 -5.60 15.43
C GLU A 108 -0.42 -4.72 15.33
N ASP A 109 -0.24 -3.46 14.96
CA ASP A 109 -1.36 -2.55 14.79
C ASP A 109 -1.40 -1.97 13.39
N SER A 110 -2.37 -1.10 13.14
CA SER A 110 -2.55 -0.54 11.81
C SER A 110 -2.31 0.98 11.81
N ASP A 111 -2.02 1.51 10.63
CA ASP A 111 -1.80 2.93 10.44
C ASP A 111 -3.12 3.61 10.08
N VAL A 112 -3.49 3.52 8.80
CA VAL A 112 -4.77 4.05 8.33
C VAL A 112 -5.58 2.93 7.69
N LEU A 113 -6.78 3.24 7.22
CA LEU A 113 -7.65 2.24 6.64
C LEU A 113 -8.25 2.72 5.32
N THR A 114 -9.50 2.33 5.07
CA THR A 114 -10.20 2.65 3.84
C THR A 114 -10.65 4.12 3.79
N LYS A 115 -9.69 5.02 3.61
CA LYS A 115 -10.00 6.44 3.55
C LYS A 115 -9.84 7.00 2.14
N CYS A 116 -9.41 6.15 1.22
CA CYS A 116 -9.13 6.59 -0.15
C CYS A 116 -10.23 6.13 -1.10
N PRO A 117 -11.08 7.06 -1.54
CA PRO A 117 -12.11 6.79 -2.53
C PRO A 117 -11.65 7.19 -3.93
N VAL A 118 -10.86 6.34 -4.57
CA VAL A 118 -10.38 6.62 -5.91
C VAL A 118 -11.12 5.75 -6.92
N ARG A 1 9.34 -13.67 12.85
CA ARG A 1 9.73 -13.15 14.15
C ARG A 1 9.94 -11.65 14.10
N ILE A 2 9.10 -10.98 13.31
CA ILE A 2 9.14 -9.53 13.21
C ILE A 2 8.17 -8.93 14.23
N PRO A 3 8.70 -8.34 15.32
CA PRO A 3 7.87 -7.80 16.40
C PRO A 3 7.05 -6.60 15.97
N ASN A 4 7.72 -5.63 15.36
CA ASN A 4 7.05 -4.40 14.97
C ASN A 4 7.00 -4.26 13.46
N ILE A 5 5.85 -4.60 12.90
CA ILE A 5 5.63 -4.46 11.46
C ILE A 5 4.27 -3.78 11.24
N ALA A 6 4.27 -2.73 10.42
CA ALA A 6 3.06 -1.97 10.18
C ALA A 6 2.11 -2.74 9.25
N THR A 7 1.31 -3.61 9.83
CA THR A 7 0.36 -4.38 9.06
C THR A 7 -0.99 -3.69 9.05
N TYR A 8 -1.37 -3.19 7.88
CA TYR A 8 -2.66 -2.56 7.71
C TYR A 8 -3.67 -3.60 7.27
N THR A 9 -4.15 -4.36 8.24
CA THR A 9 -5.15 -5.39 7.99
C THR A 9 -6.55 -4.78 7.95
N GLY A 10 -6.89 -4.19 6.81
CA GLY A 10 -8.15 -3.48 6.69
C GLY A 10 -9.03 -4.04 5.60
N THR A 11 -10.27 -3.58 5.56
CA THR A 11 -11.21 -4.00 4.55
C THR A 11 -11.21 -3.02 3.38
N ILE A 12 -11.24 -3.54 2.17
CA ILE A 12 -11.27 -2.71 0.97
C ILE A 12 -12.60 -2.86 0.25
N GLN A 13 -13.01 -1.82 -0.43
CA GLN A 13 -14.30 -1.79 -1.12
C GLN A 13 -14.30 -2.72 -2.31
N GLY A 14 -15.45 -3.32 -2.59
CA GLY A 14 -15.59 -4.15 -3.77
C GLY A 14 -15.54 -3.32 -5.04
N LYS A 15 -14.66 -3.71 -5.96
CA LYS A 15 -14.44 -2.99 -7.21
C LYS A 15 -14.06 -1.54 -6.93
N GLY A 16 -12.89 -1.36 -6.32
CA GLY A 16 -12.43 -0.03 -6.00
C GLY A 16 -10.95 0.00 -5.71
N GLU A 17 -10.42 1.20 -5.50
CA GLU A 17 -9.01 1.39 -5.26
C GLU A 17 -8.81 2.48 -4.22
N VAL A 18 -8.00 2.19 -3.21
CA VAL A 18 -7.75 3.15 -2.13
C VAL A 18 -6.33 3.66 -2.16
N CYS A 19 -6.11 4.79 -1.49
CA CYS A 19 -4.82 5.44 -1.47
C CYS A 19 -4.22 5.41 -0.07
N ILE A 20 -3.19 4.60 0.10
CA ILE A 20 -2.48 4.51 1.38
C ILE A 20 -1.17 5.29 1.31
N ILE A 21 -1.17 6.48 1.90
CA ILE A 21 0.03 7.31 1.93
C ILE A 21 0.88 6.98 3.15
N GLY A 22 2.11 6.56 2.89
CA GLY A 22 3.02 6.23 3.97
C GLY A 22 4.13 7.24 4.12
N ASN A 23 5.35 6.87 3.76
CA ASN A 23 6.49 7.77 3.85
C ASN A 23 6.87 8.28 2.47
N LYS A 24 7.41 9.48 2.42
CA LYS A 24 7.78 10.12 1.16
C LYS A 24 9.30 10.11 0.97
N GLU A 25 10.03 10.36 2.05
CA GLU A 25 11.47 10.53 1.95
C GLU A 25 12.13 10.28 3.30
N GLY A 26 13.10 9.37 3.31
CA GLY A 26 13.88 9.13 4.50
C GLY A 26 15.13 9.98 4.54
N LYS A 27 16.04 9.71 3.60
CA LYS A 27 17.29 10.47 3.46
C LYS A 27 18.15 10.38 4.73
N THR A 28 19.10 9.45 4.72
CA THR A 28 19.94 9.17 5.88
C THR A 28 19.09 8.75 7.07
N ARG A 29 17.98 8.09 6.78
CA ARG A 29 17.06 7.62 7.80
C ARG A 29 16.16 6.55 7.22
N GLY A 30 15.35 5.94 8.08
CA GLY A 30 14.44 4.90 7.62
C GLY A 30 13.21 5.46 6.94
N GLY A 31 13.00 5.05 5.70
CA GLY A 31 11.83 5.45 4.95
C GLY A 31 11.43 4.38 3.97
N GLU A 32 11.67 4.65 2.68
CA GLU A 32 11.50 3.65 1.62
C GLU A 32 10.07 3.10 1.57
N LEU A 33 9.90 1.99 0.86
CA LEU A 33 8.58 1.40 0.67
C LEU A 33 8.68 -0.12 0.53
N TYR A 34 8.44 -0.84 1.62
CA TYR A 34 8.42 -2.30 1.57
C TYR A 34 7.13 -2.82 2.21
N ALA A 35 6.36 -3.59 1.45
CA ALA A 35 5.11 -4.14 1.95
C ALA A 35 4.73 -5.42 1.22
N VAL A 36 4.24 -6.39 1.97
CA VAL A 36 3.65 -7.61 1.40
C VAL A 36 2.15 -7.55 1.57
N LEU A 37 1.40 -7.88 0.53
CA LEU A 37 -0.04 -7.87 0.66
C LEU A 37 -0.54 -9.30 0.66
N HIS A 38 -1.45 -9.57 1.58
CA HIS A 38 -2.09 -10.87 1.68
C HIS A 38 -3.56 -10.72 1.34
N SER A 39 -3.97 -11.33 0.25
CA SER A 39 -5.36 -11.32 -0.16
C SER A 39 -6.11 -12.45 0.56
N THR A 40 -6.56 -12.18 1.78
CA THR A 40 -7.19 -13.19 2.61
C THR A 40 -8.69 -13.27 2.37
N ASN A 41 -9.06 -13.73 1.18
CA ASN A 41 -10.47 -13.87 0.80
C ASN A 41 -10.62 -14.88 -0.32
N VAL A 42 -11.88 -15.20 -0.64
CA VAL A 42 -12.22 -16.08 -1.77
C VAL A 42 -11.48 -15.68 -3.03
N ASN A 43 -11.93 -14.59 -3.61
CA ASN A 43 -11.38 -14.07 -4.84
C ASN A 43 -10.12 -13.28 -4.54
N ALA A 44 -9.06 -14.00 -4.21
CA ALA A 44 -7.77 -13.38 -3.88
C ALA A 44 -7.04 -12.95 -5.15
N ASP A 45 -7.67 -12.05 -5.89
CA ASP A 45 -7.12 -11.53 -7.11
C ASP A 45 -6.95 -10.02 -7.00
N MET A 46 -6.21 -9.60 -5.99
CA MET A 46 -6.03 -8.18 -5.73
C MET A 46 -4.60 -7.83 -6.07
N THR A 47 -4.31 -6.56 -6.26
CA THR A 47 -2.96 -6.16 -6.58
C THR A 47 -2.57 -4.86 -5.87
N LEU A 48 -1.47 -4.90 -5.13
CA LEU A 48 -0.92 -3.69 -4.55
C LEU A 48 -0.08 -3.00 -5.59
N ILE A 49 -0.19 -1.69 -5.67
CA ILE A 49 0.53 -0.95 -6.67
C ILE A 49 1.36 0.17 -6.07
N LEU A 50 2.65 0.11 -6.35
CA LEU A 50 3.59 1.15 -5.95
C LEU A 50 3.61 2.24 -6.99
N LEU A 51 2.97 3.36 -6.70
CA LEU A 51 2.92 4.45 -7.65
C LEU A 51 3.24 5.77 -6.97
N ARG A 52 3.64 6.75 -7.78
CA ARG A 52 3.81 8.11 -7.33
C ARG A 52 3.41 9.07 -8.43
N ASN A 53 2.26 9.70 -8.28
CA ASN A 53 1.85 10.75 -9.18
C ASN A 53 1.33 11.92 -8.37
N VAL A 54 1.58 13.11 -8.87
CA VAL A 54 1.07 14.31 -8.23
C VAL A 54 1.05 15.44 -9.25
N GLY A 55 -0.16 15.88 -9.58
CA GLY A 55 -0.35 16.80 -10.67
C GLY A 55 -1.14 16.16 -11.79
N GLY A 56 -2.11 15.33 -11.41
CA GLY A 56 -2.91 14.64 -12.39
C GLY A 56 -4.39 14.75 -12.10
N ASN A 57 -5.09 13.62 -12.12
CA ASN A 57 -6.52 13.60 -11.86
C ASN A 57 -6.92 12.38 -11.03
N GLY A 58 -5.95 11.81 -10.35
CA GLY A 58 -6.19 10.63 -9.56
C GLY A 58 -4.89 9.93 -9.22
N TRP A 59 -4.88 8.61 -9.34
CA TRP A 59 -3.69 7.82 -9.08
C TRP A 59 -3.50 6.79 -10.19
N GLY A 60 -2.35 6.84 -10.86
CA GLY A 60 -2.10 5.99 -12.01
C GLY A 60 -1.59 4.60 -11.63
N GLU A 61 -1.26 3.79 -12.63
CA GLU A 61 -0.75 2.45 -12.41
C GLU A 61 0.76 2.37 -12.61
N ILE A 62 1.48 1.71 -11.70
CA ILE A 62 2.92 1.50 -11.85
C ILE A 62 3.32 0.04 -11.57
N LYS A 63 3.74 -0.28 -10.33
CA LYS A 63 4.17 -1.64 -10.01
C LYS A 63 3.06 -2.38 -9.25
N ARG A 64 2.53 -3.45 -9.84
CA ARG A 64 1.38 -4.14 -9.26
C ARG A 64 1.68 -5.59 -8.90
N ASN A 65 1.57 -5.92 -7.61
CA ASN A 65 1.71 -7.29 -7.14
C ASN A 65 0.95 -7.50 -5.81
N ASP A 66 0.01 -8.43 -5.77
CA ASP A 66 -0.61 -8.82 -4.50
C ASP A 66 -1.14 -10.24 -4.53
N ILE A 67 -0.72 -11.01 -3.56
CA ILE A 67 -1.36 -12.26 -3.19
C ILE A 67 -0.83 -12.69 -1.84
N ASP A 68 0.49 -12.73 -1.78
CA ASP A 68 1.25 -12.98 -0.58
C ASP A 68 2.63 -12.43 -0.85
N LYS A 69 2.64 -11.32 -1.57
CA LYS A 69 3.83 -10.85 -2.25
C LYS A 69 4.43 -9.63 -1.55
N PRO A 70 5.67 -9.78 -1.05
CA PRO A 70 6.41 -8.68 -0.43
C PRO A 70 7.18 -7.87 -1.46
N LEU A 71 6.69 -6.67 -1.74
CA LEU A 71 7.34 -5.78 -2.68
C LEU A 71 8.51 -5.08 -2.02
N LYS A 72 9.71 -5.52 -2.35
CA LYS A 72 10.91 -4.89 -1.85
C LYS A 72 11.27 -3.70 -2.71
N TYR A 73 11.55 -2.58 -2.09
CA TYR A 73 11.82 -1.35 -2.79
C TYR A 73 13.17 -1.41 -3.50
N GLU A 74 13.20 -0.88 -4.71
CA GLU A 74 14.44 -0.71 -5.43
C GLU A 74 14.86 0.75 -5.35
N ASP A 75 15.90 1.12 -6.07
CA ASP A 75 16.33 2.51 -6.07
C ASP A 75 15.80 3.20 -7.32
N TYR A 76 15.12 4.31 -7.10
CA TYR A 76 14.46 5.03 -8.19
C TYR A 76 15.01 6.44 -8.29
N TYR A 77 14.74 7.25 -7.27
CA TYR A 77 15.25 8.63 -7.17
C TYR A 77 14.60 9.55 -8.20
N THR A 78 13.74 9.00 -9.04
CA THR A 78 13.08 9.74 -10.09
C THR A 78 11.91 10.55 -9.54
N SER A 79 12.19 11.77 -9.10
CA SER A 79 11.17 12.67 -8.55
C SER A 79 10.48 12.04 -7.35
N GLY A 80 11.25 11.76 -6.31
CA GLY A 80 10.73 11.12 -5.12
C GLY A 80 9.92 12.07 -4.25
N LEU A 81 8.70 12.35 -4.66
CA LEU A 81 7.83 13.24 -3.92
C LEU A 81 6.86 12.43 -3.05
N SER A 82 5.59 12.43 -3.43
CA SER A 82 4.58 11.69 -2.69
C SER A 82 4.38 10.30 -3.27
N TRP A 83 4.62 9.28 -2.46
CA TRP A 83 4.42 7.90 -2.87
C TRP A 83 3.10 7.40 -2.34
N ILE A 84 2.48 6.49 -3.06
CA ILE A 84 1.21 5.95 -2.67
C ILE A 84 1.20 4.42 -2.72
N TRP A 85 0.60 3.82 -1.71
CA TRP A 85 0.31 2.40 -1.71
C TRP A 85 -1.11 2.20 -2.23
N LYS A 86 -1.24 2.02 -3.54
CA LYS A 86 -2.55 1.86 -4.15
C LYS A 86 -3.01 0.40 -4.06
N ILE A 87 -4.26 0.19 -3.69
CA ILE A 87 -4.82 -1.14 -3.65
C ILE A 87 -5.98 -1.25 -4.61
N LYS A 88 -5.76 -1.97 -5.71
CA LYS A 88 -6.80 -2.15 -6.71
C LYS A 88 -7.43 -3.52 -6.57
N ASN A 89 -8.70 -3.52 -6.19
CA ASN A 89 -9.43 -4.75 -5.91
C ASN A 89 -10.31 -5.14 -7.10
N ASN A 90 -10.12 -6.37 -7.57
CA ASN A 90 -10.83 -6.87 -8.74
C ASN A 90 -12.20 -7.43 -8.35
N SER A 91 -12.29 -7.90 -7.12
CA SER A 91 -13.52 -8.49 -6.62
C SER A 91 -14.56 -7.41 -6.39
N SER A 92 -15.81 -7.72 -6.75
CA SER A 92 -16.89 -6.77 -6.60
C SER A 92 -17.43 -6.78 -5.16
N GLU A 93 -16.96 -7.76 -4.39
CA GLU A 93 -17.34 -7.89 -3.00
C GLU A 93 -16.27 -7.29 -2.09
N THR A 94 -16.64 -6.97 -0.86
CA THR A 94 -15.72 -6.43 0.11
C THR A 94 -14.64 -7.46 0.44
N SER A 95 -13.39 -7.03 0.32
CA SER A 95 -12.27 -7.90 0.60
C SER A 95 -11.47 -7.36 1.77
N ASN A 96 -10.72 -8.23 2.44
CA ASN A 96 -9.90 -7.83 3.57
C ASN A 96 -8.44 -8.09 3.26
N TYR A 97 -7.67 -7.02 3.21
CA TYR A 97 -6.28 -7.10 2.81
C TYR A 97 -5.36 -7.00 4.02
N SER A 98 -4.34 -7.83 4.05
CA SER A 98 -3.33 -7.73 5.09
C SER A 98 -2.08 -7.07 4.51
N LEU A 99 -2.03 -5.75 4.56
CA LEU A 99 -0.90 -5.00 4.03
C LEU A 99 0.21 -4.93 5.06
N ASP A 100 1.19 -5.80 4.94
CA ASP A 100 2.26 -5.89 5.91
C ASP A 100 3.45 -5.05 5.46
N ALA A 101 3.50 -3.81 5.92
CA ALA A 101 4.59 -2.93 5.56
C ALA A 101 5.62 -2.86 6.68
N THR A 102 6.80 -3.38 6.41
CA THR A 102 7.88 -3.30 7.37
C THR A 102 8.85 -2.20 6.99
N VAL A 103 8.53 -1.00 7.43
CA VAL A 103 9.33 0.18 7.12
C VAL A 103 10.59 0.21 7.98
N HIS A 104 11.70 0.62 7.37
CA HIS A 104 13.01 0.65 8.04
C HIS A 104 12.95 1.39 9.37
N ASP A 105 12.16 2.45 9.46
CA ASP A 105 12.04 3.19 10.69
C ASP A 105 10.65 3.06 11.29
N ASP A 106 10.60 2.71 12.56
CA ASP A 106 9.34 2.60 13.27
C ASP A 106 8.80 3.99 13.61
N LYS A 107 8.04 4.56 12.69
CA LYS A 107 7.46 5.89 12.85
C LYS A 107 6.33 6.10 11.85
N GLU A 108 5.44 5.14 11.78
CA GLU A 108 4.36 5.17 10.80
C GLU A 108 3.17 5.96 11.31
N ASP A 109 2.49 6.62 10.38
CA ASP A 109 1.32 7.42 10.68
C ASP A 109 0.52 7.64 9.41
N SER A 110 0.03 6.55 8.85
CA SER A 110 -0.76 6.59 7.64
C SER A 110 -2.11 7.27 7.89
N ASP A 111 -2.76 7.72 6.81
CA ASP A 111 -4.05 8.36 6.92
C ASP A 111 -5.12 7.48 6.29
N VAL A 112 -5.48 6.43 7.03
CA VAL A 112 -6.38 5.41 6.51
C VAL A 112 -7.84 5.78 6.74
N LEU A 113 -8.06 6.97 7.30
CA LEU A 113 -9.41 7.47 7.54
C LEU A 113 -9.93 8.20 6.29
N THR A 114 -9.17 8.11 5.21
CA THR A 114 -9.54 8.75 3.96
C THR A 114 -9.91 7.71 2.91
N LYS A 115 -11.21 7.55 2.69
CA LYS A 115 -11.71 6.64 1.67
C LYS A 115 -11.71 7.33 0.31
N CYS A 116 -10.55 7.32 -0.34
CA CYS A 116 -10.40 7.94 -1.65
C CYS A 116 -11.09 7.11 -2.73
N PRO A 117 -11.91 7.75 -3.56
CA PRO A 117 -12.62 7.09 -4.64
C PRO A 117 -11.81 7.08 -5.94
N VAL A 118 -10.86 6.17 -6.03
CA VAL A 118 -10.02 6.08 -7.22
C VAL A 118 -10.71 5.22 -8.28
N ARG A 1 14.51 -7.34 8.92
CA ARG A 1 13.32 -7.89 9.54
C ARG A 1 12.32 -6.78 9.81
N ILE A 2 11.19 -7.13 10.41
CA ILE A 2 10.17 -6.14 10.72
C ILE A 2 9.86 -6.12 12.21
N PRO A 3 10.61 -5.31 12.98
CA PRO A 3 10.36 -5.13 14.41
C PRO A 3 9.13 -4.26 14.65
N ASN A 4 9.02 -3.18 13.87
CA ASN A 4 7.87 -2.30 13.96
C ASN A 4 6.95 -2.53 12.78
N ILE A 5 6.03 -3.46 12.96
CA ILE A 5 5.14 -3.87 11.90
C ILE A 5 3.91 -2.97 11.84
N ALA A 6 3.65 -2.42 10.67
CA ALA A 6 2.43 -1.68 10.42
C ALA A 6 1.47 -2.53 9.63
N THR A 7 0.72 -3.37 10.32
CA THR A 7 -0.22 -4.27 9.67
C THR A 7 -1.43 -3.51 9.16
N TYR A 8 -1.43 -3.22 7.87
CA TYR A 8 -2.57 -2.57 7.26
C TYR A 8 -3.57 -3.62 6.82
N THR A 9 -4.31 -4.14 7.79
CA THR A 9 -5.34 -5.12 7.54
C THR A 9 -6.66 -4.44 7.19
N GLY A 10 -6.65 -3.70 6.10
CA GLY A 10 -7.82 -2.96 5.69
C GLY A 10 -8.78 -3.79 4.88
N THR A 11 -10.05 -3.49 4.99
CA THR A 11 -11.07 -4.18 4.22
C THR A 11 -11.57 -3.27 3.10
N ILE A 12 -11.13 -3.52 1.88
CA ILE A 12 -11.50 -2.70 0.75
C ILE A 12 -12.99 -2.85 0.42
N GLN A 13 -13.61 -1.77 -0.06
CA GLN A 13 -15.05 -1.70 -0.26
C GLN A 13 -15.56 -2.83 -1.16
N GLY A 14 -15.01 -2.90 -2.36
CA GLY A 14 -15.44 -3.90 -3.31
C GLY A 14 -15.49 -3.33 -4.72
N LYS A 15 -14.82 -4.01 -5.65
CA LYS A 15 -14.68 -3.54 -7.02
C LYS A 15 -14.19 -2.09 -7.03
N GLY A 16 -13.13 -1.84 -6.30
CA GLY A 16 -12.66 -0.48 -6.14
C GLY A 16 -11.17 -0.40 -5.91
N GLU A 17 -10.69 0.81 -5.70
CA GLU A 17 -9.27 1.08 -5.58
C GLU A 17 -9.06 2.18 -4.56
N VAL A 18 -8.03 2.03 -3.74
CA VAL A 18 -7.74 3.00 -2.69
C VAL A 18 -6.26 3.27 -2.57
N CYS A 19 -5.94 4.49 -2.18
CA CYS A 19 -4.56 4.88 -1.92
C CYS A 19 -4.36 4.96 -0.41
N ILE A 20 -3.46 4.14 0.11
CA ILE A 20 -3.25 4.08 1.55
C ILE A 20 -1.79 4.29 1.90
N ILE A 21 -1.55 4.80 3.10
CA ILE A 21 -0.20 5.01 3.57
C ILE A 21 -0.19 5.22 5.08
N GLY A 22 -1.18 5.94 5.59
CA GLY A 22 -1.11 6.37 6.97
C GLY A 22 -2.06 5.63 7.89
N ASN A 23 -1.50 4.99 8.91
CA ASN A 23 -2.27 4.42 10.00
C ASN A 23 -2.35 5.45 11.11
N LYS A 24 -3.50 5.54 11.77
CA LYS A 24 -3.69 6.54 12.80
C LYS A 24 -3.30 5.99 14.17
N GLU A 25 -4.32 5.66 14.98
CA GLU A 25 -4.11 5.15 16.33
C GLU A 25 -3.20 6.09 17.11
N GLY A 26 -2.24 5.51 17.84
CA GLY A 26 -1.31 6.32 18.59
C GLY A 26 0.11 6.11 18.10
N LYS A 27 0.30 6.24 16.79
CA LYS A 27 1.62 6.03 16.21
C LYS A 27 1.79 6.83 14.92
N THR A 28 0.79 6.76 14.05
CA THR A 28 0.86 7.41 12.74
C THR A 28 2.01 6.85 11.91
N ARG A 29 1.74 5.73 11.24
CA ARG A 29 2.75 5.05 10.45
C ARG A 29 2.53 5.32 8.96
N GLY A 30 3.55 5.03 8.16
CA GLY A 30 3.44 5.24 6.72
C GLY A 30 3.83 3.99 5.94
N GLY A 31 5.08 3.58 6.09
CA GLY A 31 5.56 2.41 5.37
C GLY A 31 6.67 2.77 4.42
N GLU A 32 7.90 2.69 4.88
CA GLU A 32 9.04 3.09 4.08
C GLU A 32 9.60 1.91 3.30
N LEU A 33 9.33 1.93 2.00
CA LEU A 33 9.92 1.00 1.05
C LEU A 33 9.33 -0.41 1.14
N TYR A 34 9.39 -1.01 2.31
CA TYR A 34 9.01 -2.41 2.46
C TYR A 34 7.57 -2.58 2.94
N ALA A 35 6.77 -3.27 2.14
CA ALA A 35 5.42 -3.62 2.51
C ALA A 35 4.98 -4.88 1.77
N VAL A 36 4.52 -5.88 2.51
CA VAL A 36 4.06 -7.12 1.92
C VAL A 36 2.56 -7.28 2.12
N LEU A 37 1.83 -7.42 1.03
CA LEU A 37 0.38 -7.51 1.10
C LEU A 37 -0.07 -8.97 1.03
N HIS A 38 -0.81 -9.39 2.05
CA HIS A 38 -1.45 -10.70 2.07
C HIS A 38 -2.82 -10.58 1.41
N SER A 39 -3.44 -11.72 1.09
CA SER A 39 -4.61 -11.73 0.23
C SER A 39 -5.93 -11.68 1.01
N THR A 40 -7.03 -11.71 0.24
CA THR A 40 -8.38 -11.55 0.75
C THR A 40 -9.01 -12.87 1.20
N ASN A 41 -10.06 -13.28 0.50
CA ASN A 41 -10.86 -14.42 0.89
C ASN A 41 -10.82 -15.51 -0.19
N VAL A 42 -11.99 -15.88 -0.73
CA VAL A 42 -12.09 -16.89 -1.78
C VAL A 42 -11.38 -16.42 -3.04
N ASN A 43 -11.93 -15.40 -3.68
CA ASN A 43 -11.33 -14.83 -4.87
C ASN A 43 -10.43 -13.66 -4.50
N ALA A 44 -9.14 -13.92 -4.46
CA ALA A 44 -8.18 -12.87 -4.15
C ALA A 44 -7.83 -12.10 -5.42
N ASP A 45 -8.88 -11.66 -6.10
CA ASP A 45 -8.74 -10.90 -7.34
C ASP A 45 -8.37 -9.47 -7.01
N MET A 46 -7.11 -9.25 -6.69
CA MET A 46 -6.63 -7.94 -6.30
C MET A 46 -5.27 -7.66 -6.91
N THR A 47 -5.18 -6.54 -7.60
CA THR A 47 -3.92 -6.11 -8.17
C THR A 47 -3.22 -5.14 -7.22
N LEU A 48 -2.13 -5.58 -6.62
CA LEU A 48 -1.40 -4.74 -5.67
C LEU A 48 -0.48 -3.81 -6.44
N ILE A 49 -0.61 -2.52 -6.18
CA ILE A 49 0.14 -1.54 -6.93
C ILE A 49 0.91 -0.61 -6.01
N LEU A 50 2.14 -0.33 -6.41
CA LEU A 50 2.96 0.64 -5.74
C LEU A 50 2.98 1.91 -6.57
N LEU A 51 2.65 3.03 -5.95
CA LEU A 51 2.39 4.22 -6.70
C LEU A 51 3.25 5.40 -6.27
N ARG A 52 3.56 6.21 -7.24
CA ARG A 52 3.93 7.58 -6.99
C ARG A 52 3.43 8.41 -8.17
N ASN A 53 2.37 9.15 -7.92
CA ASN A 53 1.71 9.92 -8.96
C ASN A 53 1.49 11.32 -8.44
N VAL A 54 2.21 12.27 -8.99
CA VAL A 54 2.21 13.60 -8.44
C VAL A 54 2.17 14.65 -9.55
N GLY A 55 2.12 14.19 -10.80
CA GLY A 55 1.97 15.10 -11.91
C GLY A 55 0.52 15.47 -12.16
N GLY A 56 -0.37 14.62 -11.64
CA GLY A 56 -1.79 14.87 -11.76
C GLY A 56 -2.51 14.48 -10.51
N ASN A 57 -3.68 15.05 -10.28
CA ASN A 57 -4.44 14.77 -9.06
C ASN A 57 -5.30 13.53 -9.24
N GLY A 58 -4.64 12.40 -9.43
CA GLY A 58 -5.32 11.13 -9.61
C GLY A 58 -4.32 10.00 -9.76
N TRP A 59 -4.22 9.17 -8.73
CA TRP A 59 -3.23 8.10 -8.69
C TRP A 59 -3.41 7.13 -9.85
N GLY A 60 -2.40 7.07 -10.72
CA GLY A 60 -2.43 6.14 -11.84
C GLY A 60 -1.79 4.81 -11.48
N GLU A 61 -1.25 4.13 -12.46
CA GLU A 61 -0.50 2.90 -12.22
C GLU A 61 1.00 3.17 -12.29
N ILE A 62 1.77 2.49 -11.43
CA ILE A 62 3.23 2.58 -11.46
C ILE A 62 3.84 1.17 -11.36
N LYS A 63 4.07 0.69 -10.14
CA LYS A 63 4.64 -0.63 -9.93
C LYS A 63 3.53 -1.60 -9.55
N ARG A 64 3.63 -2.83 -10.03
CA ARG A 64 2.61 -3.83 -9.74
C ARG A 64 3.20 -5.07 -9.09
N ASN A 65 2.45 -5.64 -8.16
CA ASN A 65 2.81 -6.90 -7.52
C ASN A 65 1.57 -7.76 -7.34
N ASP A 66 1.77 -9.06 -7.17
CA ASP A 66 0.67 -9.98 -6.95
C ASP A 66 0.35 -10.08 -5.46
N ILE A 67 -0.55 -11.01 -5.14
CA ILE A 67 -1.00 -11.20 -3.77
C ILE A 67 0.01 -12.00 -2.97
N ASP A 68 0.06 -11.72 -1.67
CA ASP A 68 0.97 -12.38 -0.74
C ASP A 68 2.41 -12.14 -1.16
N LYS A 69 2.69 -10.91 -1.55
CA LYS A 69 4.04 -10.52 -1.95
C LYS A 69 4.35 -9.09 -1.54
N PRO A 70 5.63 -8.80 -1.25
CA PRO A 70 6.08 -7.48 -0.86
C PRO A 70 6.61 -6.67 -2.04
N LEU A 71 6.34 -5.37 -2.03
CA LEU A 71 6.90 -4.48 -3.04
C LEU A 71 7.73 -3.41 -2.38
N LYS A 72 8.87 -3.11 -2.99
CA LYS A 72 9.71 -2.01 -2.56
C LYS A 72 9.69 -0.91 -3.62
N TYR A 73 9.56 0.34 -3.20
CA TYR A 73 9.52 1.43 -4.16
C TYR A 73 10.88 2.11 -4.31
N GLU A 74 11.48 1.95 -5.49
CA GLU A 74 12.77 2.53 -5.80
C GLU A 74 13.86 1.91 -4.92
N ASP A 75 14.44 2.71 -4.05
CA ASP A 75 15.48 2.25 -3.14
C ASP A 75 15.60 3.26 -2.00
N TYR A 76 16.65 3.12 -1.19
CA TYR A 76 16.84 4.00 -0.05
C TYR A 76 17.60 5.25 -0.46
N TYR A 77 17.73 5.45 -1.76
CA TYR A 77 18.34 6.66 -2.31
C TYR A 77 17.30 7.78 -2.33
N THR A 78 16.03 7.39 -2.40
CA THR A 78 14.90 8.33 -2.44
C THR A 78 15.12 9.41 -3.49
N SER A 79 15.22 8.99 -4.74
CA SER A 79 15.44 9.91 -5.85
C SER A 79 14.15 10.66 -6.18
N GLY A 80 13.02 10.00 -5.98
CA GLY A 80 11.74 10.65 -6.15
C GLY A 80 11.34 11.45 -4.92
N LEU A 81 10.04 11.50 -4.64
CA LEU A 81 9.54 12.24 -3.49
C LEU A 81 8.58 11.39 -2.66
N SER A 82 7.29 11.60 -2.88
CA SER A 82 6.26 10.87 -2.13
C SER A 82 5.84 9.61 -2.87
N TRP A 83 5.52 8.57 -2.09
CA TRP A 83 5.07 7.30 -2.65
C TRP A 83 3.81 6.83 -1.91
N ILE A 84 3.07 5.94 -2.53
CA ILE A 84 1.83 5.46 -1.95
C ILE A 84 1.57 4.01 -2.35
N TRP A 85 0.81 3.29 -1.54
CA TRP A 85 0.37 1.95 -1.91
C TRP A 85 -1.09 2.01 -2.36
N LYS A 86 -1.39 1.37 -3.47
CA LYS A 86 -2.75 1.35 -3.98
C LYS A 86 -3.25 -0.08 -4.10
N ILE A 87 -4.44 -0.33 -3.57
CA ILE A 87 -5.06 -1.63 -3.66
C ILE A 87 -6.17 -1.60 -4.70
N LYS A 88 -5.93 -2.27 -5.82
CA LYS A 88 -6.92 -2.35 -6.89
C LYS A 88 -7.64 -3.68 -6.82
N ASN A 89 -8.74 -3.69 -6.09
CA ASN A 89 -9.46 -4.93 -5.79
C ASN A 89 -10.59 -5.17 -6.77
N ASN A 90 -10.62 -6.35 -7.35
CA ASN A 90 -11.62 -6.71 -8.35
C ASN A 90 -12.85 -7.31 -7.67
N SER A 91 -12.65 -7.97 -6.54
CA SER A 91 -13.74 -8.59 -5.79
C SER A 91 -14.79 -7.55 -5.43
N SER A 92 -16.03 -7.82 -5.85
CA SER A 92 -17.12 -6.87 -5.72
C SER A 92 -17.60 -6.74 -4.28
N GLU A 93 -17.28 -7.74 -3.47
CA GLU A 93 -17.67 -7.75 -2.06
C GLU A 93 -16.55 -7.18 -1.19
N THR A 94 -16.81 -7.03 0.10
CA THR A 94 -15.80 -6.54 1.02
C THR A 94 -14.65 -7.52 1.09
N SER A 95 -13.44 -7.04 0.82
CA SER A 95 -12.28 -7.91 0.77
C SER A 95 -11.18 -7.41 1.71
N ASN A 96 -10.59 -8.33 2.45
CA ASN A 96 -9.54 -7.98 3.41
C ASN A 96 -8.17 -8.05 2.74
N TYR A 97 -7.38 -7.01 2.89
CA TYR A 97 -5.99 -7.06 2.47
C TYR A 97 -5.12 -6.82 3.69
N SER A 98 -4.01 -7.54 3.79
CA SER A 98 -3.13 -7.39 4.93
C SER A 98 -1.77 -6.88 4.47
N LEU A 99 -1.61 -5.57 4.48
CA LEU A 99 -0.35 -4.97 4.04
C LEU A 99 0.59 -4.78 5.23
N ASP A 100 1.54 -5.68 5.34
CA ASP A 100 2.49 -5.66 6.43
C ASP A 100 3.67 -4.76 6.06
N ALA A 101 3.67 -3.54 6.57
CA ALA A 101 4.69 -2.56 6.21
C ALA A 101 5.72 -2.39 7.32
N THR A 102 6.97 -2.27 6.93
CA THR A 102 8.06 -2.02 7.87
C THR A 102 8.30 -0.53 8.03
N VAL A 103 7.71 0.05 9.07
CA VAL A 103 7.84 1.47 9.32
C VAL A 103 7.76 1.79 10.81
N HIS A 104 8.68 2.63 11.27
CA HIS A 104 8.65 3.11 12.64
C HIS A 104 7.47 4.06 12.83
N ASP A 105 7.47 5.13 12.05
CA ASP A 105 6.40 6.12 12.08
C ASP A 105 6.51 7.04 10.87
N ASP A 106 5.48 7.85 10.67
CA ASP A 106 5.46 8.83 9.57
C ASP A 106 5.55 10.24 10.15
N LYS A 107 4.61 11.09 9.81
CA LYS A 107 4.53 12.44 10.34
C LYS A 107 3.10 12.69 10.77
N GLU A 108 2.30 13.22 9.85
CA GLU A 108 0.86 13.31 10.05
C GLU A 108 0.15 13.41 8.70
N ASP A 109 0.78 12.89 7.66
CA ASP A 109 0.17 12.86 6.32
C ASP A 109 -0.99 11.88 6.33
N SER A 110 -0.69 10.67 6.79
CA SER A 110 -1.66 9.59 7.04
C SER A 110 -2.93 9.65 6.18
N ASP A 111 -2.89 9.03 5.02
CA ASP A 111 -4.09 8.88 4.20
C ASP A 111 -4.46 7.41 4.11
N VAL A 112 -5.72 7.17 3.82
CA VAL A 112 -6.29 5.84 3.79
C VAL A 112 -7.76 5.95 3.40
N LEU A 113 -8.40 6.97 3.94
CA LEU A 113 -9.79 7.25 3.65
C LEU A 113 -10.06 8.75 3.76
N THR A 114 -8.99 9.53 3.69
CA THR A 114 -9.09 10.97 3.81
C THR A 114 -9.43 11.60 2.46
N LYS A 115 -8.53 11.47 1.50
CA LYS A 115 -8.76 12.01 0.17
C LYS A 115 -8.09 11.14 -0.89
N CYS A 116 -8.00 9.84 -0.61
CA CYS A 116 -7.33 8.93 -1.51
C CYS A 116 -8.23 7.76 -1.97
N PRO A 117 -9.38 8.06 -2.61
CA PRO A 117 -10.22 7.03 -3.21
C PRO A 117 -9.90 6.88 -4.69
N VAL A 118 -8.62 6.68 -4.98
CA VAL A 118 -8.13 6.63 -6.34
C VAL A 118 -7.36 5.34 -6.56
N ARG A 1 13.09 -11.72 11.51
CA ARG A 1 13.87 -10.70 10.81
C ARG A 1 12.96 -9.62 10.25
N ILE A 2 11.99 -9.22 11.05
CA ILE A 2 11.07 -8.15 10.67
C ILE A 2 10.98 -7.11 11.77
N PRO A 3 11.36 -5.86 11.46
CA PRO A 3 11.41 -4.77 12.44
C PRO A 3 10.02 -4.16 12.71
N ASN A 4 9.96 -2.82 12.68
CA ASN A 4 8.71 -2.11 12.97
C ASN A 4 7.79 -2.12 11.75
N ILE A 5 7.12 -3.25 11.55
CA ILE A 5 6.17 -3.39 10.46
C ILE A 5 4.76 -3.48 11.03
N ALA A 6 3.78 -3.12 10.21
CA ALA A 6 2.39 -3.15 10.63
C ALA A 6 1.51 -3.70 9.53
N THR A 7 0.80 -4.77 9.82
CA THR A 7 -0.15 -5.33 8.90
C THR A 7 -1.42 -4.50 8.88
N TYR A 8 -1.57 -3.69 7.85
CA TYR A 8 -2.77 -2.88 7.67
C TYR A 8 -3.92 -3.77 7.24
N THR A 9 -4.65 -4.28 8.20
CA THR A 9 -5.78 -5.16 7.94
C THR A 9 -7.09 -4.38 7.94
N GLY A 10 -7.61 -4.15 6.74
CA GLY A 10 -8.86 -3.42 6.60
C GLY A 10 -9.63 -3.87 5.39
N THR A 11 -10.81 -3.31 5.18
CA THR A 11 -11.65 -3.71 4.07
C THR A 11 -11.52 -2.74 2.90
N ILE A 12 -11.57 -3.28 1.68
CA ILE A 12 -11.53 -2.49 0.47
C ILE A 12 -12.87 -2.59 -0.26
N GLN A 13 -13.20 -1.56 -1.03
CA GLN A 13 -14.44 -1.53 -1.79
C GLN A 13 -14.32 -2.39 -3.04
N GLY A 14 -15.44 -2.60 -3.69
CA GLY A 14 -15.44 -3.39 -4.91
C GLY A 14 -14.91 -2.61 -6.08
N LYS A 15 -13.99 -3.21 -6.83
CA LYS A 15 -13.40 -2.60 -8.02
C LYS A 15 -12.69 -1.30 -7.67
N GLY A 16 -12.25 -1.19 -6.42
CA GLY A 16 -11.59 0.01 -5.97
C GLY A 16 -10.10 -0.19 -5.85
N GLU A 17 -9.36 0.91 -5.80
CA GLU A 17 -7.90 0.86 -5.70
C GLU A 17 -7.43 1.91 -4.69
N VAL A 18 -6.94 1.44 -3.54
CA VAL A 18 -6.69 2.33 -2.41
C VAL A 18 -5.68 1.73 -1.40
N CYS A 19 -4.58 2.43 -1.10
CA CYS A 19 -3.82 2.13 0.12
C CYS A 19 -3.05 3.34 0.63
N ILE A 20 -2.38 3.16 1.77
CA ILE A 20 -1.51 4.20 2.34
C ILE A 20 -0.06 3.93 1.96
N ILE A 21 0.86 4.73 2.48
CA ILE A 21 2.27 4.52 2.22
C ILE A 21 2.94 3.91 3.46
N GLY A 22 3.72 2.86 3.22
CA GLY A 22 4.41 2.19 4.30
C GLY A 22 5.91 2.37 4.22
N ASN A 23 6.33 3.59 3.92
CA ASN A 23 7.75 3.92 3.82
C ASN A 23 8.06 5.16 4.65
N LYS A 24 9.23 5.18 5.27
CA LYS A 24 9.65 6.32 6.06
C LYS A 24 11.04 6.79 5.64
N GLU A 25 11.11 8.01 5.09
CA GLU A 25 12.36 8.60 4.61
C GLU A 25 12.97 7.75 3.49
N GLY A 26 14.29 7.75 3.41
CA GLY A 26 14.96 6.94 2.43
C GLY A 26 16.28 6.40 2.94
N LYS A 27 17.31 7.23 2.85
CA LYS A 27 18.66 6.86 3.28
C LYS A 27 19.15 5.61 2.56
N THR A 28 19.31 4.54 3.33
CA THR A 28 19.72 3.24 2.79
C THR A 28 19.22 2.14 3.72
N ARG A 29 19.37 2.40 5.02
CA ARG A 29 18.82 1.53 6.05
C ARG A 29 17.90 2.32 6.96
N GLY A 30 16.61 2.28 6.68
CA GLY A 30 15.66 3.04 7.47
C GLY A 30 14.25 2.55 7.31
N GLY A 31 13.61 2.97 6.24
CA GLY A 31 12.25 2.57 5.97
C GLY A 31 11.97 2.49 4.49
N GLU A 32 12.74 1.66 3.81
CA GLU A 32 12.63 1.49 2.35
C GLU A 32 11.23 1.03 1.94
N LEU A 33 10.95 1.13 0.65
CA LEU A 33 9.65 0.76 0.11
C LEU A 33 9.46 -0.76 0.17
N TYR A 34 8.93 -1.23 1.29
CA TYR A 34 8.66 -2.64 1.48
C TYR A 34 7.23 -2.84 1.99
N ALA A 35 6.45 -3.60 1.24
CA ALA A 35 5.08 -3.91 1.63
C ALA A 35 4.64 -5.22 1.01
N VAL A 36 4.34 -6.21 1.83
CA VAL A 36 3.84 -7.47 1.31
C VAL A 36 2.34 -7.58 1.54
N LEU A 37 1.58 -7.40 0.46
CA LEU A 37 0.14 -7.48 0.53
C LEU A 37 -0.27 -8.93 0.69
N HIS A 38 -0.95 -9.23 1.78
CA HIS A 38 -1.39 -10.58 2.08
C HIS A 38 -2.90 -10.69 1.91
N SER A 39 -3.37 -11.91 1.69
CA SER A 39 -4.80 -12.17 1.55
C SER A 39 -5.24 -13.26 2.52
N THR A 40 -6.34 -13.00 3.22
CA THR A 40 -6.86 -13.94 4.21
C THR A 40 -8.08 -14.69 3.70
N ASN A 41 -8.60 -14.28 2.56
CA ASN A 41 -9.90 -14.76 2.10
C ASN A 41 -9.83 -15.16 0.63
N VAL A 42 -10.83 -15.90 0.17
CA VAL A 42 -10.88 -16.32 -1.22
C VAL A 42 -11.43 -15.20 -2.08
N ASN A 43 -10.82 -15.03 -3.24
CA ASN A 43 -11.22 -14.01 -4.21
C ASN A 43 -10.88 -12.63 -3.70
N ALA A 44 -9.94 -12.57 -2.77
CA ALA A 44 -9.36 -11.31 -2.36
C ALA A 44 -8.37 -10.88 -3.44
N ASP A 45 -8.93 -10.66 -4.62
CA ASP A 45 -8.16 -10.39 -5.82
C ASP A 45 -7.61 -8.97 -5.79
N MET A 46 -6.59 -8.78 -5.00
CA MET A 46 -6.03 -7.46 -4.81
C MET A 46 -4.62 -7.41 -5.36
N THR A 47 -4.38 -6.47 -6.24
CA THR A 47 -3.06 -6.28 -6.80
C THR A 47 -2.38 -5.11 -6.12
N LEU A 48 -1.17 -5.34 -5.59
CA LEU A 48 -0.45 -4.31 -4.88
C LEU A 48 0.32 -3.46 -5.88
N ILE A 49 -0.13 -2.25 -6.09
CA ILE A 49 0.44 -1.40 -7.10
C ILE A 49 1.03 -0.12 -6.48
N LEU A 50 2.24 0.22 -6.90
CA LEU A 50 2.93 1.40 -6.39
C LEU A 50 2.38 2.66 -7.06
N LEU A 51 2.14 3.67 -6.24
CA LEU A 51 1.28 4.79 -6.61
C LEU A 51 1.91 6.15 -6.35
N ARG A 52 1.15 7.13 -6.79
CA ARG A 52 1.55 8.51 -7.02
C ARG A 52 1.47 9.41 -5.78
N ASN A 53 1.49 10.71 -6.08
CA ASN A 53 1.43 11.80 -5.10
C ASN A 53 0.29 11.60 -4.11
N VAL A 54 0.37 12.27 -2.98
CA VAL A 54 -0.68 12.17 -1.98
C VAL A 54 -1.09 13.55 -1.48
N GLY A 55 -2.40 13.78 -1.50
CA GLY A 55 -2.96 15.07 -1.14
C GLY A 55 -4.19 15.37 -1.95
N GLY A 56 -4.10 15.09 -3.25
CA GLY A 56 -5.23 15.19 -4.13
C GLY A 56 -5.44 13.91 -4.89
N ASN A 57 -6.60 13.76 -5.53
CA ASN A 57 -6.93 12.52 -6.22
C ASN A 57 -6.21 12.43 -7.57
N GLY A 58 -4.94 12.02 -7.52
CA GLY A 58 -4.18 11.81 -8.73
C GLY A 58 -3.49 10.46 -8.71
N TRP A 59 -4.26 9.43 -8.42
CA TRP A 59 -3.73 8.09 -8.24
C TRP A 59 -3.72 7.31 -9.56
N GLY A 60 -2.76 7.63 -10.43
CA GLY A 60 -2.69 6.97 -11.73
C GLY A 60 -1.33 6.36 -12.05
N GLU A 61 -0.54 6.03 -11.03
CA GLU A 61 0.73 5.33 -11.25
C GLU A 61 0.46 3.83 -11.29
N ILE A 62 1.32 3.09 -11.99
CA ILE A 62 1.05 1.68 -12.26
C ILE A 62 2.28 0.78 -12.09
N LYS A 63 2.79 0.64 -10.87
CA LYS A 63 3.80 -0.38 -10.60
C LYS A 63 3.14 -1.59 -9.91
N ARG A 64 2.72 -2.57 -10.69
CA ARG A 64 1.90 -3.66 -10.17
C ARG A 64 2.73 -4.84 -9.67
N ASN A 65 2.45 -5.26 -8.44
CA ASN A 65 2.99 -6.49 -7.89
C ASN A 65 1.85 -7.45 -7.59
N ASP A 66 2.16 -8.73 -7.55
CA ASP A 66 1.14 -9.78 -7.41
C ASP A 66 0.57 -9.85 -5.99
N ILE A 67 -0.43 -10.69 -5.81
CA ILE A 67 -1.08 -10.87 -4.51
C ILE A 67 -0.24 -11.80 -3.63
N ASP A 68 -0.27 -11.55 -2.32
CA ASP A 68 0.54 -12.28 -1.36
C ASP A 68 2.00 -12.17 -1.73
N LYS A 69 2.41 -10.93 -1.98
CA LYS A 69 3.75 -10.65 -2.46
C LYS A 69 4.26 -9.34 -1.90
N PRO A 70 5.55 -9.30 -1.54
CA PRO A 70 6.20 -8.11 -1.03
C PRO A 70 6.69 -7.20 -2.15
N LEU A 71 6.14 -6.00 -2.21
CA LEU A 71 6.63 -4.99 -3.12
C LEU A 71 7.82 -4.30 -2.49
N LYS A 72 9.00 -4.64 -2.97
CA LYS A 72 10.23 -4.05 -2.48
C LYS A 72 11.01 -3.46 -3.63
N TYR A 73 11.03 -2.14 -3.70
CA TYR A 73 11.73 -1.46 -4.77
C TYR A 73 13.21 -1.32 -4.44
N GLU A 74 14.03 -1.91 -5.30
CA GLU A 74 15.48 -1.91 -5.12
C GLU A 74 16.06 -0.50 -5.11
N ASP A 75 15.35 0.44 -5.72
CA ASP A 75 15.81 1.81 -5.82
C ASP A 75 14.66 2.78 -5.61
N TYR A 76 14.93 3.90 -4.96
CA TYR A 76 13.91 4.92 -4.72
C TYR A 76 14.24 6.18 -5.51
N TYR A 77 15.31 6.09 -6.31
CA TYR A 77 15.71 7.12 -7.26
C TYR A 77 16.31 8.34 -6.56
N THR A 78 17.01 9.14 -7.36
CA THR A 78 17.74 10.30 -6.86
C THR A 78 16.83 11.29 -6.14
N SER A 79 15.61 11.43 -6.62
CA SER A 79 14.64 12.32 -6.02
C SER A 79 13.23 11.78 -6.20
N GLY A 80 12.94 10.67 -5.52
CA GLY A 80 11.61 10.11 -5.56
C GLY A 80 10.59 11.05 -4.95
N LEU A 81 9.48 11.23 -5.64
CA LEU A 81 8.43 12.12 -5.17
C LEU A 81 7.57 11.43 -4.11
N SER A 82 6.26 11.64 -4.17
CA SER A 82 5.36 10.96 -3.27
C SER A 82 4.90 9.64 -3.88
N TRP A 83 5.01 8.57 -3.10
CA TRP A 83 4.54 7.26 -3.52
C TRP A 83 3.56 6.73 -2.51
N ILE A 84 2.43 6.22 -2.95
CA ILE A 84 1.54 5.50 -2.04
C ILE A 84 1.37 4.05 -2.50
N TRP A 85 1.01 3.18 -1.58
CA TRP A 85 0.60 1.83 -1.96
C TRP A 85 -0.86 1.86 -2.39
N LYS A 86 -1.23 1.01 -3.31
CA LYS A 86 -2.60 1.00 -3.79
C LYS A 86 -3.09 -0.43 -3.95
N ILE A 87 -4.23 -0.73 -3.35
CA ILE A 87 -4.81 -2.06 -3.46
C ILE A 87 -5.86 -2.08 -4.56
N LYS A 88 -5.55 -2.78 -5.65
CA LYS A 88 -6.46 -2.90 -6.77
C LYS A 88 -7.28 -4.17 -6.64
N ASN A 89 -8.56 -4.03 -6.30
CA ASN A 89 -9.43 -5.18 -6.06
C ASN A 89 -10.26 -5.51 -7.30
N ASN A 90 -10.13 -6.75 -7.77
CA ASN A 90 -10.90 -7.22 -8.92
C ASN A 90 -12.35 -7.52 -8.52
N SER A 91 -12.53 -7.84 -7.26
CA SER A 91 -13.85 -8.21 -6.77
C SER A 91 -14.69 -6.98 -6.47
N SER A 92 -16.00 -7.11 -6.68
CA SER A 92 -16.94 -6.03 -6.40
C SER A 92 -17.45 -6.13 -4.96
N GLU A 93 -16.90 -7.09 -4.24
CA GLU A 93 -17.34 -7.38 -2.88
C GLU A 93 -16.33 -6.82 -1.89
N THR A 94 -16.80 -6.46 -0.71
CA THR A 94 -15.93 -5.93 0.33
C THR A 94 -14.92 -6.98 0.79
N SER A 95 -13.66 -6.78 0.39
CA SER A 95 -12.61 -7.72 0.71
C SER A 95 -11.66 -7.13 1.74
N ASN A 96 -11.28 -7.92 2.72
CA ASN A 96 -10.33 -7.45 3.74
C ASN A 96 -8.93 -7.89 3.39
N TYR A 97 -8.01 -6.93 3.42
CA TYR A 97 -6.62 -7.15 3.05
C TYR A 97 -5.74 -7.20 4.28
N SER A 98 -4.58 -7.80 4.15
CA SER A 98 -3.57 -7.77 5.19
C SER A 98 -2.27 -7.21 4.64
N LEU A 99 -2.17 -5.90 4.57
CA LEU A 99 -0.99 -5.26 4.00
C LEU A 99 0.15 -5.20 5.00
N ASP A 100 1.08 -6.13 4.88
CA ASP A 100 2.23 -6.18 5.78
C ASP A 100 3.29 -5.21 5.29
N ALA A 101 3.20 -3.98 5.74
CA ALA A 101 4.12 -2.93 5.33
C ALA A 101 4.78 -2.31 6.55
N THR A 102 5.69 -1.38 6.34
CA THR A 102 6.33 -0.70 7.45
C THR A 102 5.48 0.49 7.86
N VAL A 103 5.46 0.77 9.16
CA VAL A 103 4.66 1.87 9.67
C VAL A 103 5.33 3.20 9.33
N HIS A 104 4.61 4.30 9.50
CA HIS A 104 5.18 5.62 9.27
C HIS A 104 6.14 5.98 10.40
N ASP A 105 6.21 5.07 11.39
CA ASP A 105 7.22 5.13 12.44
C ASP A 105 7.03 6.32 13.37
N ASP A 106 7.92 7.28 13.26
CA ASP A 106 7.89 8.47 14.12
C ASP A 106 6.86 9.46 13.61
N LYS A 107 5.59 9.24 13.95
CA LYS A 107 4.51 10.10 13.51
C LYS A 107 3.51 10.35 14.63
N GLU A 108 3.28 11.61 14.95
CA GLU A 108 2.22 11.99 15.86
C GLU A 108 0.89 11.98 15.11
N ASP A 109 0.93 12.48 13.89
CA ASP A 109 -0.25 12.55 13.03
C ASP A 109 -0.32 11.31 12.15
N SER A 110 -0.40 10.15 12.79
CA SER A 110 -0.48 8.87 12.09
C SER A 110 -1.65 8.85 11.10
N ASP A 111 -1.31 8.70 9.82
CA ASP A 111 -2.29 8.73 8.73
C ASP A 111 -3.18 7.50 8.79
N VAL A 112 -2.61 6.39 9.22
CA VAL A 112 -3.36 5.15 9.33
C VAL A 112 -4.23 5.16 10.60
N LEU A 113 -5.44 5.68 10.46
CA LEU A 113 -6.40 5.69 11.55
C LEU A 113 -7.30 4.47 11.46
N THR A 114 -7.96 4.34 10.31
CA THR A 114 -8.88 3.23 10.09
C THR A 114 -8.18 2.09 9.35
N LYS A 115 -7.97 2.28 8.06
CA LYS A 115 -7.32 1.30 7.21
C LYS A 115 -6.53 2.02 6.12
N CYS A 116 -6.51 1.48 4.92
CA CYS A 116 -5.86 2.13 3.79
C CYS A 116 -6.81 3.13 3.12
N PRO A 117 -6.52 4.43 3.21
CA PRO A 117 -7.21 5.48 2.48
C PRO A 117 -6.39 6.08 1.34
N VAL A 118 -7.06 6.76 0.41
CA VAL A 118 -6.38 7.54 -0.62
C VAL A 118 -7.10 8.86 -0.81
N ARG A 1 17.27 -3.73 5.86
CA ARG A 1 16.71 -3.63 7.20
C ARG A 1 15.21 -3.91 7.15
N ILE A 2 14.43 -3.03 7.74
CA ILE A 2 12.99 -3.10 7.63
C ILE A 2 12.50 -1.97 6.73
N PRO A 3 11.59 -2.29 5.80
CA PRO A 3 11.13 -1.33 4.77
C PRO A 3 10.21 -0.24 5.30
N ASN A 4 9.17 0.06 4.53
CA ASN A 4 8.20 1.09 4.87
C ASN A 4 7.21 0.54 5.86
N ILE A 5 6.14 1.30 6.15
CA ILE A 5 5.14 0.85 7.09
C ILE A 5 3.72 1.09 6.59
N ALA A 6 2.93 0.03 6.71
CA ALA A 6 1.51 0.06 6.45
C ALA A 6 0.92 -1.16 7.11
N THR A 7 0.67 -1.07 8.40
CA THR A 7 0.15 -2.19 9.16
C THR A 7 -1.37 -2.13 9.21
N TYR A 8 -2.03 -2.90 8.33
CA TYR A 8 -3.48 -2.85 8.23
C TYR A 8 -4.04 -4.22 7.92
N THR A 9 -5.25 -4.48 8.41
CA THR A 9 -5.95 -5.71 8.12
C THR A 9 -7.45 -5.43 7.97
N GLY A 10 -7.75 -4.33 7.29
CA GLY A 10 -9.13 -3.91 7.11
C GLY A 10 -9.76 -4.51 5.86
N THR A 11 -10.98 -4.13 5.60
CA THR A 11 -11.71 -4.62 4.44
C THR A 11 -11.77 -3.57 3.34
N ILE A 12 -11.61 -4.01 2.09
CA ILE A 12 -11.68 -3.11 0.95
C ILE A 12 -12.81 -3.52 0.01
N GLN A 13 -13.37 -2.54 -0.70
CA GLN A 13 -14.44 -2.80 -1.65
C GLN A 13 -13.91 -3.62 -2.81
N GLY A 14 -14.79 -4.39 -3.44
CA GLY A 14 -14.39 -5.26 -4.52
C GLY A 14 -13.94 -4.49 -5.74
N LYS A 15 -14.58 -3.35 -5.98
CA LYS A 15 -14.24 -2.53 -7.13
C LYS A 15 -13.74 -1.18 -6.67
N GLY A 16 -12.89 -1.20 -5.65
CA GLY A 16 -12.36 0.01 -5.10
C GLY A 16 -10.85 0.04 -5.11
N GLU A 17 -10.29 1.23 -4.99
CA GLU A 17 -8.84 1.41 -4.93
C GLU A 17 -8.53 2.57 -3.99
N VAL A 18 -7.63 2.34 -3.06
CA VAL A 18 -7.32 3.33 -2.04
C VAL A 18 -5.81 3.46 -1.83
N CYS A 19 -5.35 4.69 -1.83
CA CYS A 19 -3.95 4.99 -1.62
C CYS A 19 -3.62 5.01 -0.13
N ILE A 20 -2.57 4.28 0.25
CA ILE A 20 -2.12 4.27 1.63
C ILE A 20 -0.63 4.57 1.70
N ILE A 21 -0.27 5.65 2.37
CA ILE A 21 1.13 6.00 2.56
C ILE A 21 1.69 5.30 3.78
N GLY A 22 0.84 5.06 4.77
CA GLY A 22 1.24 4.33 5.94
C GLY A 22 0.81 4.97 7.24
N ASN A 23 1.23 4.37 8.32
CA ASN A 23 0.95 4.83 9.67
C ASN A 23 2.25 4.94 10.45
N LYS A 24 2.20 5.22 11.74
CA LYS A 24 3.43 5.28 12.53
C LYS A 24 3.42 4.20 13.61
N GLU A 25 4.38 3.27 13.52
CA GLU A 25 4.56 2.26 14.57
C GLU A 25 5.44 2.83 15.69
N GLY A 26 6.54 2.15 16.00
CA GLY A 26 7.44 2.64 17.03
C GLY A 26 8.79 1.96 17.00
N LYS A 27 9.84 2.77 17.18
CA LYS A 27 11.23 2.31 17.30
C LYS A 27 11.84 1.82 15.98
N THR A 28 11.04 1.16 15.13
CA THR A 28 11.53 0.62 13.88
C THR A 28 12.02 1.72 12.94
N ARG A 29 13.15 1.48 12.28
CA ARG A 29 13.71 2.46 11.35
C ARG A 29 14.17 1.78 10.06
N GLY A 30 13.91 2.43 8.94
CA GLY A 30 14.27 1.90 7.64
C GLY A 30 13.75 2.76 6.52
N GLY A 31 12.69 2.32 5.86
CA GLY A 31 12.10 3.10 4.80
C GLY A 31 12.40 2.56 3.42
N GLU A 32 12.49 1.25 3.30
CA GLU A 32 12.74 0.61 2.00
C GLU A 32 11.42 0.35 1.27
N LEU A 33 11.50 0.18 -0.03
CA LEU A 33 10.31 -0.07 -0.84
C LEU A 33 9.91 -1.54 -0.79
N TYR A 34 9.30 -1.93 0.32
CA TYR A 34 8.84 -3.29 0.50
C TYR A 34 7.58 -3.31 1.36
N ALA A 35 6.55 -3.96 0.86
CA ALA A 35 5.30 -4.14 1.60
C ALA A 35 4.58 -5.38 1.10
N VAL A 36 4.34 -6.34 1.98
CA VAL A 36 3.63 -7.53 1.57
C VAL A 36 2.13 -7.34 1.77
N LEU A 37 1.40 -7.50 0.68
CA LEU A 37 -0.05 -7.39 0.72
C LEU A 37 -0.62 -8.78 0.84
N HIS A 38 -1.17 -9.11 2.01
CA HIS A 38 -1.78 -10.40 2.21
C HIS A 38 -3.24 -10.33 1.82
N SER A 39 -3.65 -11.30 1.03
CA SER A 39 -5.00 -11.32 0.49
C SER A 39 -5.77 -12.50 1.07
N THR A 40 -6.10 -12.39 2.34
CA THR A 40 -6.72 -13.49 3.08
C THR A 40 -8.24 -13.51 2.88
N ASN A 41 -8.65 -13.67 1.63
CA ASN A 41 -10.06 -13.82 1.28
C ASN A 41 -10.20 -14.88 0.21
N VAL A 42 -11.42 -15.05 -0.31
CA VAL A 42 -11.65 -16.02 -1.37
C VAL A 42 -11.09 -15.51 -2.68
N ASN A 43 -11.81 -14.57 -3.29
CA ASN A 43 -11.39 -14.01 -4.55
C ASN A 43 -10.75 -12.65 -4.31
N ALA A 44 -9.78 -12.63 -3.41
CA ALA A 44 -9.11 -11.40 -3.05
C ALA A 44 -8.15 -10.96 -4.15
N ASP A 45 -8.72 -10.60 -5.29
CA ASP A 45 -7.96 -10.19 -6.46
C ASP A 45 -7.58 -8.72 -6.36
N MET A 46 -6.66 -8.41 -5.46
CA MET A 46 -6.24 -7.03 -5.29
C MET A 46 -4.85 -6.83 -5.86
N THR A 47 -4.73 -5.89 -6.76
CA THR A 47 -3.46 -5.59 -7.37
C THR A 47 -2.74 -4.55 -6.54
N LEU A 48 -1.63 -4.96 -5.96
CA LEU A 48 -0.83 -4.06 -5.15
C LEU A 48 0.08 -3.25 -6.05
N ILE A 49 -0.27 -2.00 -6.26
CA ILE A 49 0.47 -1.15 -7.17
C ILE A 49 1.09 0.03 -6.42
N LEU A 50 2.37 0.23 -6.67
CA LEU A 50 3.10 1.36 -6.11
C LEU A 50 2.90 2.58 -7.01
N LEU A 51 2.33 3.63 -6.45
CA LEU A 51 2.06 4.83 -7.23
C LEU A 51 2.85 6.00 -6.70
N ARG A 52 3.26 6.88 -7.60
CA ARG A 52 3.94 8.09 -7.18
C ARG A 52 3.49 9.26 -8.04
N ASN A 53 2.71 10.13 -7.44
CA ASN A 53 2.22 11.32 -8.08
C ASN A 53 2.45 12.51 -7.16
N VAL A 54 2.72 13.67 -7.73
CA VAL A 54 2.90 14.84 -6.91
C VAL A 54 2.65 16.12 -7.72
N GLY A 55 2.05 17.09 -7.06
CA GLY A 55 1.62 18.29 -7.73
C GLY A 55 0.18 18.60 -7.37
N GLY A 56 -0.72 17.68 -7.69
CA GLY A 56 -2.09 17.81 -7.29
C GLY A 56 -3.05 17.49 -8.42
N ASN A 57 -3.30 16.20 -8.64
CA ASN A 57 -4.24 15.78 -9.68
C ASN A 57 -4.71 14.35 -9.46
N GLY A 58 -3.77 13.42 -9.36
CA GLY A 58 -4.15 12.02 -9.21
C GLY A 58 -2.97 11.09 -9.32
N TRP A 59 -2.99 10.01 -8.55
CA TRP A 59 -1.88 9.07 -8.48
C TRP A 59 -1.62 8.42 -9.84
N GLY A 60 -0.35 8.10 -10.10
CA GLY A 60 0.02 7.43 -11.34
C GLY A 60 0.53 6.03 -11.09
N GLU A 61 -0.11 5.05 -11.72
CA GLU A 61 0.22 3.65 -11.51
C GLU A 61 1.60 3.31 -12.08
N ILE A 62 2.50 2.82 -11.23
CA ILE A 62 3.86 2.51 -11.65
C ILE A 62 4.15 1.01 -11.54
N LYS A 63 4.36 0.53 -10.32
CA LYS A 63 4.78 -0.86 -10.11
C LYS A 63 3.60 -1.73 -9.69
N ARG A 64 3.27 -2.72 -10.51
CA ARG A 64 2.15 -3.60 -10.23
C ARG A 64 2.62 -4.95 -9.71
N ASN A 65 2.05 -5.40 -8.60
CA ASN A 65 2.35 -6.71 -8.05
C ASN A 65 1.08 -7.51 -7.79
N ASP A 66 1.23 -8.80 -7.62
CA ASP A 66 0.13 -9.75 -7.47
C ASP A 66 -0.48 -9.70 -6.06
N ILE A 67 -1.25 -10.72 -5.72
CA ILE A 67 -1.89 -10.81 -4.42
C ILE A 67 -1.11 -11.73 -3.49
N ASP A 68 -1.29 -11.52 -2.18
CA ASP A 68 -0.61 -12.29 -1.15
C ASP A 68 0.88 -12.38 -1.40
N LYS A 69 1.50 -11.25 -1.72
CA LYS A 69 2.91 -11.21 -2.09
C LYS A 69 3.61 -10.01 -1.49
N PRO A 70 4.94 -10.07 -1.42
CA PRO A 70 5.77 -8.95 -1.00
C PRO A 70 6.10 -8.01 -2.17
N LEU A 71 5.97 -6.71 -1.93
CA LEU A 71 6.41 -5.72 -2.91
C LEU A 71 7.92 -5.56 -2.81
N LYS A 72 8.62 -5.93 -3.87
CA LYS A 72 10.07 -5.83 -3.87
C LYS A 72 10.54 -4.81 -4.90
N TYR A 73 10.99 -3.67 -4.40
CA TYR A 73 11.56 -2.64 -5.26
C TYR A 73 12.91 -2.22 -4.71
N GLU A 74 13.97 -2.74 -5.30
CA GLU A 74 15.32 -2.51 -4.81
C GLU A 74 15.95 -1.27 -5.45
N ASP A 75 15.13 -0.46 -6.09
CA ASP A 75 15.62 0.76 -6.72
C ASP A 75 15.62 1.92 -5.73
N TYR A 76 16.79 2.24 -5.23
CA TYR A 76 16.98 3.43 -4.42
C TYR A 76 18.09 4.28 -5.02
N TYR A 77 18.32 4.07 -6.32
CA TYR A 77 19.31 4.83 -7.05
C TYR A 77 18.70 6.14 -7.52
N THR A 78 17.41 6.09 -7.81
CA THR A 78 16.65 7.28 -8.13
C THR A 78 16.36 8.06 -6.85
N SER A 79 16.36 9.38 -6.94
CA SER A 79 16.10 10.25 -5.79
C SER A 79 14.77 9.88 -5.14
N GLY A 80 14.79 9.74 -3.82
CA GLY A 80 13.62 9.31 -3.08
C GLY A 80 12.48 10.30 -3.16
N LEU A 81 11.42 9.90 -3.86
CA LEU A 81 10.22 10.72 -3.95
C LEU A 81 9.20 10.22 -2.93
N SER A 82 7.95 10.59 -3.12
CA SER A 82 6.89 10.08 -2.27
C SER A 82 6.13 8.98 -2.98
N TRP A 83 6.13 7.80 -2.37
CA TRP A 83 5.48 6.65 -2.95
C TRP A 83 4.26 6.27 -2.12
N ILE A 84 3.21 5.83 -2.79
CA ILE A 84 2.01 5.41 -2.10
C ILE A 84 1.63 3.99 -2.50
N TRP A 85 1.28 3.18 -1.52
CA TRP A 85 0.84 1.82 -1.77
C TRP A 85 -0.67 1.79 -1.94
N LYS A 86 -1.12 1.59 -3.16
CA LYS A 86 -2.55 1.62 -3.44
C LYS A 86 -3.09 0.21 -3.65
N ILE A 87 -4.10 -0.13 -2.88
CA ILE A 87 -4.78 -1.41 -3.02
C ILE A 87 -5.95 -1.27 -3.98
N LYS A 88 -5.80 -1.84 -5.16
CA LYS A 88 -6.86 -1.82 -6.16
C LYS A 88 -7.46 -3.20 -6.30
N ASN A 89 -8.70 -3.36 -5.88
CA ASN A 89 -9.33 -4.66 -5.85
C ASN A 89 -10.07 -4.95 -7.16
N ASN A 90 -10.41 -6.21 -7.38
CA ASN A 90 -11.03 -6.65 -8.63
C ASN A 90 -12.34 -7.39 -8.39
N SER A 91 -12.48 -7.94 -7.21
CA SER A 91 -13.55 -8.88 -6.91
C SER A 91 -14.92 -8.21 -6.79
N SER A 92 -15.94 -9.03 -6.57
CA SER A 92 -17.26 -8.53 -6.24
C SER A 92 -17.45 -8.53 -4.72
N GLU A 93 -16.58 -9.27 -4.05
CA GLU A 93 -16.65 -9.43 -2.60
C GLU A 93 -15.81 -8.37 -1.88
N THR A 94 -16.17 -8.11 -0.64
CA THR A 94 -15.40 -7.19 0.20
C THR A 94 -14.19 -7.90 0.78
N SER A 95 -13.04 -7.70 0.14
CA SER A 95 -11.85 -8.46 0.47
C SER A 95 -11.08 -7.85 1.64
N ASN A 96 -10.61 -8.73 2.52
CA ASN A 96 -9.82 -8.31 3.67
C ASN A 96 -8.35 -8.27 3.30
N TYR A 97 -7.75 -7.09 3.35
CA TYR A 97 -6.35 -6.94 3.04
C TYR A 97 -5.52 -6.92 4.31
N SER A 98 -4.44 -7.68 4.32
CA SER A 98 -3.52 -7.66 5.44
C SER A 98 -2.15 -7.16 4.97
N LEU A 99 -2.01 -5.86 4.93
CA LEU A 99 -0.79 -5.22 4.48
C LEU A 99 0.24 -5.26 5.61
N ASP A 100 1.43 -5.76 5.32
CA ASP A 100 2.49 -5.79 6.31
C ASP A 100 3.70 -5.00 5.84
N ALA A 101 3.67 -3.73 6.16
CA ALA A 101 4.86 -2.89 6.12
C ALA A 101 5.02 -2.33 7.52
N THR A 102 6.25 -2.21 8.01
CA THR A 102 6.44 -2.03 9.44
C THR A 102 7.68 -1.19 9.78
N VAL A 103 7.47 0.10 10.00
CA VAL A 103 8.52 0.99 10.44
C VAL A 103 7.90 2.15 11.24
N HIS A 104 8.68 2.82 12.07
CA HIS A 104 8.19 4.02 12.75
C HIS A 104 8.18 5.18 11.76
N ASP A 105 9.21 5.21 10.92
CA ASP A 105 9.35 6.22 9.87
C ASP A 105 9.41 7.64 10.44
N ASP A 106 9.40 8.62 9.56
CA ASP A 106 9.44 10.03 9.95
C ASP A 106 9.26 10.94 8.74
N LYS A 107 9.06 10.34 7.57
CA LYS A 107 8.88 11.10 6.34
C LYS A 107 7.45 11.60 6.25
N GLU A 108 6.51 10.75 6.64
CA GLU A 108 5.10 11.08 6.55
C GLU A 108 4.43 11.04 7.92
N ASP A 109 3.14 10.72 7.92
CA ASP A 109 2.34 10.67 9.13
C ASP A 109 1.15 9.76 8.87
N SER A 110 0.12 9.83 9.70
CA SER A 110 -1.09 9.06 9.49
C SER A 110 -1.94 9.65 8.37
N ASP A 111 -1.38 9.69 7.17
CA ASP A 111 -2.05 10.26 6.02
C ASP A 111 -2.80 9.18 5.25
N VAL A 112 -3.76 8.57 5.92
CA VAL A 112 -4.49 7.46 5.35
C VAL A 112 -6.00 7.72 5.38
N LEU A 113 -6.40 8.90 4.94
CA LEU A 113 -7.81 9.26 4.90
C LEU A 113 -8.46 8.64 3.67
N THR A 114 -9.73 8.25 3.81
CA THR A 114 -10.46 7.61 2.71
C THR A 114 -10.91 8.62 1.67
N LYS A 115 -9.96 9.40 1.18
CA LYS A 115 -10.22 10.37 0.12
C LYS A 115 -9.27 10.12 -1.05
N CYS A 116 -8.88 8.85 -1.18
CA CYS A 116 -7.92 8.45 -2.20
C CYS A 116 -8.51 7.36 -3.09
N PRO A 117 -9.50 7.69 -3.94
CA PRO A 117 -10.10 6.74 -4.87
C PRO A 117 -9.44 6.78 -6.25
N VAL A 118 -8.19 7.21 -6.28
CA VAL A 118 -7.43 7.33 -7.51
C VAL A 118 -6.09 6.63 -7.34
N ARG A 1 5.29 11.61 9.59
CA ARG A 1 6.57 11.03 9.96
C ARG A 1 6.35 9.70 10.67
N ILE A 2 6.02 8.67 9.90
CA ILE A 2 5.71 7.37 10.47
C ILE A 2 6.71 6.31 9.99
N PRO A 3 7.80 6.10 10.74
CA PRO A 3 8.74 5.02 10.48
C PRO A 3 8.21 3.70 11.02
N ASN A 4 7.52 3.77 12.15
CA ASN A 4 7.00 2.61 12.84
C ASN A 4 5.59 2.25 12.34
N ILE A 5 5.50 1.85 11.08
CA ILE A 5 4.21 1.49 10.50
C ILE A 5 4.37 0.41 9.45
N ALA A 6 3.53 -0.62 9.55
CA ALA A 6 3.37 -1.57 8.47
C ALA A 6 2.01 -2.21 8.56
N THR A 7 0.97 -1.43 8.29
CA THR A 7 -0.39 -1.86 8.62
C THR A 7 -1.39 -1.54 7.52
N TYR A 8 -1.89 -2.58 6.88
CA TYR A 8 -2.96 -2.45 5.91
C TYR A 8 -3.85 -3.68 6.04
N THR A 9 -4.69 -3.69 7.06
CA THR A 9 -5.55 -4.83 7.33
C THR A 9 -7.00 -4.39 7.43
N GLY A 10 -7.85 -4.95 6.58
CA GLY A 10 -9.25 -4.59 6.60
C GLY A 10 -10.01 -5.17 5.44
N THR A 11 -11.21 -4.66 5.22
CA THR A 11 -12.07 -5.12 4.15
C THR A 11 -12.28 -4.02 3.13
N ILE A 12 -11.76 -4.21 1.92
CA ILE A 12 -11.88 -3.23 0.88
C ILE A 12 -13.17 -3.47 0.07
N GLN A 13 -13.75 -2.39 -0.45
CA GLN A 13 -14.99 -2.48 -1.20
C GLN A 13 -14.75 -3.12 -2.56
N GLY A 14 -15.82 -3.61 -3.16
CA GLY A 14 -15.72 -4.25 -4.46
C GLY A 14 -15.20 -3.31 -5.54
N LYS A 15 -14.10 -3.72 -6.17
CA LYS A 15 -13.47 -2.96 -7.24
C LYS A 15 -13.03 -1.58 -6.77
N GLY A 16 -12.75 -1.47 -5.48
CA GLY A 16 -12.35 -0.18 -4.94
C GLY A 16 -10.86 0.01 -4.91
N GLU A 17 -10.44 1.26 -4.80
CA GLU A 17 -9.03 1.61 -4.77
C GLU A 17 -8.79 2.66 -3.69
N VAL A 18 -7.89 2.35 -2.77
CA VAL A 18 -7.58 3.26 -1.67
C VAL A 18 -6.13 3.69 -1.72
N CYS A 19 -5.86 4.81 -1.07
CA CYS A 19 -4.54 5.36 -1.01
C CYS A 19 -4.10 5.47 0.44
N ILE A 20 -2.90 5.02 0.74
CA ILE A 20 -2.33 5.21 2.07
C ILE A 20 -0.85 5.53 1.94
N ILE A 21 -0.44 6.61 2.60
CA ILE A 21 0.95 7.03 2.54
C ILE A 21 1.79 6.22 3.52
N GLY A 22 2.65 5.37 2.98
CA GLY A 22 3.52 4.56 3.79
C GLY A 22 4.89 4.40 3.17
N ASN A 23 5.52 5.53 2.86
CA ASN A 23 6.83 5.51 2.26
C ASN A 23 7.91 5.78 3.30
N LYS A 24 8.98 5.02 3.22
CA LYS A 24 10.10 5.17 4.13
C LYS A 24 11.35 4.56 3.52
N GLU A 25 12.50 5.17 3.76
CA GLU A 25 13.75 4.63 3.25
C GLU A 25 14.23 3.50 4.15
N GLY A 26 14.97 2.57 3.57
CA GLY A 26 15.37 1.38 4.31
C GLY A 26 16.77 1.48 4.86
N LYS A 27 17.16 0.49 5.64
CA LYS A 27 18.48 0.46 6.24
C LYS A 27 19.32 -0.66 5.61
N THR A 28 18.90 -1.10 4.43
CA THR A 28 19.61 -2.14 3.71
C THR A 28 19.64 -1.81 2.22
N ARG A 29 19.08 -2.67 1.37
CA ARG A 29 19.10 -2.44 -0.07
C ARG A 29 18.06 -3.29 -0.78
N GLY A 30 17.33 -2.66 -1.69
CA GLY A 30 16.33 -3.36 -2.47
C GLY A 30 15.68 -2.45 -3.50
N GLY A 31 15.33 -1.24 -3.08
CA GLY A 31 14.67 -0.31 -3.99
C GLY A 31 13.62 0.54 -3.29
N GLU A 32 12.54 0.80 -3.98
CA GLU A 32 11.51 1.72 -3.50
C GLU A 32 10.35 1.00 -2.78
N LEU A 33 10.49 0.86 -1.44
CA LEU A 33 9.38 0.52 -0.54
C LEU A 33 9.04 -0.98 -0.50
N TYR A 34 9.05 -1.53 0.71
CA TYR A 34 8.69 -2.94 0.92
C TYR A 34 7.24 -3.05 1.39
N ALA A 35 6.49 -3.98 0.79
CA ALA A 35 5.12 -4.25 1.20
C ALA A 35 4.73 -5.67 0.85
N VAL A 36 4.18 -6.39 1.81
CA VAL A 36 3.71 -7.75 1.56
C VAL A 36 2.19 -7.81 1.69
N LEU A 37 1.52 -7.83 0.56
CA LEU A 37 0.07 -7.88 0.52
C LEU A 37 -0.41 -9.32 0.64
N HIS A 38 -1.03 -9.63 1.76
CA HIS A 38 -1.66 -10.94 1.94
C HIS A 38 -3.15 -10.84 1.70
N SER A 39 -3.82 -11.98 1.66
CA SER A 39 -5.25 -12.02 1.40
C SER A 39 -5.95 -12.95 2.39
N THR A 40 -6.75 -12.38 3.27
CA THR A 40 -7.45 -13.16 4.28
C THR A 40 -8.93 -13.29 3.95
N ASN A 41 -9.22 -13.76 2.75
CA ASN A 41 -10.61 -13.89 2.29
C ASN A 41 -10.67 -14.75 1.03
N VAL A 42 -11.88 -15.07 0.60
CA VAL A 42 -12.12 -15.94 -0.55
C VAL A 42 -11.56 -15.32 -1.84
N ASN A 43 -12.14 -14.21 -2.27
CA ASN A 43 -11.67 -13.51 -3.47
C ASN A 43 -10.35 -12.81 -3.16
N ALA A 44 -9.27 -13.54 -3.35
CA ALA A 44 -7.95 -13.08 -2.97
C ALA A 44 -7.30 -12.20 -4.03
N ASP A 45 -7.76 -12.31 -5.27
CA ASP A 45 -7.13 -11.58 -6.37
C ASP A 45 -7.25 -10.07 -6.15
N MET A 46 -6.16 -9.49 -5.68
CA MET A 46 -6.10 -8.07 -5.39
C MET A 46 -4.85 -7.47 -6.02
N THR A 47 -4.97 -6.27 -6.56
CA THR A 47 -3.83 -5.62 -7.20
C THR A 47 -3.34 -4.42 -6.40
N LEU A 48 -2.21 -4.58 -5.73
CA LEU A 48 -1.61 -3.48 -5.00
C LEU A 48 -0.60 -2.76 -5.89
N ILE A 49 -0.76 -1.47 -6.07
CA ILE A 49 0.13 -0.71 -6.90
C ILE A 49 1.05 0.18 -6.08
N LEU A 50 2.33 0.09 -6.39
CA LEU A 50 3.33 0.97 -5.81
C LEU A 50 3.52 2.16 -6.74
N LEU A 51 3.02 3.31 -6.34
CA LEU A 51 3.06 4.48 -7.19
C LEU A 51 3.56 5.70 -6.42
N ARG A 52 4.12 6.65 -7.13
CA ARG A 52 4.47 7.93 -6.53
C ARG A 52 4.08 9.08 -7.46
N ASN A 53 3.01 9.74 -7.10
CA ASN A 53 2.61 10.97 -7.74
C ASN A 53 2.24 11.96 -6.66
N VAL A 54 2.39 13.23 -6.92
CA VAL A 54 1.96 14.23 -5.96
C VAL A 54 1.88 15.60 -6.62
N GLY A 55 1.46 15.59 -7.88
CA GLY A 55 1.32 16.81 -8.64
C GLY A 55 -0.13 17.19 -8.84
N GLY A 56 -1.02 16.48 -8.16
CA GLY A 56 -2.43 16.77 -8.26
C GLY A 56 -3.06 16.18 -9.51
N ASN A 57 -2.89 14.88 -9.67
CA ASN A 57 -3.44 14.18 -10.84
C ASN A 57 -4.04 12.84 -10.43
N GLY A 58 -4.44 12.74 -9.17
CA GLY A 58 -5.07 11.52 -8.69
C GLY A 58 -4.04 10.56 -8.14
N TRP A 59 -4.13 9.30 -8.55
CA TRP A 59 -3.14 8.28 -8.21
C TRP A 59 -3.02 7.28 -9.36
N GLY A 60 -1.95 7.40 -10.14
CA GLY A 60 -1.80 6.56 -11.32
C GLY A 60 -1.12 5.24 -11.02
N GLU A 61 -1.67 4.16 -11.54
CA GLU A 61 -1.12 2.83 -11.30
C GLU A 61 0.27 2.67 -11.93
N ILE A 62 1.27 2.48 -11.09
CA ILE A 62 2.65 2.33 -11.55
C ILE A 62 3.10 0.87 -11.53
N LYS A 63 3.55 0.39 -10.37
CA LYS A 63 4.06 -0.96 -10.26
C LYS A 63 3.03 -1.89 -9.65
N ARG A 64 2.68 -2.95 -10.36
CA ARG A 64 1.68 -3.90 -9.89
C ARG A 64 2.31 -4.98 -9.02
N ASN A 65 1.79 -5.11 -7.82
CA ASN A 65 2.14 -6.21 -6.92
C ASN A 65 0.96 -7.17 -6.83
N ASP A 66 1.24 -8.46 -6.94
CA ASP A 66 0.19 -9.48 -6.86
C ASP A 66 0.00 -9.92 -5.42
N ILE A 67 -0.99 -10.77 -5.19
CA ILE A 67 -1.39 -11.13 -3.84
C ILE A 67 -0.48 -12.18 -3.22
N ASP A 68 -0.41 -12.13 -1.89
CA ASP A 68 0.46 -12.98 -1.10
C ASP A 68 1.91 -12.79 -1.51
N LYS A 69 2.25 -11.58 -1.88
CA LYS A 69 3.59 -11.28 -2.37
C LYS A 69 4.20 -10.12 -1.60
N PRO A 70 5.40 -10.34 -1.04
CA PRO A 70 6.19 -9.29 -0.42
C PRO A 70 7.07 -8.60 -1.45
N LEU A 71 6.71 -7.39 -1.82
CA LEU A 71 7.51 -6.60 -2.73
C LEU A 71 8.67 -6.01 -1.94
N LYS A 72 9.86 -6.55 -2.16
CA LYS A 72 11.00 -6.16 -1.36
C LYS A 72 11.79 -5.05 -2.02
N TYR A 73 11.63 -3.85 -1.47
CA TYR A 73 12.33 -2.69 -1.96
C TYR A 73 12.78 -1.84 -0.77
N GLU A 74 14.04 -1.98 -0.39
CA GLU A 74 14.57 -1.22 0.73
C GLU A 74 15.50 -0.11 0.25
N ASP A 75 15.29 1.09 0.76
CA ASP A 75 16.15 2.25 0.50
C ASP A 75 16.04 2.73 -0.95
N TYR A 76 15.37 3.86 -1.13
CA TYR A 76 15.27 4.49 -2.42
C TYR A 76 16.15 5.74 -2.47
N TYR A 77 17.18 5.73 -1.61
CA TYR A 77 18.18 6.80 -1.56
C TYR A 77 17.57 8.10 -1.04
N THR A 78 18.31 9.19 -1.17
CA THR A 78 17.88 10.47 -0.63
C THR A 78 16.92 11.20 -1.58
N SER A 79 16.33 10.45 -2.50
CA SER A 79 15.41 11.01 -3.47
C SER A 79 14.13 11.52 -2.81
N GLY A 80 13.77 10.90 -1.69
CA GLY A 80 12.59 11.32 -0.95
C GLY A 80 11.31 11.13 -1.74
N LEU A 81 10.67 12.26 -2.09
CA LEU A 81 9.40 12.27 -2.83
C LEU A 81 8.25 11.71 -2.00
N SER A 82 7.07 11.66 -2.59
CA SER A 82 5.90 11.12 -1.92
C SER A 82 5.41 9.88 -2.63
N TRP A 83 5.39 8.77 -1.91
CA TRP A 83 4.99 7.49 -2.48
C TRP A 83 3.71 7.00 -1.84
N ILE A 84 3.05 6.07 -2.50
CA ILE A 84 1.78 5.57 -2.01
C ILE A 84 1.60 4.08 -2.32
N TRP A 85 0.89 3.39 -1.45
CA TRP A 85 0.46 2.03 -1.72
C TRP A 85 -1.00 2.04 -2.13
N LYS A 86 -1.26 1.91 -3.42
CA LYS A 86 -2.62 1.98 -3.93
C LYS A 86 -3.24 0.59 -4.02
N ILE A 87 -4.12 0.27 -3.10
CA ILE A 87 -4.80 -1.01 -3.10
C ILE A 87 -5.99 -0.99 -4.02
N LYS A 88 -5.80 -1.52 -5.22
CA LYS A 88 -6.88 -1.68 -6.17
C LYS A 88 -7.42 -3.10 -6.09
N ASN A 89 -8.60 -3.23 -5.52
CA ASN A 89 -9.20 -4.53 -5.36
C ASN A 89 -9.89 -4.97 -6.64
N ASN A 90 -9.52 -6.14 -7.12
CA ASN A 90 -10.03 -6.67 -8.39
C ASN A 90 -11.45 -7.18 -8.23
N SER A 91 -11.69 -7.88 -7.14
CA SER A 91 -12.99 -8.46 -6.88
C SER A 91 -14.05 -7.38 -6.70
N SER A 92 -15.19 -7.56 -7.38
CA SER A 92 -16.28 -6.61 -7.28
C SER A 92 -17.08 -6.81 -6.00
N GLU A 93 -16.57 -7.67 -5.12
CA GLU A 93 -17.18 -7.92 -3.82
C GLU A 93 -16.23 -7.54 -2.69
N THR A 94 -16.72 -7.63 -1.46
CA THR A 94 -15.91 -7.32 -0.29
C THR A 94 -14.71 -8.25 -0.19
N SER A 95 -13.52 -7.67 -0.12
CA SER A 95 -12.30 -8.46 -0.04
C SER A 95 -11.47 -8.04 1.17
N ASN A 96 -10.92 -9.02 1.87
CA ASN A 96 -10.09 -8.76 3.04
C ASN A 96 -8.61 -8.84 2.67
N TYR A 97 -7.88 -7.80 3.01
CA TYR A 97 -6.46 -7.72 2.69
C TYR A 97 -5.62 -7.61 3.96
N SER A 98 -4.47 -8.26 3.95
CA SER A 98 -3.54 -8.20 5.07
C SER A 98 -2.15 -7.78 4.59
N LEU A 99 -1.98 -6.48 4.39
CA LEU A 99 -0.76 -5.95 3.82
C LEU A 99 0.11 -5.29 4.89
N ASP A 100 1.21 -5.93 5.24
CA ASP A 100 2.19 -5.32 6.13
C ASP A 100 3.20 -4.58 5.29
N ALA A 101 3.58 -3.37 5.69
CA ALA A 101 4.52 -2.62 4.85
C ALA A 101 5.58 -1.89 5.66
N THR A 102 6.80 -2.40 5.62
CA THR A 102 7.93 -1.80 6.32
C THR A 102 9.22 -2.04 5.58
N VAL A 103 10.15 -1.11 5.63
CA VAL A 103 11.45 -1.35 5.05
C VAL A 103 12.38 -1.92 6.10
N HIS A 104 12.46 -3.26 6.12
CA HIS A 104 13.21 -4.00 7.13
C HIS A 104 12.95 -3.43 8.53
N ASP A 105 11.74 -3.67 9.02
CA ASP A 105 11.29 -3.16 10.31
C ASP A 105 12.23 -3.57 11.44
N ASP A 106 12.30 -2.72 12.45
CA ASP A 106 13.13 -2.98 13.62
C ASP A 106 12.25 -3.11 14.86
N LYS A 107 11.38 -2.13 15.05
CA LYS A 107 10.46 -2.11 16.17
C LYS A 107 9.22 -1.32 15.77
N GLU A 108 8.74 -1.60 14.57
CA GLU A 108 7.69 -0.80 13.96
C GLU A 108 6.31 -1.17 14.52
N ASP A 109 5.38 -0.22 14.45
CA ASP A 109 4.06 -0.37 15.02
C ASP A 109 2.98 -0.29 13.94
N SER A 110 1.93 0.50 14.17
CA SER A 110 0.80 0.55 13.26
C SER A 110 0.20 1.96 13.16
N ASP A 111 -0.30 2.29 11.97
CA ASP A 111 -1.04 3.53 11.76
C ASP A 111 -1.96 3.36 10.55
N VAL A 112 -3.10 2.70 10.78
CA VAL A 112 -4.05 2.42 9.73
C VAL A 112 -5.38 3.11 10.01
N LEU A 113 -5.29 4.30 10.60
CA LEU A 113 -6.47 5.08 10.96
C LEU A 113 -7.23 5.52 9.70
N THR A 114 -6.62 6.41 8.94
CA THR A 114 -7.20 6.85 7.67
C THR A 114 -6.09 7.31 6.73
N LYS A 115 -5.43 8.39 7.11
CA LYS A 115 -4.28 8.95 6.37
C LYS A 115 -4.69 9.55 5.02
N CYS A 116 -5.33 8.77 4.17
CA CYS A 116 -5.65 9.21 2.81
C CYS A 116 -7.05 8.74 2.41
N PRO A 117 -8.05 9.62 2.53
CA PRO A 117 -9.42 9.32 2.11
C PRO A 117 -9.66 9.62 0.64
N VAL A 118 -8.85 9.01 -0.22
CA VAL A 118 -8.91 9.26 -1.65
C VAL A 118 -9.96 8.37 -2.31
N ARG A 1 15.31 -9.47 9.46
CA ARG A 1 14.84 -8.78 10.64
C ARG A 1 13.87 -7.66 10.28
N ILE A 2 12.79 -7.55 11.03
CA ILE A 2 11.78 -6.54 10.80
C ILE A 2 11.54 -5.72 12.06
N PRO A 3 12.00 -4.45 12.04
CA PRO A 3 11.85 -3.54 13.19
C PRO A 3 10.39 -3.21 13.48
N ASN A 4 9.75 -2.50 12.58
CA ASN A 4 8.35 -2.14 12.75
C ASN A 4 7.56 -2.46 11.50
N ILE A 5 7.04 -3.68 11.43
CA ILE A 5 6.21 -4.08 10.31
C ILE A 5 4.73 -3.99 10.70
N ALA A 6 4.05 -3.03 10.10
CA ALA A 6 2.65 -2.78 10.41
C ALA A 6 1.74 -3.55 9.46
N THR A 7 0.89 -4.38 10.03
CA THR A 7 -0.05 -5.15 9.25
C THR A 7 -1.35 -4.37 9.06
N TYR A 8 -1.48 -3.78 7.88
CA TYR A 8 -2.68 -3.02 7.54
C TYR A 8 -3.81 -3.94 7.15
N THR A 9 -4.56 -4.37 8.15
CA THR A 9 -5.73 -5.21 7.92
C THR A 9 -6.99 -4.35 7.88
N GLY A 10 -7.58 -4.23 6.70
CA GLY A 10 -8.75 -3.41 6.55
C GLY A 10 -9.69 -3.94 5.49
N THR A 11 -10.79 -3.23 5.28
CA THR A 11 -11.78 -3.63 4.30
C THR A 11 -11.69 -2.76 3.05
N ILE A 12 -11.51 -3.39 1.91
CA ILE A 12 -11.45 -2.68 0.65
C ILE A 12 -12.75 -2.87 -0.13
N GLN A 13 -13.13 -1.86 -0.90
CA GLN A 13 -14.41 -1.86 -1.60
C GLN A 13 -14.33 -2.71 -2.86
N GLY A 14 -15.46 -3.29 -3.24
CA GLY A 14 -15.50 -4.19 -4.38
C GLY A 14 -15.29 -3.46 -5.70
N LYS A 15 -14.39 -3.99 -6.52
CA LYS A 15 -14.07 -3.43 -7.83
C LYS A 15 -13.74 -1.94 -7.72
N GLY A 16 -12.71 -1.63 -6.97
CA GLY A 16 -12.31 -0.25 -6.78
C GLY A 16 -10.86 -0.13 -6.38
N GLU A 17 -10.42 1.08 -6.09
CA GLU A 17 -9.03 1.31 -5.74
C GLU A 17 -8.97 2.36 -4.63
N VAL A 18 -8.08 2.16 -3.68
CA VAL A 18 -7.92 3.11 -2.59
C VAL A 18 -6.46 3.52 -2.44
N CYS A 19 -6.23 4.63 -1.76
CA CYS A 19 -4.91 5.21 -1.64
C CYS A 19 -4.35 5.05 -0.23
N ILE A 20 -3.31 4.26 -0.08
CA ILE A 20 -2.59 4.19 1.17
C ILE A 20 -1.36 5.10 1.10
N ILE A 21 -1.50 6.29 1.65
CA ILE A 21 -0.41 7.25 1.66
C ILE A 21 0.09 7.45 3.08
N GLY A 22 1.41 7.43 3.25
CA GLY A 22 1.99 7.59 4.56
C GLY A 22 1.99 9.04 5.00
N ASN A 23 2.94 9.81 4.51
CA ASN A 23 3.01 11.22 4.84
C ASN A 23 3.14 12.07 3.59
N LYS A 24 2.77 13.34 3.70
CA LYS A 24 2.93 14.29 2.61
C LYS A 24 3.50 15.59 3.15
N GLU A 25 2.72 16.27 3.98
CA GLU A 25 3.14 17.50 4.63
C GLU A 25 3.59 17.20 6.05
N GLY A 26 4.71 16.52 6.18
CA GLY A 26 5.21 16.14 7.49
C GLY A 26 6.67 15.80 7.46
N LYS A 27 7.27 15.67 8.63
CA LYS A 27 8.69 15.35 8.75
C LYS A 27 8.89 13.85 8.97
N THR A 28 7.77 13.13 9.03
CA THR A 28 7.81 11.69 9.25
C THR A 28 8.48 10.96 8.08
N ARG A 29 9.72 10.55 8.29
CA ARG A 29 10.48 9.84 7.28
C ARG A 29 10.39 8.34 7.49
N GLY A 30 9.50 7.69 6.76
CA GLY A 30 9.35 6.26 6.87
C GLY A 30 8.62 5.70 5.67
N GLY A 31 9.38 5.30 4.65
CA GLY A 31 8.76 4.79 3.44
C GLY A 31 9.55 3.68 2.81
N GLU A 32 9.91 2.68 3.62
CA GLU A 32 10.62 1.52 3.11
C GLU A 32 9.66 0.65 2.31
N LEU A 33 9.92 0.52 1.01
CA LEU A 33 9.03 -0.20 0.12
C LEU A 33 9.16 -1.71 0.24
N TYR A 34 8.92 -2.22 1.43
CA TYR A 34 8.80 -3.65 1.64
C TYR A 34 7.43 -3.95 2.19
N ALA A 35 6.56 -4.45 1.34
CA ALA A 35 5.20 -4.76 1.73
C ALA A 35 4.75 -6.06 1.12
N VAL A 36 4.13 -6.90 1.91
CA VAL A 36 3.54 -8.12 1.41
C VAL A 36 2.03 -8.06 1.58
N LEU A 37 1.33 -7.90 0.47
CA LEU A 37 -0.11 -7.86 0.49
C LEU A 37 -0.67 -9.25 0.65
N HIS A 38 -1.27 -9.51 1.80
CA HIS A 38 -1.83 -10.82 2.10
C HIS A 38 -3.34 -10.81 1.92
N SER A 39 -3.90 -11.97 1.61
CA SER A 39 -5.31 -12.08 1.31
C SER A 39 -6.01 -12.99 2.33
N THR A 40 -6.89 -12.41 3.14
CA THR A 40 -7.63 -13.17 4.12
C THR A 40 -8.63 -14.12 3.45
N ASN A 41 -9.26 -13.65 2.38
CA ASN A 41 -10.25 -14.46 1.67
C ASN A 41 -9.70 -14.93 0.33
N VAL A 42 -10.24 -16.05 -0.15
CA VAL A 42 -9.82 -16.73 -1.37
C VAL A 42 -9.32 -15.78 -2.46
N ASN A 43 -10.26 -15.19 -3.19
CA ASN A 43 -9.89 -14.31 -4.29
C ASN A 43 -10.11 -12.86 -3.91
N ALA A 44 -9.31 -12.39 -2.95
CA ALA A 44 -9.27 -10.98 -2.64
C ALA A 44 -8.97 -10.21 -3.91
N ASP A 45 -8.12 -10.81 -4.75
CA ASP A 45 -7.78 -10.28 -6.07
C ASP A 45 -7.42 -8.82 -5.99
N MET A 46 -6.34 -8.53 -5.28
CA MET A 46 -5.90 -7.18 -5.09
C MET A 46 -4.54 -6.96 -5.71
N THR A 47 -4.38 -5.83 -6.37
CA THR A 47 -3.11 -5.47 -6.97
C THR A 47 -2.55 -4.22 -6.31
N LEU A 48 -1.51 -4.39 -5.52
CA LEU A 48 -0.89 -3.28 -4.81
C LEU A 48 0.08 -2.56 -5.73
N ILE A 49 -0.23 -1.33 -6.05
CA ILE A 49 0.56 -0.58 -7.00
C ILE A 49 1.46 0.44 -6.31
N LEU A 50 2.71 0.39 -6.68
CA LEU A 50 3.69 1.36 -6.24
C LEU A 50 3.75 2.50 -7.24
N LEU A 51 3.05 3.58 -6.94
CA LEU A 51 3.05 4.75 -7.82
C LEU A 51 3.25 6.02 -7.01
N ARG A 52 3.62 7.10 -7.69
CA ARG A 52 3.75 8.39 -7.02
C ARG A 52 3.00 9.47 -7.81
N ASN A 53 1.86 9.85 -7.27
CA ASN A 53 1.08 10.95 -7.80
C ASN A 53 0.61 11.81 -6.64
N VAL A 54 0.08 12.99 -6.92
CA VAL A 54 -0.53 13.82 -5.89
C VAL A 54 -0.94 15.19 -6.44
N GLY A 55 -0.27 15.62 -7.50
CA GLY A 55 -0.64 16.88 -8.14
C GLY A 55 -1.77 16.71 -9.12
N GLY A 56 -2.92 16.26 -8.62
CA GLY A 56 -4.05 15.97 -9.48
C GLY A 56 -3.81 14.73 -10.31
N ASN A 57 -3.92 14.88 -11.63
CA ASN A 57 -3.61 13.81 -12.58
C ASN A 57 -4.46 12.55 -12.33
N GLY A 58 -3.91 11.61 -11.59
CA GLY A 58 -4.58 10.35 -11.36
C GLY A 58 -3.64 9.32 -10.80
N TRP A 59 -4.18 8.32 -10.13
CA TRP A 59 -3.35 7.30 -9.51
C TRP A 59 -2.97 6.23 -10.53
N GLY A 60 -2.02 6.58 -11.38
CA GLY A 60 -1.59 5.70 -12.45
C GLY A 60 -0.77 4.52 -11.97
N GLU A 61 -1.29 3.32 -12.19
CA GLU A 61 -0.62 2.09 -11.78
C GLU A 61 0.70 1.89 -12.55
N ILE A 62 1.80 1.69 -11.83
CA ILE A 62 3.08 1.39 -12.46
C ILE A 62 3.68 0.10 -11.91
N LYS A 63 4.19 0.10 -10.66
CA LYS A 63 4.77 -1.12 -10.11
C LYS A 63 3.69 -1.99 -9.52
N ARG A 64 3.43 -3.12 -10.14
CA ARG A 64 2.34 -4.00 -9.75
C ARG A 64 2.82 -5.11 -8.80
N ASN A 65 2.27 -5.10 -7.60
CA ASN A 65 2.51 -6.19 -6.66
C ASN A 65 1.33 -7.15 -6.70
N ASP A 66 1.63 -8.44 -6.77
CA ASP A 66 0.61 -9.47 -6.93
C ASP A 66 -0.05 -9.81 -5.61
N ILE A 67 -1.08 -10.64 -5.67
CA ILE A 67 -1.85 -10.99 -4.49
C ILE A 67 -1.13 -12.04 -3.66
N ASP A 68 -1.13 -11.84 -2.35
CA ASP A 68 -0.42 -12.71 -1.40
C ASP A 68 1.04 -12.80 -1.78
N LYS A 69 1.65 -11.65 -1.98
CA LYS A 69 3.03 -11.55 -2.44
C LYS A 69 3.69 -10.28 -1.90
N PRO A 70 4.98 -10.35 -1.57
CA PRO A 70 5.76 -9.21 -1.14
C PRO A 70 6.53 -8.58 -2.28
N LEU A 71 6.65 -7.26 -2.27
CA LEU A 71 7.49 -6.58 -3.24
C LEU A 71 8.58 -5.79 -2.51
N LYS A 72 9.79 -5.88 -3.04
CA LYS A 72 10.91 -5.18 -2.45
C LYS A 72 11.21 -3.89 -3.21
N TYR A 73 12.17 -3.13 -2.70
CA TYR A 73 12.48 -1.81 -3.22
C TYR A 73 13.87 -1.78 -3.84
N GLU A 74 14.08 -0.83 -4.73
CA GLU A 74 15.40 -0.50 -5.22
C GLU A 74 15.90 0.74 -4.49
N ASP A 75 15.14 1.82 -4.63
CA ASP A 75 15.39 3.06 -3.90
C ASP A 75 14.08 3.77 -3.62
N TYR A 76 13.85 4.15 -2.37
CA TYR A 76 12.58 4.78 -1.98
C TYR A 76 12.72 6.29 -1.82
N TYR A 77 13.60 6.88 -2.62
CA TYR A 77 13.77 8.34 -2.69
C TYR A 77 14.43 8.88 -1.42
N THR A 78 15.69 9.27 -1.55
CA THR A 78 16.45 9.84 -0.46
C THR A 78 15.80 11.15 0.04
N SER A 79 15.10 11.81 -0.86
CA SER A 79 14.45 13.09 -0.56
C SER A 79 13.12 12.89 0.17
N GLY A 80 12.67 11.64 0.28
CA GLY A 80 11.39 11.37 0.91
C GLY A 80 10.23 11.91 0.09
N LEU A 81 10.14 11.45 -1.15
CA LEU A 81 9.12 11.93 -2.08
C LEU A 81 7.75 11.36 -1.73
N SER A 82 6.71 11.99 -2.22
CA SER A 82 5.34 11.54 -1.99
C SER A 82 5.00 10.40 -2.94
N TRP A 83 4.45 9.33 -2.38
CA TRP A 83 4.12 8.14 -3.16
C TRP A 83 2.94 7.44 -2.50
N ILE A 84 2.37 6.47 -3.20
CA ILE A 84 1.16 5.82 -2.73
C ILE A 84 1.22 4.30 -2.88
N TRP A 85 0.73 3.61 -1.85
CA TRP A 85 0.42 2.20 -1.94
C TRP A 85 -1.00 2.06 -2.49
N LYS A 86 -1.13 2.02 -3.79
CA LYS A 86 -2.44 2.02 -4.42
C LYS A 86 -2.97 0.61 -4.57
N ILE A 87 -3.92 0.24 -3.73
CA ILE A 87 -4.49 -1.09 -3.79
C ILE A 87 -5.68 -1.12 -4.71
N LYS A 88 -5.51 -1.76 -5.86
CA LYS A 88 -6.60 -1.95 -6.80
C LYS A 88 -7.26 -3.30 -6.54
N ASN A 89 -8.56 -3.29 -6.31
CA ASN A 89 -9.28 -4.48 -5.90
C ASN A 89 -10.21 -4.98 -7.00
N ASN A 90 -10.14 -6.27 -7.29
CA ASN A 90 -10.92 -6.85 -8.38
C ASN A 90 -12.08 -7.69 -7.88
N SER A 91 -12.16 -7.91 -6.56
CA SER A 91 -13.23 -8.73 -6.01
C SER A 91 -14.54 -7.96 -5.98
N SER A 92 -15.65 -8.67 -6.06
CA SER A 92 -16.97 -8.05 -6.11
C SER A 92 -17.46 -7.64 -4.72
N GLU A 93 -16.92 -8.27 -3.69
CA GLU A 93 -17.38 -8.05 -2.33
C GLU A 93 -16.30 -7.38 -1.48
N THR A 94 -16.70 -6.92 -0.29
CA THR A 94 -15.76 -6.27 0.63
C THR A 94 -14.69 -7.24 1.08
N SER A 95 -13.48 -7.04 0.59
CA SER A 95 -12.38 -7.93 0.89
C SER A 95 -11.53 -7.39 2.03
N ASN A 96 -10.97 -8.31 2.82
CA ASN A 96 -10.08 -7.92 3.90
C ASN A 96 -8.64 -8.18 3.49
N TYR A 97 -7.86 -7.12 3.36
CA TYR A 97 -6.47 -7.24 2.98
C TYR A 97 -5.58 -7.16 4.21
N SER A 98 -4.46 -7.86 4.17
CA SER A 98 -3.47 -7.78 5.23
C SER A 98 -2.15 -7.28 4.65
N LEU A 99 -2.02 -5.96 4.59
CA LEU A 99 -0.81 -5.35 4.03
C LEU A 99 0.28 -5.27 5.08
N ASP A 100 1.21 -6.21 5.04
CA ASP A 100 2.34 -6.22 5.96
C ASP A 100 3.47 -5.38 5.40
N ALA A 101 3.60 -4.16 5.89
CA ALA A 101 4.62 -3.25 5.41
C ALA A 101 5.47 -2.73 6.55
N THR A 102 6.76 -2.54 6.30
CA THR A 102 7.66 -2.05 7.33
C THR A 102 7.70 -0.52 7.30
N VAL A 103 6.80 0.08 8.05
CA VAL A 103 6.64 1.52 8.07
C VAL A 103 7.00 2.08 9.43
N HIS A 104 7.33 3.36 9.46
CA HIS A 104 7.62 4.04 10.71
C HIS A 104 6.45 4.93 11.09
N ASP A 105 6.07 4.88 12.35
CA ASP A 105 5.05 5.75 12.93
C ASP A 105 3.64 5.33 12.51
N ASP A 106 3.29 4.10 12.81
CA ASP A 106 1.94 3.60 12.53
C ASP A 106 1.02 3.86 13.72
N LYS A 107 1.57 3.68 14.93
CA LYS A 107 0.88 4.00 16.18
C LYS A 107 -0.44 3.23 16.36
N GLU A 108 -0.64 2.18 15.55
CA GLU A 108 -1.90 1.45 15.52
C GLU A 108 -3.06 2.40 15.23
N ASP A 109 -2.77 3.46 14.48
CA ASP A 109 -3.77 4.47 14.17
C ASP A 109 -3.81 4.76 12.68
N SER A 110 -2.62 4.93 12.09
CA SER A 110 -2.45 5.21 10.67
C SER A 110 -3.04 6.56 10.29
N ASP A 111 -2.97 6.90 9.01
CA ASP A 111 -3.55 8.14 8.51
C ASP A 111 -4.09 7.95 7.12
N VAL A 112 -5.20 7.22 7.04
CA VAL A 112 -5.84 6.94 5.77
C VAL A 112 -7.34 7.21 5.88
N LEU A 113 -7.66 8.42 6.28
CA LEU A 113 -9.05 8.84 6.40
C LEU A 113 -9.60 9.26 5.04
N THR A 114 -10.92 9.16 4.88
CA THR A 114 -11.58 9.49 3.63
C THR A 114 -11.00 8.69 2.46
N LYS A 115 -10.98 9.29 1.28
CA LYS A 115 -10.38 8.66 0.12
C LYS A 115 -10.03 9.72 -0.91
N CYS A 116 -9.12 9.38 -1.81
CA CYS A 116 -8.75 10.27 -2.90
C CYS A 116 -9.59 9.93 -4.13
N PRO A 117 -9.46 10.70 -5.23
CA PRO A 117 -10.24 10.45 -6.46
C PRO A 117 -9.85 9.17 -7.20
N VAL A 118 -10.04 8.02 -6.56
CA VAL A 118 -9.92 6.74 -7.24
C VAL A 118 -11.29 6.07 -7.27
N ARG A 1 -2.19 9.69 4.26
CA ARG A 1 -0.91 9.05 4.00
C ARG A 1 -0.32 8.53 5.30
N ILE A 2 0.48 7.48 5.19
CA ILE A 2 1.19 6.93 6.33
C ILE A 2 2.60 7.52 6.40
N PRO A 3 3.07 7.87 7.61
CA PRO A 3 4.39 8.46 7.80
C PRO A 3 5.55 7.52 7.41
N ASN A 4 5.79 6.48 8.19
CA ASN A 4 6.95 5.62 7.98
C ASN A 4 6.67 4.14 8.23
N ILE A 5 5.41 3.79 8.46
CA ILE A 5 5.03 2.39 8.61
C ILE A 5 3.62 2.16 8.08
N ALA A 6 3.53 1.54 6.92
CA ALA A 6 2.26 1.30 6.27
C ALA A 6 1.72 -0.08 6.64
N THR A 7 1.00 -0.15 7.74
CA THR A 7 0.49 -1.43 8.21
C THR A 7 -1.01 -1.34 8.52
N TYR A 8 -1.80 -2.17 7.87
CA TYR A 8 -3.23 -2.25 8.18
C TYR A 8 -3.86 -3.57 7.72
N THR A 9 -4.75 -4.08 8.55
CA THR A 9 -5.49 -5.28 8.23
C THR A 9 -6.97 -4.95 8.07
N GLY A 10 -7.35 -4.50 6.88
CA GLY A 10 -8.71 -4.05 6.68
C GLY A 10 -9.37 -4.69 5.48
N THR A 11 -10.45 -4.08 5.02
CA THR A 11 -11.21 -4.59 3.88
C THR A 11 -11.43 -3.50 2.85
N ILE A 12 -11.29 -3.86 1.58
CA ILE A 12 -11.52 -2.92 0.50
C ILE A 12 -12.93 -3.13 -0.07
N GLN A 13 -13.56 -2.03 -0.48
CA GLN A 13 -14.92 -2.07 -1.01
C GLN A 13 -14.96 -2.85 -2.32
N GLY A 14 -16.17 -3.14 -2.80
CA GLY A 14 -16.32 -3.91 -4.01
C GLY A 14 -15.93 -3.14 -5.25
N LYS A 15 -14.95 -3.68 -5.98
CA LYS A 15 -14.47 -3.07 -7.22
C LYS A 15 -14.01 -1.63 -7.00
N GLY A 16 -12.93 -1.47 -6.26
CA GLY A 16 -12.43 -0.13 -6.01
C GLY A 16 -10.93 -0.12 -5.78
N GLU A 17 -10.41 1.02 -5.36
CA GLU A 17 -9.00 1.17 -5.08
C GLU A 17 -8.82 2.09 -3.88
N VAL A 18 -7.95 1.70 -2.96
CA VAL A 18 -7.70 2.50 -1.77
C VAL A 18 -6.20 2.76 -1.61
N CYS A 19 -5.88 3.79 -0.84
CA CYS A 19 -4.50 4.11 -0.52
C CYS A 19 -4.12 3.49 0.82
N ILE A 20 -2.87 3.66 1.23
CA ILE A 20 -2.45 3.21 2.54
C ILE A 20 -2.85 4.25 3.58
N ILE A 21 -3.56 3.78 4.61
CA ILE A 21 -4.09 4.65 5.65
C ILE A 21 -4.55 3.83 6.86
N GLY A 22 -3.84 3.96 7.98
CA GLY A 22 -4.25 3.24 9.18
C GLY A 22 -3.09 2.89 10.08
N ASN A 23 -3.40 2.15 11.15
CA ASN A 23 -2.37 1.70 12.10
C ASN A 23 -2.51 0.19 12.32
N LYS A 24 -1.48 -0.42 12.89
CA LYS A 24 -1.50 -1.86 13.16
C LYS A 24 -0.43 -2.23 14.17
N GLU A 25 0.79 -2.45 13.68
CA GLU A 25 1.92 -2.82 14.51
C GLU A 25 3.16 -2.95 13.63
N GLY A 26 4.32 -2.68 14.20
CA GLY A 26 5.55 -2.67 13.43
C GLY A 26 6.04 -4.06 13.09
N LYS A 27 6.35 -4.27 11.83
CA LYS A 27 6.90 -5.54 11.37
C LYS A 27 8.43 -5.42 11.27
N THR A 28 9.08 -6.52 10.91
CA THR A 28 10.51 -6.49 10.68
C THR A 28 10.78 -5.96 9.26
N ARG A 29 12.04 -5.63 8.97
CA ARG A 29 12.38 -5.02 7.69
C ARG A 29 13.22 -5.96 6.83
N GLY A 30 13.50 -5.52 5.61
CA GLY A 30 14.31 -6.32 4.70
C GLY A 30 14.79 -5.50 3.53
N GLY A 31 15.48 -4.40 3.82
CA GLY A 31 15.97 -3.52 2.78
C GLY A 31 15.45 -2.10 2.98
N GLU A 32 15.44 -1.31 1.90
CA GLU A 32 14.88 0.03 1.94
C GLU A 32 13.37 -0.06 1.95
N LEU A 33 12.84 -0.29 0.76
CA LEU A 33 11.44 -0.57 0.60
C LEU A 33 11.11 -1.94 1.17
N TYR A 34 10.12 -2.04 2.04
CA TYR A 34 9.66 -3.35 2.49
C TYR A 34 8.17 -3.35 2.83
N ALA A 35 7.41 -4.15 2.10
CA ALA A 35 6.01 -4.37 2.41
C ALA A 35 5.55 -5.69 1.83
N VAL A 36 4.55 -6.29 2.44
CA VAL A 36 3.92 -7.49 1.90
C VAL A 36 2.41 -7.35 2.00
N LEU A 37 1.71 -7.70 0.93
CA LEU A 37 0.26 -7.69 0.93
C LEU A 37 -0.27 -9.11 0.93
N HIS A 38 -0.97 -9.48 1.99
CA HIS A 38 -1.62 -10.78 2.06
C HIS A 38 -3.08 -10.65 1.68
N SER A 39 -3.65 -11.69 1.12
CA SER A 39 -5.04 -11.69 0.73
C SER A 39 -5.79 -12.87 1.34
N THR A 40 -6.87 -12.59 2.06
CA THR A 40 -7.68 -13.62 2.67
C THR A 40 -9.17 -13.31 2.55
N ASN A 41 -9.79 -13.81 1.48
CA ASN A 41 -11.20 -13.58 1.23
C ASN A 41 -11.70 -14.51 0.13
N VAL A 42 -12.76 -14.11 -0.57
CA VAL A 42 -13.36 -14.92 -1.62
C VAL A 42 -12.39 -15.13 -2.77
N ASN A 43 -12.27 -14.13 -3.62
CA ASN A 43 -11.32 -14.18 -4.71
C ASN A 43 -10.15 -13.24 -4.45
N ALA A 44 -8.97 -13.81 -4.36
CA ALA A 44 -7.76 -13.03 -4.13
C ALA A 44 -7.34 -12.31 -5.41
N ASP A 45 -8.17 -11.39 -5.86
CA ASP A 45 -7.88 -10.60 -7.04
C ASP A 45 -7.56 -9.16 -6.65
N MET A 46 -6.38 -8.97 -6.08
CA MET A 46 -5.97 -7.66 -5.63
C MET A 46 -4.70 -7.24 -6.37
N THR A 47 -4.76 -6.08 -6.99
CA THR A 47 -3.62 -5.53 -7.69
C THR A 47 -2.88 -4.55 -6.79
N LEU A 48 -1.74 -4.96 -6.29
CA LEU A 48 -0.93 -4.11 -5.43
C LEU A 48 0.03 -3.30 -6.27
N ILE A 49 -0.11 -1.99 -6.26
CA ILE A 49 0.77 -1.16 -7.06
C ILE A 49 1.57 -0.19 -6.18
N LEU A 50 2.88 -0.15 -6.45
CA LEU A 50 3.80 0.78 -5.82
C LEU A 50 3.87 2.03 -6.67
N LEU A 51 3.21 3.09 -6.23
CA LEU A 51 3.11 4.30 -7.03
C LEU A 51 3.46 5.52 -6.19
N ARG A 52 4.02 6.54 -6.84
CA ARG A 52 4.29 7.81 -6.19
C ARG A 52 3.63 8.93 -6.99
N ASN A 53 2.56 9.45 -6.42
CA ASN A 53 1.80 10.53 -7.03
C ASN A 53 1.46 11.56 -5.97
N VAL A 54 1.44 12.84 -6.30
CA VAL A 54 1.16 13.86 -5.30
C VAL A 54 0.89 15.22 -5.93
N GLY A 55 0.03 15.99 -5.28
CA GLY A 55 -0.36 17.30 -5.77
C GLY A 55 -1.54 17.22 -6.72
N GLY A 56 -2.70 16.81 -6.19
CA GLY A 56 -3.87 16.60 -7.03
C GLY A 56 -4.97 15.85 -6.31
N ASN A 57 -5.82 15.17 -7.06
CA ASN A 57 -6.89 14.35 -6.49
C ASN A 57 -7.08 13.08 -7.31
N GLY A 58 -6.10 12.20 -7.22
CA GLY A 58 -6.16 10.93 -7.92
C GLY A 58 -4.88 10.16 -7.72
N TRP A 59 -4.78 8.96 -8.28
CA TRP A 59 -3.55 8.16 -8.18
C TRP A 59 -3.36 7.34 -9.46
N GLY A 60 -2.12 7.30 -9.97
CA GLY A 60 -1.86 6.57 -11.21
C GLY A 60 -1.29 5.20 -10.96
N GLU A 61 -0.94 4.47 -12.03
CA GLU A 61 -0.33 3.14 -11.90
C GLU A 61 1.18 3.21 -12.14
N ILE A 62 1.95 2.48 -11.33
CA ILE A 62 3.40 2.38 -11.52
C ILE A 62 3.86 0.91 -11.45
N LYS A 63 4.25 0.43 -10.27
CA LYS A 63 4.77 -0.94 -10.15
C LYS A 63 3.69 -1.89 -9.65
N ARG A 64 3.25 -2.78 -10.52
CA ARG A 64 2.19 -3.72 -10.19
C ARG A 64 2.76 -5.03 -9.65
N ASN A 65 2.27 -5.45 -8.49
CA ASN A 65 2.63 -6.75 -7.93
C ASN A 65 1.38 -7.57 -7.66
N ASP A 66 1.59 -8.86 -7.36
CA ASP A 66 0.47 -9.78 -7.19
C ASP A 66 0.07 -9.95 -5.73
N ILE A 67 -0.83 -10.90 -5.51
CA ILE A 67 -1.40 -11.14 -4.19
C ILE A 67 -0.51 -12.02 -3.33
N ASP A 68 -0.55 -11.79 -2.02
CA ASP A 68 0.29 -12.50 -1.06
C ASP A 68 1.73 -12.47 -1.51
N LYS A 69 2.19 -11.27 -1.84
CA LYS A 69 3.51 -11.08 -2.40
C LYS A 69 4.20 -9.88 -1.77
N PRO A 70 5.52 -9.95 -1.62
CA PRO A 70 6.30 -8.84 -1.10
C PRO A 70 6.47 -7.73 -2.14
N LEU A 71 5.73 -6.66 -1.98
CA LEU A 71 5.90 -5.47 -2.79
C LEU A 71 6.41 -4.38 -1.89
N LYS A 72 7.58 -3.91 -2.17
CA LYS A 72 8.35 -3.18 -1.19
C LYS A 72 8.26 -1.67 -1.36
N TYR A 73 7.79 -0.99 -0.31
CA TYR A 73 8.01 0.45 -0.17
C TYR A 73 8.27 0.81 1.29
N GLU A 74 9.34 1.60 1.48
CA GLU A 74 9.62 2.26 2.75
C GLU A 74 10.93 3.05 2.61
N ASP A 75 11.08 4.07 3.47
CA ASP A 75 12.27 4.93 3.51
C ASP A 75 12.41 5.85 2.28
N TYR A 76 11.97 5.37 1.12
CA TYR A 76 12.19 6.06 -0.15
C TYR A 76 11.44 7.40 -0.26
N TYR A 77 10.54 7.67 0.67
CA TYR A 77 9.80 8.93 0.66
C TYR A 77 10.77 10.09 0.74
N THR A 78 10.76 10.94 -0.27
CA THR A 78 11.70 12.04 -0.36
C THR A 78 11.00 13.39 -0.16
N SER A 79 11.67 14.47 -0.53
CA SER A 79 11.15 15.82 -0.35
C SER A 79 9.83 16.02 -1.09
N GLY A 80 8.73 16.06 -0.33
CA GLY A 80 7.42 16.26 -0.92
C GLY A 80 7.03 15.13 -1.84
N LEU A 81 7.59 13.96 -1.58
CA LEU A 81 7.33 12.79 -2.41
C LEU A 81 6.74 11.67 -1.58
N SER A 82 5.55 11.25 -1.94
CA SER A 82 4.86 10.21 -1.22
C SER A 82 4.58 9.00 -2.12
N TRP A 83 5.06 7.84 -1.70
CA TRP A 83 4.71 6.60 -2.35
C TRP A 83 3.47 6.05 -1.67
N ILE A 84 2.62 5.41 -2.42
CA ILE A 84 1.37 4.92 -1.89
C ILE A 84 1.10 3.49 -2.34
N TRP A 85 0.32 2.78 -1.55
CA TRP A 85 -0.11 1.45 -1.91
C TRP A 85 -1.49 1.52 -2.53
N LYS A 86 -1.55 1.56 -3.84
CA LYS A 86 -2.82 1.57 -4.54
C LYS A 86 -3.35 0.15 -4.61
N ILE A 87 -4.22 -0.18 -3.66
CA ILE A 87 -4.84 -1.49 -3.63
C ILE A 87 -6.11 -1.48 -4.45
N LYS A 88 -6.06 -2.10 -5.61
CA LYS A 88 -7.23 -2.23 -6.45
C LYS A 88 -7.71 -3.67 -6.42
N ASN A 89 -9.00 -3.88 -6.24
CA ASN A 89 -9.55 -5.21 -6.17
C ASN A 89 -10.58 -5.43 -7.27
N ASN A 90 -10.58 -6.61 -7.86
CA ASN A 90 -11.53 -6.94 -8.91
C ASN A 90 -12.73 -7.66 -8.33
N SER A 91 -12.65 -7.93 -7.03
CA SER A 91 -13.74 -8.56 -6.31
C SER A 91 -14.87 -7.58 -6.10
N SER A 92 -16.10 -8.07 -6.16
CA SER A 92 -17.27 -7.22 -5.96
C SER A 92 -17.65 -7.20 -4.48
N GLU A 93 -17.00 -8.07 -3.72
CA GLU A 93 -17.23 -8.17 -2.29
C GLU A 93 -16.11 -7.49 -1.52
N THR A 94 -16.37 -7.14 -0.26
CA THR A 94 -15.39 -6.52 0.60
C THR A 94 -14.22 -7.46 0.87
N SER A 95 -13.13 -7.27 0.14
CA SER A 95 -11.99 -8.15 0.23
C SER A 95 -11.05 -7.71 1.35
N ASN A 96 -10.63 -8.67 2.16
CA ASN A 96 -9.72 -8.38 3.27
C ASN A 96 -8.28 -8.38 2.78
N TYR A 97 -7.50 -7.42 3.26
CA TYR A 97 -6.08 -7.35 2.94
C TYR A 97 -5.26 -7.23 4.21
N SER A 98 -4.12 -7.87 4.22
CA SER A 98 -3.19 -7.76 5.33
C SER A 98 -1.85 -7.25 4.82
N LEU A 99 -1.63 -5.95 4.94
CA LEU A 99 -0.41 -5.35 4.42
C LEU A 99 0.51 -4.91 5.55
N ASP A 100 1.77 -5.27 5.42
CA ASP A 100 2.77 -4.92 6.42
C ASP A 100 3.95 -4.22 5.76
N ALA A 101 4.09 -2.94 6.04
CA ALA A 101 5.20 -2.16 5.55
C ALA A 101 5.87 -1.45 6.72
N THR A 102 7.10 -1.81 7.03
CA THR A 102 7.75 -1.23 8.19
C THR A 102 9.26 -1.09 8.01
N VAL A 103 9.72 0.14 7.95
CA VAL A 103 11.12 0.45 8.11
C VAL A 103 11.26 1.59 9.10
N HIS A 104 12.49 1.88 9.52
CA HIS A 104 12.77 2.70 10.70
C HIS A 104 12.53 1.82 11.92
N ASP A 105 13.56 1.68 12.74
CA ASP A 105 13.56 0.66 13.77
C ASP A 105 12.66 1.05 14.94
N ASP A 106 11.68 0.19 15.24
CA ASP A 106 10.84 0.33 16.44
C ASP A 106 9.91 1.55 16.36
N LYS A 107 8.94 1.60 17.28
CA LYS A 107 8.04 2.73 17.46
C LYS A 107 6.98 2.79 16.35
N GLU A 108 5.74 2.48 16.72
CA GLU A 108 4.62 2.62 15.79
C GLU A 108 4.37 4.09 15.51
N ASP A 109 4.58 4.50 14.28
CA ASP A 109 4.32 5.86 13.85
C ASP A 109 3.37 5.85 12.67
N SER A 110 2.31 5.08 12.81
CA SER A 110 1.30 4.96 11.77
C SER A 110 0.29 6.12 11.87
N ASP A 111 -0.48 6.30 10.80
CA ASP A 111 -1.47 7.38 10.72
C ASP A 111 -2.34 7.16 9.49
N VAL A 112 -3.35 8.00 9.34
CA VAL A 112 -4.26 7.93 8.20
C VAL A 112 -4.80 9.32 7.88
N LEU A 113 -5.24 10.04 8.92
CA LEU A 113 -5.80 11.39 8.79
C LEU A 113 -7.15 11.36 8.09
N THR A 114 -7.16 10.97 6.82
CA THR A 114 -8.38 10.88 6.04
C THR A 114 -8.34 9.68 5.12
N LYS A 115 -9.46 8.97 5.00
CA LYS A 115 -9.56 7.88 4.05
C LYS A 115 -9.80 8.43 2.65
N CYS A 116 -8.75 8.42 1.84
CA CYS A 116 -8.79 9.00 0.50
C CYS A 116 -9.79 8.27 -0.40
N PRO A 117 -10.79 8.99 -0.91
CA PRO A 117 -11.76 8.44 -1.85
C PRO A 117 -11.22 8.43 -3.28
N VAL A 118 -10.42 7.41 -3.59
CA VAL A 118 -9.84 7.29 -4.92
C VAL A 118 -10.92 7.00 -5.96
N ARG A 1 8.11 -16.59 10.47
CA ARG A 1 9.56 -16.45 10.48
C ARG A 1 9.97 -15.08 11.01
N ILE A 2 9.10 -14.10 10.82
CA ILE A 2 9.36 -12.74 11.27
C ILE A 2 8.59 -12.45 12.55
N PRO A 3 9.30 -12.15 13.65
CA PRO A 3 8.67 -11.89 14.94
C PRO A 3 7.81 -10.62 14.93
N ASN A 4 8.34 -9.53 14.39
CA ASN A 4 7.65 -8.26 14.39
C ASN A 4 7.35 -7.79 12.97
N ILE A 5 6.06 -7.62 12.71
CA ILE A 5 5.60 -7.06 11.45
C ILE A 5 4.33 -6.26 11.70
N ALA A 6 4.05 -5.26 10.86
CA ALA A 6 2.86 -4.46 11.02
C ALA A 6 1.83 -4.78 9.94
N THR A 7 0.98 -5.75 10.23
CA THR A 7 -0.07 -6.14 9.33
C THR A 7 -1.21 -5.13 9.34
N TYR A 8 -1.26 -4.30 8.31
CA TYR A 8 -2.32 -3.31 8.17
C TYR A 8 -3.57 -3.97 7.59
N THR A 9 -4.32 -4.65 8.45
CA THR A 9 -5.58 -5.25 8.05
C THR A 9 -6.63 -4.16 7.81
N GLY A 10 -7.19 -4.14 6.62
CA GLY A 10 -8.17 -3.13 6.29
C GLY A 10 -9.19 -3.61 5.28
N THR A 11 -10.32 -2.93 5.21
CA THR A 11 -11.37 -3.29 4.28
C THR A 11 -11.30 -2.41 3.02
N ILE A 12 -11.52 -3.02 1.88
CA ILE A 12 -11.42 -2.33 0.61
C ILE A 12 -12.76 -2.40 -0.14
N GLN A 13 -12.97 -1.47 -1.05
CA GLN A 13 -14.23 -1.39 -1.80
C GLN A 13 -14.18 -2.32 -3.00
N GLY A 14 -15.34 -2.81 -3.41
CA GLY A 14 -15.42 -3.71 -4.54
C GLY A 14 -14.94 -3.06 -5.83
N LYS A 15 -13.91 -3.65 -6.42
CA LYS A 15 -13.33 -3.19 -7.67
C LYS A 15 -12.69 -1.81 -7.52
N GLY A 16 -11.85 -1.66 -6.51
CA GLY A 16 -11.16 -0.41 -6.28
C GLY A 16 -9.66 -0.61 -6.20
N GLU A 17 -8.92 0.50 -6.10
CA GLU A 17 -7.46 0.45 -5.91
C GLU A 17 -7.04 1.57 -4.98
N VAL A 18 -6.62 1.23 -3.76
CA VAL A 18 -6.37 2.25 -2.75
C VAL A 18 -5.45 1.77 -1.61
N CYS A 19 -4.30 2.43 -1.40
CA CYS A 19 -3.63 2.39 -0.09
C CYS A 19 -2.66 3.56 0.17
N ILE A 20 -2.00 3.52 1.33
CA ILE A 20 -1.05 4.56 1.80
C ILE A 20 0.35 4.35 1.24
N ILE A 21 1.32 5.17 1.69
CA ILE A 21 2.78 4.92 1.48
C ILE A 21 3.18 4.97 -0.02
N GLY A 22 4.48 5.00 -0.30
CA GLY A 22 4.94 4.98 -1.67
C GLY A 22 6.46 5.01 -1.83
N ASN A 23 6.97 4.10 -2.66
CA ASN A 23 8.41 3.97 -2.89
C ASN A 23 8.71 3.98 -4.41
N LYS A 24 9.97 4.12 -4.80
CA LYS A 24 10.34 4.06 -6.20
C LYS A 24 10.44 2.60 -6.67
N GLU A 25 11.66 2.11 -6.87
CA GLU A 25 11.86 0.71 -7.22
C GLU A 25 12.06 -0.12 -5.96
N GLY A 26 11.99 -1.43 -6.07
CA GLY A 26 12.03 -2.26 -4.90
C GLY A 26 12.92 -3.48 -5.04
N LYS A 27 13.99 -3.50 -4.25
CA LYS A 27 14.86 -4.67 -4.16
C LYS A 27 15.19 -4.97 -2.69
N THR A 28 15.35 -3.90 -1.92
CA THR A 28 15.61 -4.04 -0.49
C THR A 28 14.31 -4.22 0.29
N ARG A 29 14.43 -4.71 1.52
CA ARG A 29 13.26 -4.94 2.37
C ARG A 29 13.62 -4.68 3.82
N GLY A 30 12.66 -4.92 4.71
CA GLY A 30 12.92 -4.76 6.13
C GLY A 30 12.80 -3.32 6.59
N GLY A 31 11.96 -2.56 5.90
CA GLY A 31 11.76 -1.17 6.25
C GLY A 31 10.55 -0.57 5.57
N GLU A 32 10.27 0.68 5.87
CA GLU A 32 9.15 1.40 5.28
C GLU A 32 9.32 1.50 3.76
N LEU A 33 8.21 1.71 3.04
CA LEU A 33 8.18 1.77 1.59
C LEU A 33 8.12 0.37 1.01
N TYR A 34 8.24 -0.62 1.88
CA TYR A 34 8.06 -2.01 1.51
C TYR A 34 6.88 -2.60 2.29
N ALA A 35 6.04 -3.34 1.59
CA ALA A 35 4.81 -3.85 2.18
C ALA A 35 4.37 -5.10 1.46
N VAL A 36 4.09 -6.15 2.22
CA VAL A 36 3.64 -7.40 1.66
C VAL A 36 2.12 -7.48 1.70
N LEU A 37 1.48 -7.30 0.57
CA LEU A 37 0.02 -7.36 0.50
C LEU A 37 -0.42 -8.80 0.59
N HIS A 38 -1.04 -9.18 1.70
CA HIS A 38 -1.53 -10.53 1.90
C HIS A 38 -3.02 -10.59 1.60
N SER A 39 -3.48 -11.77 1.23
CA SER A 39 -4.89 -11.97 0.93
C SER A 39 -5.48 -13.04 1.85
N THR A 40 -6.09 -12.61 2.95
CA THR A 40 -6.71 -13.54 3.87
C THR A 40 -8.24 -13.49 3.72
N ASN A 41 -8.67 -13.08 2.53
CA ASN A 41 -10.08 -12.90 2.22
C ASN A 41 -10.42 -13.65 0.93
N VAL A 42 -11.69 -13.95 0.73
CA VAL A 42 -12.15 -14.71 -0.45
C VAL A 42 -11.77 -14.02 -1.76
N ASN A 43 -11.03 -14.76 -2.59
CA ASN A 43 -10.56 -14.31 -3.92
C ASN A 43 -10.33 -12.80 -4.00
N ALA A 44 -9.40 -12.32 -3.20
CA ALA A 44 -9.07 -10.91 -3.17
C ALA A 44 -8.58 -10.46 -4.54
N ASP A 45 -7.64 -11.24 -5.10
CA ASP A 45 -7.03 -10.95 -6.39
C ASP A 45 -6.69 -9.47 -6.49
N MET A 46 -5.83 -9.01 -5.59
CA MET A 46 -5.50 -7.62 -5.52
C MET A 46 -4.11 -7.38 -6.06
N THR A 47 -4.02 -6.49 -7.02
CA THR A 47 -2.74 -6.10 -7.56
C THR A 47 -2.23 -4.89 -6.78
N LEU A 48 -1.21 -5.11 -5.97
CA LEU A 48 -0.65 -4.05 -5.15
C LEU A 48 0.31 -3.22 -5.99
N ILE A 49 -0.13 -2.05 -6.36
CA ILE A 49 0.63 -1.18 -7.21
C ILE A 49 1.10 0.04 -6.47
N LEU A 50 2.35 0.38 -6.71
CA LEU A 50 3.01 1.50 -6.10
C LEU A 50 2.98 2.69 -7.04
N LEU A 51 2.41 3.81 -6.58
CA LEU A 51 2.21 4.96 -7.44
C LEU A 51 2.70 6.25 -6.79
N ARG A 52 2.88 7.25 -7.63
CA ARG A 52 3.11 8.61 -7.20
C ARG A 52 2.52 9.57 -8.23
N ASN A 53 1.41 10.19 -7.87
CA ASN A 53 0.71 11.10 -8.76
C ASN A 53 0.36 12.38 -8.00
N VAL A 54 0.20 13.48 -8.73
CA VAL A 54 -0.19 14.72 -8.11
C VAL A 54 -0.81 15.67 -9.14
N GLY A 55 -1.32 15.09 -10.21
CA GLY A 55 -2.05 15.84 -11.21
C GLY A 55 -3.46 15.30 -11.36
N GLY A 56 -4.35 15.76 -10.51
CA GLY A 56 -5.68 15.21 -10.45
C GLY A 56 -5.72 13.97 -9.58
N ASN A 57 -6.91 13.44 -9.35
CA ASN A 57 -7.04 12.24 -8.53
C ASN A 57 -6.91 10.98 -9.38
N GLY A 58 -5.96 11.03 -10.31
CA GLY A 58 -5.73 9.90 -11.19
C GLY A 58 -4.34 9.35 -11.03
N TRP A 59 -4.15 8.52 -10.02
CA TRP A 59 -2.84 7.92 -9.74
C TRP A 59 -2.36 7.12 -10.95
N GLY A 60 -1.15 7.41 -11.42
CA GLY A 60 -0.76 6.95 -12.73
C GLY A 60 0.40 5.96 -12.78
N GLU A 61 1.29 6.00 -11.80
CA GLU A 61 2.49 5.14 -11.83
C GLU A 61 2.11 3.66 -11.76
N ILE A 62 3.00 2.78 -12.20
CA ILE A 62 2.65 1.37 -12.34
C ILE A 62 3.77 0.45 -11.85
N LYS A 63 3.95 0.41 -10.54
CA LYS A 63 4.76 -0.63 -9.92
C LYS A 63 3.84 -1.69 -9.32
N ARG A 64 3.37 -2.61 -10.16
CA ARG A 64 2.30 -3.53 -9.77
C ARG A 64 2.85 -4.91 -9.38
N ASN A 65 2.40 -5.38 -8.22
CA ASN A 65 2.67 -6.74 -7.78
C ASN A 65 1.35 -7.48 -7.57
N ASP A 66 1.42 -8.79 -7.36
CA ASP A 66 0.22 -9.59 -7.18
C ASP A 66 -0.15 -9.71 -5.71
N ILE A 67 -1.13 -10.55 -5.41
CA ILE A 67 -1.57 -10.78 -4.04
C ILE A 67 -0.62 -11.73 -3.31
N ASP A 68 -0.56 -11.56 -2.00
CA ASP A 68 0.34 -12.31 -1.12
C ASP A 68 1.77 -12.21 -1.64
N LYS A 69 2.15 -10.99 -1.97
CA LYS A 69 3.46 -10.72 -2.54
C LYS A 69 4.07 -9.46 -1.91
N PRO A 70 5.38 -9.48 -1.67
CA PRO A 70 6.07 -8.35 -1.04
C PRO A 70 6.47 -7.25 -2.03
N LEU A 71 5.94 -6.07 -1.82
CA LEU A 71 6.40 -4.89 -2.54
C LEU A 71 7.64 -4.36 -1.84
N LYS A 72 8.79 -4.57 -2.45
CA LYS A 72 10.05 -4.14 -1.86
C LYS A 72 10.30 -2.66 -2.12
N TYR A 73 11.34 -2.11 -1.48
CA TYR A 73 11.62 -0.68 -1.57
C TYR A 73 13.09 -0.43 -1.88
N GLU A 74 13.41 0.81 -2.24
CA GLU A 74 14.78 1.19 -2.60
C GLU A 74 15.40 2.02 -1.50
N ASP A 75 14.89 3.23 -1.31
CA ASP A 75 15.43 4.17 -0.33
C ASP A 75 14.30 4.81 0.46
N TYR A 76 14.65 5.68 1.39
CA TYR A 76 13.67 6.29 2.29
C TYR A 76 13.26 7.67 1.81
N TYR A 77 13.83 8.11 0.70
CA TYR A 77 13.56 9.45 0.18
C TYR A 77 12.18 9.53 -0.44
N THR A 78 11.20 9.85 0.39
CA THR A 78 9.83 10.02 -0.06
C THR A 78 9.57 11.45 -0.48
N SER A 79 10.41 12.36 0.02
CA SER A 79 10.28 13.78 -0.29
C SER A 79 10.44 14.02 -1.78
N GLY A 80 9.42 14.62 -2.39
CA GLY A 80 9.48 14.91 -3.81
C GLY A 80 8.13 14.85 -4.48
N LEU A 81 7.23 14.01 -3.95
CA LEU A 81 5.91 13.85 -4.54
C LEU A 81 4.97 13.16 -3.55
N SER A 82 3.70 13.09 -3.91
CA SER A 82 2.71 12.37 -3.12
C SER A 82 2.67 10.91 -3.56
N TRP A 83 2.79 10.00 -2.61
CA TRP A 83 2.90 8.59 -2.91
C TRP A 83 1.64 7.84 -2.54
N ILE A 84 1.41 6.70 -3.18
CA ILE A 84 0.25 5.89 -2.89
C ILE A 84 0.50 4.40 -3.17
N TRP A 85 0.08 3.53 -2.24
CA TRP A 85 -0.19 2.15 -2.57
C TRP A 85 -1.56 2.15 -3.21
N LYS A 86 -1.86 1.20 -4.05
CA LYS A 86 -3.21 1.06 -4.54
C LYS A 86 -3.59 -0.40 -4.56
N ILE A 87 -4.34 -0.82 -3.55
CA ILE A 87 -4.82 -2.18 -3.51
C ILE A 87 -5.97 -2.34 -4.50
N LYS A 88 -5.65 -2.89 -5.67
CA LYS A 88 -6.64 -3.11 -6.72
C LYS A 88 -7.22 -4.51 -6.62
N ASN A 89 -8.36 -4.62 -5.96
CA ASN A 89 -9.02 -5.91 -5.79
C ASN A 89 -9.88 -6.24 -7.00
N ASN A 90 -10.15 -7.52 -7.18
CA ASN A 90 -10.99 -7.96 -8.29
C ASN A 90 -12.35 -8.40 -7.78
N SER A 91 -12.46 -8.51 -6.47
CA SER A 91 -13.71 -8.87 -5.84
C SER A 91 -14.66 -7.65 -5.82
N SER A 92 -15.90 -7.88 -6.20
CA SER A 92 -16.87 -6.79 -6.30
C SER A 92 -17.54 -6.53 -4.95
N GLU A 93 -17.37 -7.46 -4.03
CA GLU A 93 -17.89 -7.30 -2.68
C GLU A 93 -16.85 -6.62 -1.80
N THR A 94 -17.28 -6.11 -0.65
CA THR A 94 -16.36 -5.49 0.30
C THR A 94 -15.34 -6.51 0.77
N SER A 95 -14.12 -6.37 0.30
CA SER A 95 -13.08 -7.35 0.57
C SER A 95 -12.12 -6.85 1.65
N ASN A 96 -11.30 -7.75 2.15
CA ASN A 96 -10.34 -7.41 3.19
C ASN A 96 -8.92 -7.66 2.70
N TYR A 97 -8.01 -6.76 3.06
CA TYR A 97 -6.60 -6.92 2.71
C TYR A 97 -5.76 -6.94 3.98
N SER A 98 -4.55 -7.49 3.87
CA SER A 98 -3.63 -7.51 4.99
C SER A 98 -2.26 -7.00 4.53
N LEU A 99 -2.02 -5.72 4.74
CA LEU A 99 -0.79 -5.08 4.26
C LEU A 99 0.34 -5.22 5.26
N ASP A 100 1.26 -6.14 4.99
CA ASP A 100 2.37 -6.38 5.90
C ASP A 100 3.48 -5.38 5.63
N ALA A 101 3.41 -4.24 6.29
CA ALA A 101 4.45 -3.24 6.17
C ALA A 101 5.36 -3.33 7.38
N THR A 102 6.58 -3.77 7.15
CA THR A 102 7.50 -4.00 8.25
C THR A 102 8.29 -2.73 8.54
N VAL A 103 7.82 -1.97 9.51
CA VAL A 103 8.44 -0.72 9.89
C VAL A 103 9.82 -0.94 10.50
N HIS A 104 10.69 0.05 10.33
CA HIS A 104 12.06 -0.06 10.77
C HIS A 104 12.20 0.34 12.23
N ASP A 105 11.61 1.47 12.60
CA ASP A 105 11.78 2.02 13.95
C ASP A 105 10.93 3.27 14.16
N ASP A 106 10.77 4.06 13.10
CA ASP A 106 10.12 5.36 13.21
C ASP A 106 8.66 5.24 13.62
N LYS A 107 8.18 6.27 14.31
CA LYS A 107 6.81 6.29 14.78
C LYS A 107 6.11 7.56 14.30
N GLU A 108 6.84 8.43 13.62
CA GLU A 108 6.30 9.68 13.14
C GLU A 108 5.71 9.53 11.76
N ASP A 109 4.40 9.63 11.67
CA ASP A 109 3.70 9.43 10.42
C ASP A 109 3.39 10.77 9.75
N SER A 110 3.53 10.80 8.43
CA SER A 110 3.15 11.97 7.65
C SER A 110 2.55 11.52 6.32
N ASP A 111 1.82 10.40 6.37
CA ASP A 111 1.24 9.81 5.17
C ASP A 111 0.11 8.85 5.56
N VAL A 112 0.35 8.06 6.59
CA VAL A 112 -0.64 7.10 7.09
C VAL A 112 -1.65 7.77 8.00
N LEU A 113 -1.73 9.10 7.91
CA LEU A 113 -2.64 9.88 8.74
C LEU A 113 -4.09 9.51 8.46
N THR A 114 -4.37 9.12 7.23
CA THR A 114 -5.73 8.80 6.83
C THR A 114 -5.91 7.30 6.58
N LYS A 115 -4.82 6.56 6.60
CA LYS A 115 -4.80 5.14 6.20
C LYS A 115 -5.03 5.01 4.69
N CYS A 116 -5.94 4.14 4.26
CA CYS A 116 -6.15 3.94 2.81
C CYS A 116 -7.56 4.37 2.36
N PRO A 117 -7.90 5.68 2.44
CA PRO A 117 -9.10 6.23 1.86
C PRO A 117 -8.82 7.23 0.72
N VAL A 118 -8.44 6.75 -0.45
CA VAL A 118 -8.20 7.64 -1.59
C VAL A 118 -9.54 8.18 -2.09
N ARG A 1 11.71 -12.03 14.00
CA ARG A 1 10.41 -11.38 13.85
C ARG A 1 10.56 -9.87 14.07
N ILE A 2 9.56 -9.10 13.65
CA ILE A 2 9.62 -7.65 13.76
C ILE A 2 8.69 -7.16 14.85
N PRO A 3 9.23 -6.42 15.84
CA PRO A 3 8.46 -5.88 16.96
C PRO A 3 7.28 -5.01 16.48
N ASN A 4 7.60 -3.96 15.75
CA ASN A 4 6.57 -3.09 15.19
C ASN A 4 6.30 -3.47 13.74
N ILE A 5 5.29 -4.30 13.55
CA ILE A 5 4.92 -4.72 12.22
C ILE A 5 3.71 -3.92 11.74
N ALA A 6 3.96 -2.98 10.84
CA ALA A 6 2.90 -2.16 10.31
C ALA A 6 2.13 -2.93 9.24
N THR A 7 1.20 -3.76 9.68
CA THR A 7 0.40 -4.53 8.76
C THR A 7 -1.00 -3.92 8.64
N TYR A 8 -1.27 -3.32 7.51
CA TYR A 8 -2.54 -2.63 7.28
C TYR A 8 -3.65 -3.64 6.98
N THR A 9 -4.43 -3.94 8.00
CA THR A 9 -5.55 -4.85 7.85
C THR A 9 -6.85 -4.07 7.74
N GLY A 10 -7.62 -4.34 6.69
CA GLY A 10 -8.86 -3.66 6.46
C GLY A 10 -9.66 -4.28 5.34
N THR A 11 -10.79 -3.68 4.99
CA THR A 11 -11.63 -4.21 3.94
C THR A 11 -11.83 -3.20 2.82
N ILE A 12 -11.38 -3.53 1.62
CA ILE A 12 -11.52 -2.65 0.47
C ILE A 12 -12.87 -2.88 -0.19
N GLN A 13 -13.51 -1.79 -0.61
CA GLN A 13 -14.79 -1.86 -1.28
C GLN A 13 -14.64 -2.52 -2.65
N GLY A 14 -15.60 -3.35 -3.00
CA GLY A 14 -15.53 -4.06 -4.27
C GLY A 14 -15.59 -3.13 -5.46
N LYS A 15 -14.74 -3.38 -6.45
CA LYS A 15 -14.64 -2.55 -7.65
C LYS A 15 -14.27 -1.12 -7.30
N GLY A 16 -13.16 -0.96 -6.60
CA GLY A 16 -12.68 0.35 -6.24
C GLY A 16 -11.22 0.33 -5.86
N GLU A 17 -10.74 1.44 -5.35
CA GLU A 17 -9.35 1.57 -4.95
C GLU A 17 -9.23 2.47 -3.74
N VAL A 18 -8.09 2.42 -3.06
CA VAL A 18 -7.84 3.31 -1.93
C VAL A 18 -6.43 3.84 -1.95
N CYS A 19 -6.26 4.99 -1.32
CA CYS A 19 -4.98 5.65 -1.24
C CYS A 19 -4.43 5.62 0.18
N ILE A 20 -3.39 4.83 0.39
CA ILE A 20 -2.75 4.76 1.69
C ILE A 20 -1.23 4.72 1.52
N ILE A 21 -0.53 4.75 2.65
CA ILE A 21 0.94 4.71 2.65
C ILE A 21 1.45 4.71 4.08
N GLY A 22 0.76 5.42 4.95
CA GLY A 22 1.18 5.50 6.34
C GLY A 22 1.99 6.75 6.60
N ASN A 23 2.99 6.97 5.77
CA ASN A 23 3.85 8.14 5.88
C ASN A 23 3.17 9.35 5.26
N LYS A 24 2.98 10.37 6.08
CA LYS A 24 2.35 11.60 5.63
C LYS A 24 3.35 12.76 5.71
N GLU A 25 4.27 12.67 6.66
CA GLU A 25 5.24 13.72 6.89
C GLU A 25 6.60 13.33 6.32
N GLY A 26 6.90 13.83 5.14
CA GLY A 26 8.18 13.58 4.52
C GLY A 26 9.17 14.69 4.81
N LYS A 27 10.22 14.37 5.54
CA LYS A 27 11.20 15.37 5.95
C LYS A 27 12.56 14.73 6.20
N THR A 28 12.55 13.55 6.81
CA THR A 28 13.78 12.84 7.12
C THR A 28 14.23 11.99 5.93
N ARG A 29 15.54 11.81 5.78
CA ARG A 29 16.09 11.00 4.71
C ARG A 29 15.92 9.51 5.03
N GLY A 30 14.91 8.91 4.42
CA GLY A 30 14.62 7.51 4.66
C GLY A 30 13.14 7.24 4.65
N GLY A 31 12.72 6.15 4.04
CA GLY A 31 11.30 5.86 3.94
C GLY A 31 11.02 4.40 3.66
N GLU A 32 9.75 4.09 3.45
CA GLU A 32 9.30 2.72 3.24
C GLU A 32 8.92 2.51 1.77
N LEU A 33 9.06 1.26 1.31
CA LEU A 33 8.66 0.90 -0.05
C LEU A 33 8.57 -0.62 -0.21
N TYR A 34 8.58 -1.33 0.91
CA TYR A 34 8.43 -2.78 0.93
C TYR A 34 7.06 -3.12 1.51
N ALA A 35 6.30 -3.94 0.79
CA ALA A 35 4.94 -4.22 1.20
C ALA A 35 4.49 -5.58 0.68
N VAL A 36 3.94 -6.37 1.57
CA VAL A 36 3.40 -7.67 1.23
C VAL A 36 1.89 -7.65 1.39
N LEU A 37 1.15 -7.75 0.30
CA LEU A 37 -0.30 -7.79 0.39
C LEU A 37 -0.71 -9.21 0.77
N HIS A 38 -1.55 -9.33 1.78
CA HIS A 38 -2.14 -10.61 2.16
C HIS A 38 -3.65 -10.49 2.14
N SER A 39 -4.33 -11.59 2.35
CA SER A 39 -5.79 -11.59 2.45
C SER A 39 -6.26 -12.81 3.22
N THR A 40 -7.43 -12.71 3.82
CA THR A 40 -8.07 -13.84 4.46
C THR A 40 -8.77 -14.70 3.40
N ASN A 41 -8.06 -14.90 2.30
CA ASN A 41 -8.57 -15.57 1.11
C ASN A 41 -7.40 -16.08 0.30
N VAL A 42 -7.63 -17.04 -0.58
CA VAL A 42 -6.60 -17.45 -1.54
C VAL A 42 -6.34 -16.29 -2.49
N ASN A 43 -7.41 -15.84 -3.11
CA ASN A 43 -7.43 -14.59 -3.85
C ASN A 43 -8.76 -13.93 -3.61
N ALA A 44 -8.77 -12.90 -2.78
CA ALA A 44 -9.98 -12.16 -2.52
C ALA A 44 -10.45 -11.54 -3.82
N ASP A 45 -9.80 -10.43 -4.19
CA ASP A 45 -10.00 -9.79 -5.49
C ASP A 45 -9.38 -8.41 -5.49
N MET A 46 -8.11 -8.30 -5.14
CA MET A 46 -7.46 -7.00 -5.09
C MET A 46 -6.00 -7.08 -5.50
N THR A 47 -5.48 -5.96 -6.00
CA THR A 47 -4.09 -5.84 -6.40
C THR A 47 -3.45 -4.62 -5.75
N LEU A 48 -2.23 -4.80 -5.30
CA LEU A 48 -1.43 -3.72 -4.76
C LEU A 48 -0.80 -2.95 -5.92
N ILE A 49 -0.65 -1.65 -5.78
CA ILE A 49 0.07 -0.87 -6.78
C ILE A 49 0.99 0.16 -6.11
N LEU A 50 2.25 0.15 -6.53
CA LEU A 50 3.22 1.14 -6.11
C LEU A 50 3.30 2.23 -7.13
N LEU A 51 2.77 3.40 -6.82
CA LEU A 51 2.82 4.50 -7.74
C LEU A 51 3.35 5.75 -7.07
N ARG A 52 4.00 6.59 -7.87
CA ARG A 52 4.49 7.86 -7.40
C ARG A 52 3.81 8.97 -8.19
N ASN A 53 2.90 9.67 -7.54
CA ASN A 53 2.17 10.76 -8.17
C ASN A 53 2.17 11.98 -7.27
N VAL A 54 1.85 13.13 -7.84
CA VAL A 54 1.75 14.36 -7.08
C VAL A 54 1.51 15.54 -8.01
N GLY A 55 1.89 15.37 -9.28
CA GLY A 55 1.62 16.39 -10.27
C GLY A 55 0.73 15.88 -11.39
N GLY A 56 0.08 14.75 -11.16
CA GLY A 56 -0.76 14.15 -12.18
C GLY A 56 -2.21 13.98 -11.74
N ASN A 57 -2.52 14.52 -10.56
CA ASN A 57 -3.88 14.47 -10.00
C ASN A 57 -4.31 13.05 -9.61
N GLY A 58 -4.69 12.88 -8.36
CA GLY A 58 -5.18 11.60 -7.88
C GLY A 58 -4.07 10.57 -7.75
N TRP A 59 -4.40 9.31 -8.01
CA TRP A 59 -3.42 8.22 -7.97
C TRP A 59 -3.76 7.19 -9.03
N GLY A 60 -2.74 6.52 -9.55
CA GLY A 60 -2.94 5.54 -10.60
C GLY A 60 -2.29 4.21 -10.27
N GLU A 61 -2.34 3.28 -11.22
CA GLU A 61 -1.72 1.96 -11.05
C GLU A 61 -0.40 1.87 -11.81
N ILE A 62 0.56 1.13 -11.25
CA ILE A 62 1.78 0.78 -11.99
C ILE A 62 2.49 -0.45 -11.39
N LYS A 63 3.48 -0.27 -10.52
CA LYS A 63 4.37 -1.38 -10.18
C LYS A 63 4.09 -1.98 -8.81
N ARG A 64 3.16 -2.92 -8.72
CA ARG A 64 3.05 -3.72 -7.51
C ARG A 64 2.54 -5.12 -7.79
N ASN A 65 2.39 -5.88 -6.73
CA ASN A 65 2.14 -7.31 -6.81
C ASN A 65 0.70 -7.66 -6.43
N ASP A 66 0.31 -8.90 -6.67
CA ASP A 66 -1.02 -9.37 -6.30
C ASP A 66 -1.06 -9.82 -4.84
N ILE A 67 -2.11 -10.53 -4.46
CA ILE A 67 -2.33 -10.89 -3.07
C ILE A 67 -1.47 -12.06 -2.62
N ASP A 68 -1.11 -12.02 -1.36
CA ASP A 68 -0.17 -12.97 -0.74
C ASP A 68 1.16 -12.96 -1.47
N LYS A 69 1.55 -11.77 -1.91
CA LYS A 69 2.81 -11.61 -2.62
C LYS A 69 3.59 -10.45 -2.00
N PRO A 70 4.89 -10.66 -1.72
CA PRO A 70 5.75 -9.65 -1.18
C PRO A 70 6.49 -8.87 -2.27
N LEU A 71 6.55 -7.57 -2.13
CA LEU A 71 7.28 -6.75 -3.08
C LEU A 71 8.17 -5.76 -2.34
N LYS A 72 9.47 -5.90 -2.54
CA LYS A 72 10.45 -4.99 -1.94
C LYS A 72 11.00 -4.08 -3.02
N TYR A 73 11.36 -2.86 -2.65
CA TYR A 73 11.94 -1.92 -3.59
C TYR A 73 13.35 -2.33 -3.97
N GLU A 74 13.71 -2.09 -5.22
CA GLU A 74 15.04 -2.42 -5.72
C GLU A 74 15.91 -1.17 -5.75
N ASP A 75 15.27 -0.03 -5.94
CA ASP A 75 15.96 1.25 -6.02
C ASP A 75 15.16 2.30 -5.27
N TYR A 76 15.86 3.11 -4.48
CA TYR A 76 15.23 4.18 -3.72
C TYR A 76 15.94 5.50 -3.97
N TYR A 77 16.45 5.67 -5.18
CA TYR A 77 17.20 6.87 -5.52
C TYR A 77 16.29 7.91 -6.17
N THR A 78 16.16 7.83 -7.48
CA THR A 78 15.40 8.83 -8.22
C THR A 78 14.12 8.24 -8.80
N SER A 79 13.53 7.29 -8.09
CA SER A 79 12.33 6.62 -8.54
C SER A 79 11.08 7.46 -8.26
N GLY A 80 11.25 8.54 -7.50
CA GLY A 80 10.13 9.43 -7.24
C GLY A 80 10.28 10.22 -5.96
N LEU A 81 9.23 10.96 -5.62
CA LEU A 81 9.22 11.79 -4.43
C LEU A 81 8.31 11.16 -3.37
N SER A 82 7.02 11.37 -3.52
CA SER A 82 6.03 10.77 -2.64
C SER A 82 5.55 9.44 -3.22
N TRP A 83 5.17 8.51 -2.35
CA TRP A 83 4.75 7.19 -2.78
C TRP A 83 3.34 6.90 -2.31
N ILE A 84 2.63 6.08 -3.06
CA ILE A 84 1.28 5.70 -2.70
C ILE A 84 1.07 4.19 -2.82
N TRP A 85 0.31 3.64 -1.88
CA TRP A 85 -0.13 2.26 -1.94
C TRP A 85 -1.54 2.20 -2.50
N LYS A 86 -1.66 2.12 -3.81
CA LYS A 86 -2.97 2.10 -4.44
C LYS A 86 -3.52 0.68 -4.49
N ILE A 87 -4.44 0.39 -3.60
CA ILE A 87 -5.12 -0.91 -3.61
C ILE A 87 -6.28 -0.86 -4.58
N LYS A 88 -6.01 -1.26 -5.81
CA LYS A 88 -7.02 -1.34 -6.83
C LYS A 88 -7.59 -2.75 -6.84
N ASN A 89 -8.88 -2.84 -6.58
CA ASN A 89 -9.51 -4.12 -6.39
C ASN A 89 -9.99 -4.69 -7.74
N ASN A 90 -9.81 -6.00 -7.90
CA ASN A 90 -9.95 -6.68 -9.19
C ASN A 90 -11.41 -6.89 -9.58
N SER A 91 -12.22 -7.35 -8.65
CA SER A 91 -13.58 -7.75 -8.97
C SER A 91 -14.61 -6.81 -8.35
N SER A 92 -15.31 -7.28 -7.33
CA SER A 92 -16.40 -6.53 -6.74
C SER A 92 -16.72 -7.04 -5.34
N GLU A 93 -15.74 -7.61 -4.68
CA GLU A 93 -15.94 -8.17 -3.35
C GLU A 93 -15.27 -7.29 -2.30
N THR A 94 -15.85 -7.27 -1.12
CA THR A 94 -15.22 -6.59 0.00
C THR A 94 -14.07 -7.44 0.50
N SER A 95 -12.87 -7.11 0.05
CA SER A 95 -11.71 -7.94 0.34
C SER A 95 -10.97 -7.48 1.58
N ASN A 96 -10.76 -8.41 2.51
CA ASN A 96 -9.98 -8.15 3.70
C ASN A 96 -8.49 -8.30 3.37
N TYR A 97 -7.76 -7.20 3.45
CA TYR A 97 -6.35 -7.19 3.11
C TYR A 97 -5.48 -7.05 4.34
N SER A 98 -4.34 -7.70 4.33
CA SER A 98 -3.33 -7.52 5.36
C SER A 98 -2.02 -7.06 4.71
N LEU A 99 -1.81 -5.75 4.71
CA LEU A 99 -0.66 -5.16 4.04
C LEU A 99 0.55 -5.10 4.95
N ASP A 100 1.51 -6.00 4.72
CA ASP A 100 2.72 -6.10 5.53
C ASP A 100 3.76 -5.09 5.06
N ALA A 101 3.90 -4.00 5.79
CA ALA A 101 4.93 -3.01 5.48
C ALA A 101 5.91 -2.91 6.64
N THR A 102 7.15 -3.35 6.42
CA THR A 102 8.16 -3.34 7.47
C THR A 102 9.57 -3.14 6.93
N VAL A 103 9.99 -1.89 6.78
CA VAL A 103 11.35 -1.56 6.41
C VAL A 103 11.98 -0.67 7.47
N HIS A 104 13.29 -0.43 7.36
CA HIS A 104 14.00 0.44 8.28
C HIS A 104 13.45 1.87 8.26
N ASP A 105 12.40 2.11 9.04
CA ASP A 105 11.83 3.43 9.21
C ASP A 105 12.51 4.13 10.38
N ASP A 106 12.26 5.42 10.55
CA ASP A 106 12.87 6.18 11.62
C ASP A 106 11.82 6.68 12.62
N LYS A 107 10.94 7.56 12.17
CA LYS A 107 9.92 8.13 13.05
C LYS A 107 8.72 8.64 12.26
N GLU A 108 7.64 7.87 12.27
CA GLU A 108 6.39 8.29 11.66
C GLU A 108 5.22 7.52 12.27
N ASP A 109 4.02 8.00 12.00
CA ASP A 109 2.80 7.37 12.50
C ASP A 109 1.88 7.04 11.33
N SER A 110 1.47 5.79 11.25
CA SER A 110 0.68 5.29 10.13
C SER A 110 -0.70 5.93 10.07
N ASP A 111 -0.83 6.95 9.25
CA ASP A 111 -2.12 7.63 9.06
C ASP A 111 -2.98 6.87 8.06
N VAL A 112 -4.29 6.99 8.20
CA VAL A 112 -5.22 6.26 7.35
C VAL A 112 -6.41 7.13 6.95
N LEU A 113 -7.06 6.75 5.85
CA LEU A 113 -8.23 7.46 5.37
C LEU A 113 -9.46 6.56 5.41
N THR A 114 -10.58 7.11 5.82
CA THR A 114 -11.82 6.36 5.90
C THR A 114 -12.39 6.08 4.51
N LYS A 115 -12.17 7.01 3.60
CA LYS A 115 -12.61 6.89 2.22
C LYS A 115 -11.70 7.70 1.32
N CYS A 116 -11.60 7.31 0.06
CA CYS A 116 -10.70 7.98 -0.86
C CYS A 116 -11.45 8.57 -2.05
N PRO A 117 -11.02 9.75 -2.50
CA PRO A 117 -11.61 10.43 -3.66
C PRO A 117 -11.02 9.93 -4.97
N VAL A 118 -10.10 8.98 -4.88
CA VAL A 118 -9.45 8.41 -6.06
C VAL A 118 -9.44 6.90 -5.96
N ARG A 1 9.61 -15.70 15.24
CA ARG A 1 10.78 -14.85 15.45
C ARG A 1 10.70 -13.60 14.59
N ILE A 2 9.72 -12.76 14.91
CA ILE A 2 9.55 -11.48 14.23
C ILE A 2 9.39 -10.38 15.26
N PRO A 3 10.23 -9.33 15.18
CA PRO A 3 10.23 -8.22 16.14
C PRO A 3 8.88 -7.52 16.23
N ASN A 4 8.53 -6.76 15.20
CA ASN A 4 7.27 -6.03 15.17
C ASN A 4 6.91 -5.67 13.73
N ILE A 5 5.64 -5.84 13.39
CA ILE A 5 5.17 -5.52 12.05
C ILE A 5 3.80 -4.86 12.12
N ALA A 6 3.67 -3.73 11.45
CA ALA A 6 2.40 -3.03 11.39
C ALA A 6 1.54 -3.62 10.28
N THR A 7 0.82 -4.68 10.63
CA THR A 7 0.00 -5.37 9.67
C THR A 7 -1.36 -4.68 9.50
N TYR A 8 -1.58 -4.12 8.32
CA TYR A 8 -2.84 -3.46 8.02
C TYR A 8 -3.86 -4.47 7.55
N THR A 9 -4.53 -5.10 8.49
CA THR A 9 -5.58 -6.05 8.18
C THR A 9 -6.91 -5.30 7.97
N GLY A 10 -6.95 -4.51 6.90
CA GLY A 10 -8.12 -3.69 6.62
C GLY A 10 -9.04 -4.33 5.60
N THR A 11 -10.19 -3.72 5.39
CA THR A 11 -11.15 -4.24 4.44
C THR A 11 -11.31 -3.30 3.25
N ILE A 12 -11.15 -3.83 2.05
CA ILE A 12 -11.29 -3.04 0.83
C ILE A 12 -12.67 -3.27 0.22
N GLN A 13 -13.27 -2.21 -0.30
CA GLN A 13 -14.60 -2.29 -0.90
C GLN A 13 -14.58 -3.15 -2.15
N GLY A 14 -15.71 -3.78 -2.44
CA GLY A 14 -15.83 -4.57 -3.65
C GLY A 14 -15.69 -3.71 -4.90
N LYS A 15 -14.71 -4.04 -5.74
CA LYS A 15 -14.40 -3.25 -6.93
C LYS A 15 -13.93 -1.86 -6.56
N GLY A 16 -13.18 -1.76 -5.46
CA GLY A 16 -12.70 -0.48 -4.99
C GLY A 16 -11.19 -0.35 -5.08
N GLU A 17 -10.72 0.88 -5.26
CA GLU A 17 -9.29 1.15 -5.38
C GLU A 17 -8.92 2.43 -4.63
N VAL A 18 -8.08 2.28 -3.61
CA VAL A 18 -7.70 3.41 -2.78
C VAL A 18 -6.19 3.59 -2.74
N CYS A 19 -5.75 4.77 -2.33
CA CYS A 19 -4.34 5.11 -2.33
C CYS A 19 -3.89 5.63 -0.97
N ILE A 20 -2.93 4.95 -0.37
CA ILE A 20 -2.29 5.43 0.86
C ILE A 20 -1.06 6.25 0.51
N ILE A 21 -0.31 6.68 1.53
CA ILE A 21 0.79 7.63 1.35
C ILE A 21 2.00 7.03 0.62
N GLY A 22 3.17 7.62 0.87
CA GLY A 22 4.37 7.29 0.11
C GLY A 22 4.95 5.93 0.46
N ASN A 23 6.18 5.67 0.02
CA ASN A 23 6.83 4.37 0.24
C ASN A 23 8.24 4.56 0.78
N LYS A 24 8.62 3.79 1.82
CA LYS A 24 10.00 3.81 2.37
C LYS A 24 10.12 2.93 3.61
N GLU A 25 11.37 2.80 4.10
CA GLU A 25 11.67 2.18 5.39
C GLU A 25 11.49 0.66 5.41
N GLY A 26 11.91 0.05 6.50
CA GLY A 26 11.87 -1.40 6.63
C GLY A 26 12.78 -2.07 5.63
N LYS A 27 14.05 -1.71 5.67
CA LYS A 27 15.02 -2.19 4.69
C LYS A 27 15.66 -3.49 5.16
N THR A 28 15.09 -4.60 4.75
CA THR A 28 15.67 -5.91 5.02
C THR A 28 16.77 -6.21 4.01
N ARG A 29 16.90 -5.33 3.01
CA ARG A 29 17.89 -5.49 1.94
C ARG A 29 18.08 -4.15 1.24
N GLY A 30 18.97 -4.13 0.25
CA GLY A 30 19.13 -2.95 -0.58
C GLY A 30 17.86 -2.66 -1.36
N GLY A 31 17.07 -1.74 -0.84
CA GLY A 31 15.75 -1.49 -1.36
C GLY A 31 14.71 -1.71 -0.30
N GLU A 32 14.29 -0.62 0.34
CA GLU A 32 13.47 -0.70 1.55
C GLU A 32 12.06 -1.20 1.27
N LEU A 33 11.68 -1.24 0.01
CA LEU A 33 10.29 -1.53 -0.33
C LEU A 33 9.97 -3.01 -0.23
N TYR A 34 9.83 -3.47 1.01
CA TYR A 34 9.18 -4.74 1.31
C TYR A 34 8.04 -4.52 2.32
N ALA A 35 6.84 -4.93 1.91
CA ALA A 35 5.67 -4.98 2.77
C ALA A 35 4.73 -6.00 2.20
N VAL A 36 4.62 -7.14 2.85
CA VAL A 36 3.93 -8.26 2.24
C VAL A 36 2.42 -8.12 2.39
N LEU A 37 1.78 -7.88 1.26
CA LEU A 37 0.33 -7.86 1.22
C LEU A 37 -0.18 -9.29 1.15
N HIS A 38 -1.13 -9.60 2.02
CA HIS A 38 -1.76 -10.91 2.04
C HIS A 38 -3.21 -10.81 1.63
N SER A 39 -3.81 -11.93 1.27
CA SER A 39 -5.14 -11.96 0.72
C SER A 39 -6.10 -12.74 1.63
N THR A 40 -7.15 -12.07 2.10
CA THR A 40 -8.16 -12.73 2.92
C THR A 40 -9.50 -12.75 2.20
N ASN A 41 -9.56 -13.48 1.10
CA ASN A 41 -10.80 -13.66 0.35
C ASN A 41 -10.60 -14.69 -0.74
N VAL A 42 -11.68 -15.36 -1.15
CA VAL A 42 -11.62 -16.33 -2.24
C VAL A 42 -11.07 -15.68 -3.51
N ASN A 43 -11.83 -14.73 -4.04
CA ASN A 43 -11.35 -13.94 -5.16
C ASN A 43 -10.73 -12.65 -4.64
N ALA A 44 -9.62 -12.79 -3.93
CA ALA A 44 -8.91 -11.64 -3.40
C ALA A 44 -8.16 -10.96 -4.52
N ASP A 45 -8.92 -10.40 -5.44
CA ASP A 45 -8.38 -9.83 -6.67
C ASP A 45 -7.83 -8.44 -6.43
N MET A 46 -6.87 -8.33 -5.53
CA MET A 46 -6.30 -7.03 -5.21
C MET A 46 -4.92 -6.91 -5.81
N THR A 47 -4.73 -5.88 -6.61
CA THR A 47 -3.43 -5.59 -7.18
C THR A 47 -2.80 -4.45 -6.40
N LEU A 48 -1.70 -4.73 -5.72
CA LEU A 48 -1.00 -3.69 -5.00
C LEU A 48 -0.09 -2.97 -5.97
N ILE A 49 -0.52 -1.81 -6.42
CA ILE A 49 0.24 -1.08 -7.42
C ILE A 49 1.04 0.01 -6.76
N LEU A 50 2.34 -0.20 -6.79
CA LEU A 50 3.27 0.78 -6.32
C LEU A 50 3.46 1.82 -7.39
N LEU A 51 2.89 2.98 -7.12
CA LEU A 51 2.82 4.01 -8.12
C LEU A 51 3.20 5.37 -7.55
N ARG A 52 3.69 6.24 -8.42
CA ARG A 52 4.01 7.60 -8.04
C ARG A 52 3.92 8.54 -9.25
N ASN A 53 2.88 9.34 -9.27
CA ASN A 53 2.73 10.42 -10.25
C ASN A 53 2.25 11.67 -9.54
N VAL A 54 2.29 12.79 -10.23
CA VAL A 54 1.76 14.04 -9.68
C VAL A 54 1.69 15.11 -10.76
N GLY A 55 2.52 14.97 -11.79
CA GLY A 55 2.46 15.87 -12.93
C GLY A 55 1.31 15.50 -13.84
N GLY A 56 0.75 14.32 -13.62
CA GLY A 56 -0.38 13.86 -14.40
C GLY A 56 -1.59 13.61 -13.53
N ASN A 57 -2.77 13.81 -14.11
CA ASN A 57 -4.02 13.59 -13.41
C ASN A 57 -4.35 12.10 -13.41
N GLY A 58 -4.63 11.57 -12.24
CA GLY A 58 -4.92 10.15 -12.13
C GLY A 58 -3.67 9.34 -11.83
N TRP A 59 -3.83 8.30 -11.04
CA TRP A 59 -2.69 7.48 -10.63
C TRP A 59 -2.38 6.44 -11.69
N GLY A 60 -1.17 6.50 -12.27
CA GLY A 60 -0.81 5.56 -13.31
C GLY A 60 0.68 5.26 -13.40
N GLU A 61 1.22 4.61 -12.38
CA GLU A 61 2.60 4.13 -12.40
C GLU A 61 2.63 2.63 -12.70
N ILE A 62 3.79 2.12 -13.05
CA ILE A 62 3.90 0.82 -13.69
C ILE A 62 4.08 -0.36 -12.73
N LYS A 63 4.33 -0.14 -11.43
CA LYS A 63 4.71 -1.27 -10.60
C LYS A 63 3.52 -1.96 -9.99
N ARG A 64 3.54 -3.28 -10.04
CA ARG A 64 2.45 -4.05 -9.46
C ARG A 64 2.97 -5.21 -8.63
N ASN A 65 2.65 -5.17 -7.35
CA ASN A 65 2.85 -6.31 -6.47
C ASN A 65 1.55 -7.12 -6.37
N ASP A 66 1.65 -8.34 -5.86
CA ASP A 66 0.52 -9.26 -5.83
C ASP A 66 -0.18 -9.26 -4.47
N ILE A 67 -1.06 -10.23 -4.27
CA ILE A 67 -1.80 -10.35 -3.01
C ILE A 67 -1.09 -11.30 -2.06
N ASP A 68 0.16 -11.59 -2.38
CA ASP A 68 1.01 -12.45 -1.57
C ASP A 68 2.45 -12.10 -1.87
N LYS A 69 2.77 -10.82 -1.73
CA LYS A 69 4.06 -10.29 -2.15
C LYS A 69 4.48 -9.10 -1.28
N PRO A 70 5.80 -8.90 -1.09
CA PRO A 70 6.34 -7.87 -0.23
C PRO A 70 6.77 -6.61 -0.99
N LEU A 71 5.97 -5.56 -0.88
CA LEU A 71 6.30 -4.24 -1.41
C LEU A 71 6.01 -3.21 -0.34
N LYS A 72 7.03 -2.48 0.10
CA LYS A 72 6.90 -1.57 1.27
C LYS A 72 6.33 -0.22 0.88
N TYR A 73 5.72 0.41 1.87
CA TYR A 73 5.34 1.81 1.80
C TYR A 73 5.64 2.53 3.12
N GLU A 74 5.53 3.85 3.08
CA GLU A 74 5.78 4.76 4.21
C GLU A 74 5.75 6.20 3.68
N ASP A 75 6.92 6.67 3.23
CA ASP A 75 7.04 7.91 2.46
C ASP A 75 8.51 8.20 2.18
N TYR A 76 8.84 8.38 0.91
CA TYR A 76 10.23 8.57 0.50
C TYR A 76 10.53 10.05 0.28
N TYR A 77 9.52 10.80 -0.12
CA TYR A 77 9.75 12.16 -0.60
C TYR A 77 8.92 13.20 0.15
N THR A 78 7.60 13.12 0.00
CA THR A 78 6.68 14.12 0.54
C THR A 78 6.97 15.52 -0.02
N SER A 79 7.65 15.56 -1.15
CA SER A 79 8.01 16.82 -1.79
C SER A 79 7.20 17.02 -3.07
N GLY A 80 7.77 16.62 -4.20
CA GLY A 80 7.10 16.77 -5.48
C GLY A 80 6.61 15.45 -6.00
N LEU A 81 7.54 14.51 -6.20
CA LEU A 81 7.19 13.17 -6.66
C LEU A 81 6.58 12.35 -5.54
N SER A 82 5.27 12.51 -5.35
CA SER A 82 4.53 11.80 -4.32
C SER A 82 4.33 10.34 -4.69
N TRP A 83 4.62 9.47 -3.75
CA TRP A 83 4.42 8.04 -3.95
C TRP A 83 3.07 7.64 -3.39
N ILE A 84 2.41 6.66 -4.00
CA ILE A 84 1.10 6.23 -3.55
C ILE A 84 1.01 4.71 -3.40
N TRP A 85 0.18 4.30 -2.44
CA TRP A 85 -0.15 2.90 -2.21
C TRP A 85 -1.54 2.59 -2.76
N LYS A 86 -1.63 2.19 -4.01
CA LYS A 86 -2.95 1.93 -4.58
C LYS A 86 -3.32 0.46 -4.44
N ILE A 87 -4.23 0.20 -3.53
CA ILE A 87 -4.82 -1.11 -3.40
C ILE A 87 -6.08 -1.17 -4.24
N LYS A 88 -5.94 -1.65 -5.48
CA LYS A 88 -7.07 -1.74 -6.37
C LYS A 88 -7.59 -3.16 -6.41
N ASN A 89 -8.75 -3.36 -5.83
CA ASN A 89 -9.38 -4.66 -5.81
C ASN A 89 -10.30 -4.78 -7.01
N ASN A 90 -9.94 -5.68 -7.90
CA ASN A 90 -10.54 -5.80 -9.24
C ASN A 90 -12.05 -5.98 -9.20
N SER A 91 -12.52 -6.82 -8.29
CA SER A 91 -13.94 -7.16 -8.26
C SER A 91 -14.35 -7.69 -6.90
N SER A 92 -15.21 -8.71 -6.89
CA SER A 92 -15.65 -9.37 -5.67
C SER A 92 -16.38 -8.39 -4.75
N GLU A 93 -16.42 -8.73 -3.49
CA GLU A 93 -17.03 -7.91 -2.49
C GLU A 93 -15.97 -7.51 -1.48
N THR A 94 -16.38 -6.82 -0.41
CA THR A 94 -15.45 -6.35 0.62
C THR A 94 -14.46 -7.44 1.05
N SER A 95 -13.24 -7.34 0.53
CA SER A 95 -12.20 -8.30 0.81
C SER A 95 -11.26 -7.77 1.88
N ASN A 96 -10.82 -8.65 2.75
CA ASN A 96 -9.85 -8.27 3.77
C ASN A 96 -8.44 -8.37 3.21
N TYR A 97 -7.66 -7.32 3.37
CA TYR A 97 -6.28 -7.33 2.95
C TYR A 97 -5.38 -7.26 4.18
N SER A 98 -4.22 -7.86 4.10
CA SER A 98 -3.26 -7.79 5.20
C SER A 98 -1.93 -7.24 4.71
N LEU A 99 -1.76 -5.94 4.83
CA LEU A 99 -0.53 -5.30 4.41
C LEU A 99 0.47 -5.27 5.56
N ASP A 100 1.39 -6.21 5.56
CA ASP A 100 2.39 -6.28 6.61
C ASP A 100 3.59 -5.41 6.28
N ALA A 101 3.56 -4.17 6.78
CA ALA A 101 4.64 -3.23 6.51
C ALA A 101 5.30 -2.79 7.82
N THR A 102 6.63 -2.71 7.81
CA THR A 102 7.37 -2.22 8.97
C THR A 102 7.59 -0.72 8.88
N VAL A 103 6.62 0.04 9.40
CA VAL A 103 6.70 1.50 9.34
C VAL A 103 7.72 2.04 10.33
N HIS A 104 8.15 3.28 10.11
CA HIS A 104 9.17 3.90 10.93
C HIS A 104 8.55 4.60 12.14
N ASP A 105 7.41 5.24 11.92
CA ASP A 105 6.72 5.96 12.99
C ASP A 105 5.35 5.34 13.24
N ASP A 106 4.58 5.96 14.13
CA ASP A 106 3.27 5.44 14.51
C ASP A 106 2.40 6.55 15.08
N LYS A 107 1.95 7.45 14.21
CA LYS A 107 1.03 8.50 14.59
C LYS A 107 0.39 9.10 13.34
N GLU A 108 0.09 8.23 12.39
CA GLU A 108 -0.43 8.65 11.10
C GLU A 108 -1.87 8.16 10.93
N ASP A 109 -2.54 7.94 12.06
CA ASP A 109 -3.89 7.36 12.11
C ASP A 109 -4.83 7.98 11.07
N SER A 110 -4.90 9.30 11.06
CA SER A 110 -5.86 10.02 10.23
C SER A 110 -5.51 9.97 8.73
N ASP A 111 -4.31 9.54 8.41
CA ASP A 111 -3.85 9.56 7.02
C ASP A 111 -3.82 8.16 6.42
N VAL A 112 -3.59 7.16 7.25
CA VAL A 112 -3.54 5.78 6.78
C VAL A 112 -4.94 5.15 6.75
N LEU A 113 -5.73 5.54 5.76
CA LEU A 113 -7.10 5.07 5.65
C LEU A 113 -7.41 4.63 4.22
N THR A 114 -8.37 3.74 4.10
CA THR A 114 -8.83 3.27 2.79
C THR A 114 -9.69 4.33 2.11
N LYS A 115 -9.07 5.46 1.78
CA LYS A 115 -9.80 6.58 1.22
C LYS A 115 -9.05 7.18 0.03
N CYS A 116 -9.74 7.30 -1.10
CA CYS A 116 -9.17 7.96 -2.28
C CYS A 116 -10.29 8.32 -3.25
N PRO A 117 -10.30 9.56 -3.75
CA PRO A 117 -11.25 10.03 -4.73
C PRO A 117 -10.69 9.98 -6.15
N VAL A 118 -9.83 9.01 -6.41
CA VAL A 118 -9.17 8.88 -7.69
C VAL A 118 -8.40 7.56 -7.73
N ARG A 1 15.62 -7.73 9.25
CA ARG A 1 14.45 -7.50 10.09
C ARG A 1 13.82 -6.15 9.78
N ILE A 2 12.50 -6.15 9.64
CA ILE A 2 11.75 -4.92 9.38
C ILE A 2 11.05 -4.47 10.65
N PRO A 3 11.50 -3.36 11.24
CA PRO A 3 10.99 -2.86 12.52
C PRO A 3 9.68 -2.10 12.40
N ASN A 4 9.70 -0.92 11.79
CA ASN A 4 8.53 -0.06 11.77
C ASN A 4 7.59 -0.38 10.61
N ILE A 5 7.00 -1.56 10.67
CA ILE A 5 5.99 -1.96 9.69
C ILE A 5 4.77 -2.50 10.43
N ALA A 6 3.59 -2.23 9.90
CA ALA A 6 2.36 -2.67 10.53
C ALA A 6 1.45 -3.36 9.52
N THR A 7 0.81 -4.43 9.97
CA THR A 7 -0.06 -5.23 9.12
C THR A 7 -1.51 -4.82 9.30
N TYR A 8 -2.06 -4.14 8.31
CA TYR A 8 -3.43 -3.70 8.34
C TYR A 8 -4.32 -4.71 7.64
N THR A 9 -5.21 -5.33 8.40
CA THR A 9 -6.08 -6.37 7.88
C THR A 9 -7.49 -5.82 7.62
N GLY A 10 -7.58 -4.84 6.74
CA GLY A 10 -8.85 -4.19 6.49
C GLY A 10 -9.59 -4.81 5.31
N THR A 11 -10.76 -4.28 5.01
CA THR A 11 -11.56 -4.76 3.91
C THR A 11 -11.66 -3.70 2.82
N ILE A 12 -11.01 -3.98 1.68
CA ILE A 12 -10.97 -3.05 0.56
C ILE A 12 -12.32 -3.01 -0.14
N GLN A 13 -12.70 -1.83 -0.62
CA GLN A 13 -14.00 -1.64 -1.26
C GLN A 13 -14.05 -2.33 -2.61
N GLY A 14 -15.27 -2.62 -3.06
CA GLY A 14 -15.45 -3.28 -4.33
C GLY A 14 -15.03 -2.42 -5.50
N LYS A 15 -14.18 -2.97 -6.35
CA LYS A 15 -13.66 -2.28 -7.53
C LYS A 15 -13.01 -0.95 -7.14
N GLY A 16 -12.25 -0.97 -6.05
CA GLY A 16 -11.68 0.25 -5.54
C GLY A 16 -10.16 0.25 -5.55
N GLU A 17 -9.59 1.43 -5.39
CA GLU A 17 -8.15 1.60 -5.32
C GLU A 17 -7.85 2.65 -4.25
N VAL A 18 -7.22 2.20 -3.17
CA VAL A 18 -7.16 2.99 -1.93
C VAL A 18 -5.81 2.82 -1.22
N CYS A 19 -5.58 3.68 -0.25
CA CYS A 19 -4.32 3.74 0.49
C CYS A 19 -4.33 2.85 1.71
N ILE A 20 -3.19 2.83 2.38
CA ILE A 20 -3.09 2.37 3.75
C ILE A 20 -2.20 3.33 4.53
N ILE A 21 -2.81 4.25 5.27
CA ILE A 21 -2.06 5.22 6.05
C ILE A 21 -1.53 4.58 7.32
N GLY A 22 -0.21 4.59 7.45
CA GLY A 22 0.42 4.02 8.62
C GLY A 22 0.24 4.85 9.87
N ASN A 23 -0.93 4.73 10.48
CA ASN A 23 -1.19 5.39 11.75
C ASN A 23 -0.69 4.54 12.90
N LYS A 24 0.51 4.86 13.37
CA LYS A 24 1.13 4.13 14.46
C LYS A 24 1.69 5.11 15.47
N GLU A 25 2.68 5.88 15.04
CA GLU A 25 3.26 6.93 15.88
C GLU A 25 2.85 8.30 15.33
N GLY A 26 1.76 8.31 14.59
CA GLY A 26 1.32 9.52 13.93
C GLY A 26 1.95 9.69 12.56
N LYS A 27 3.23 10.03 12.54
CA LYS A 27 3.96 10.18 11.30
C LYS A 27 4.73 8.90 10.97
N THR A 28 4.25 8.17 9.98
CA THR A 28 4.91 6.96 9.52
C THR A 28 6.30 7.26 8.98
N ARG A 29 7.32 6.71 9.62
CA ARG A 29 8.69 6.89 9.20
C ARG A 29 9.53 5.68 9.58
N GLY A 30 10.40 5.26 8.67
CA GLY A 30 11.22 4.08 8.92
C GLY A 30 10.90 2.98 7.93
N GLY A 31 11.76 2.81 6.94
CA GLY A 31 11.56 1.78 5.95
C GLY A 31 11.82 2.28 4.55
N GLU A 32 11.63 1.40 3.57
CA GLU A 32 11.86 1.75 2.17
C GLU A 32 10.76 1.18 1.29
N LEU A 33 11.09 0.88 0.04
CA LEU A 33 10.13 0.34 -0.91
C LEU A 33 9.93 -1.16 -0.67
N TYR A 34 9.27 -1.49 0.43
CA TYR A 34 8.96 -2.87 0.77
C TYR A 34 7.56 -2.97 1.37
N ALA A 35 6.75 -3.86 0.80
CA ALA A 35 5.41 -4.08 1.30
C ALA A 35 4.94 -5.48 0.93
N VAL A 36 4.34 -6.18 1.87
CA VAL A 36 3.76 -7.48 1.57
C VAL A 36 2.25 -7.44 1.74
N LEU A 37 1.53 -7.59 0.65
CA LEU A 37 0.09 -7.62 0.69
C LEU A 37 -0.39 -9.06 0.71
N HIS A 38 -0.92 -9.47 1.86
CA HIS A 38 -1.46 -10.81 2.01
C HIS A 38 -2.93 -10.82 1.61
N SER A 39 -3.46 -11.98 1.30
CA SER A 39 -4.85 -12.09 0.89
C SER A 39 -5.61 -13.03 1.82
N THR A 40 -5.99 -12.51 2.98
CA THR A 40 -6.69 -13.31 3.98
C THR A 40 -8.18 -13.35 3.71
N ASN A 41 -8.56 -13.70 2.48
CA ASN A 41 -9.96 -13.72 2.08
C ASN A 41 -10.14 -14.62 0.86
N VAL A 42 -11.39 -14.82 0.45
CA VAL A 42 -11.72 -15.74 -0.63
C VAL A 42 -11.16 -15.28 -1.96
N ASN A 43 -11.66 -14.15 -2.43
CA ASN A 43 -11.21 -13.61 -3.71
C ASN A 43 -10.01 -12.70 -3.52
N ALA A 44 -8.86 -13.20 -3.90
CA ALA A 44 -7.63 -12.43 -3.87
C ALA A 44 -7.58 -11.52 -5.09
N ASP A 45 -8.57 -10.67 -5.22
CA ASP A 45 -8.71 -9.78 -6.36
C ASP A 45 -8.03 -8.46 -6.09
N MET A 46 -7.02 -8.49 -5.23
CA MET A 46 -6.35 -7.28 -4.81
C MET A 46 -4.90 -7.31 -5.26
N THR A 47 -4.49 -6.28 -5.96
CA THR A 47 -3.12 -6.21 -6.42
C THR A 47 -2.38 -5.09 -5.70
N LEU A 48 -1.19 -5.41 -5.17
CA LEU A 48 -0.39 -4.42 -4.50
C LEU A 48 0.40 -3.65 -5.54
N ILE A 49 0.00 -2.42 -5.77
CA ILE A 49 0.60 -1.64 -6.82
C ILE A 49 1.24 -0.37 -6.26
N LEU A 50 2.47 -0.12 -6.70
CA LEU A 50 3.22 1.06 -6.30
C LEU A 50 2.69 2.26 -7.09
N LEU A 51 2.23 3.25 -6.35
CA LEU A 51 1.45 4.34 -6.91
C LEU A 51 2.19 5.65 -6.95
N ARG A 52 1.57 6.56 -7.67
CA ARG A 52 2.10 7.87 -8.04
C ARG A 52 1.82 8.95 -7.01
N ASN A 53 1.90 10.21 -7.46
CA ASN A 53 1.79 11.40 -6.62
C ASN A 53 0.61 11.37 -5.65
N VAL A 54 0.71 12.19 -4.61
CA VAL A 54 -0.39 12.35 -3.67
C VAL A 54 -0.72 13.84 -3.53
N GLY A 55 -1.96 14.18 -3.83
CA GLY A 55 -2.37 15.58 -3.80
C GLY A 55 -3.18 15.94 -5.03
N GLY A 56 -2.77 15.39 -6.16
CA GLY A 56 -3.54 15.55 -7.38
C GLY A 56 -4.74 14.64 -7.38
N ASN A 57 -5.78 15.04 -8.10
CA ASN A 57 -7.04 14.30 -8.12
C ASN A 57 -6.98 13.15 -9.10
N GLY A 58 -5.90 12.40 -9.04
CA GLY A 58 -5.70 11.29 -9.95
C GLY A 58 -4.59 10.37 -9.48
N TRP A 59 -4.93 9.13 -9.21
CA TRP A 59 -3.97 8.17 -8.69
C TRP A 59 -3.56 7.18 -9.78
N GLY A 60 -2.53 7.54 -10.53
CA GLY A 60 -2.07 6.70 -11.61
C GLY A 60 -1.15 5.59 -11.12
N GLU A 61 -1.40 4.37 -11.58
CA GLU A 61 -0.66 3.20 -11.13
C GLU A 61 0.65 3.03 -11.90
N ILE A 62 1.62 2.36 -11.28
CA ILE A 62 2.90 2.13 -11.92
C ILE A 62 3.32 0.66 -11.81
N LYS A 63 3.85 0.26 -10.65
CA LYS A 63 4.42 -1.08 -10.49
C LYS A 63 3.46 -2.02 -9.78
N ARG A 64 3.02 -3.06 -10.45
CA ARG A 64 2.07 -4.01 -9.86
C ARG A 64 2.78 -5.24 -9.29
N ASN A 65 2.21 -5.78 -8.22
CA ASN A 65 2.61 -7.07 -7.67
C ASN A 65 1.37 -7.87 -7.31
N ASP A 66 1.48 -9.20 -7.35
CA ASP A 66 0.31 -10.04 -7.11
C ASP A 66 0.02 -10.25 -5.63
N ILE A 67 -0.89 -11.17 -5.34
CA ILE A 67 -1.36 -11.40 -3.98
C ILE A 67 -0.40 -12.23 -3.15
N ASP A 68 -0.42 -11.97 -1.85
CA ASP A 68 0.43 -12.66 -0.88
C ASP A 68 1.89 -12.49 -1.27
N LYS A 69 2.22 -11.30 -1.74
CA LYS A 69 3.55 -11.02 -2.25
C LYS A 69 4.24 -9.90 -1.48
N PRO A 70 5.43 -10.19 -0.95
CA PRO A 70 6.30 -9.19 -0.35
C PRO A 70 7.16 -8.53 -1.42
N LEU A 71 6.80 -7.31 -1.77
CA LEU A 71 7.46 -6.60 -2.86
C LEU A 71 8.74 -5.93 -2.39
N LYS A 72 9.84 -6.29 -3.03
CA LYS A 72 11.12 -5.65 -2.78
C LYS A 72 11.60 -4.96 -4.04
N TYR A 73 11.54 -3.63 -4.05
CA TYR A 73 11.93 -2.86 -5.22
C TYR A 73 13.44 -2.62 -5.22
N GLU A 74 14.04 -2.70 -6.40
CA GLU A 74 15.46 -2.47 -6.54
C GLU A 74 15.73 -1.00 -6.85
N ASP A 75 16.62 -0.38 -6.05
CA ASP A 75 17.00 1.02 -6.20
C ASP A 75 15.83 1.95 -5.87
N TYR A 76 15.49 2.03 -4.60
CA TYR A 76 14.40 2.91 -4.15
C TYR A 76 14.90 4.33 -3.93
N TYR A 77 16.22 4.49 -3.84
CA TYR A 77 16.79 5.82 -3.63
C TYR A 77 16.72 6.63 -4.92
N THR A 78 16.46 7.93 -4.77
CA THR A 78 16.34 8.85 -5.91
C THR A 78 15.00 8.67 -6.64
N SER A 79 14.56 7.42 -6.77
CA SER A 79 13.28 7.12 -7.39
C SER A 79 12.12 7.41 -6.43
N GLY A 80 12.45 7.69 -5.18
CA GLY A 80 11.44 7.95 -4.17
C GLY A 80 10.89 9.36 -4.25
N LEU A 81 9.95 9.56 -5.16
CA LEU A 81 9.27 10.84 -5.30
C LEU A 81 8.00 10.83 -4.45
N SER A 82 6.92 11.34 -5.00
CA SER A 82 5.61 11.20 -4.39
C SER A 82 4.98 9.89 -4.84
N TRP A 83 4.70 9.01 -3.89
CA TRP A 83 4.21 7.68 -4.22
C TRP A 83 3.39 7.11 -3.07
N ILE A 84 2.63 6.05 -3.33
CA ILE A 84 1.81 5.42 -2.30
C ILE A 84 1.70 3.90 -2.52
N TRP A 85 1.41 3.15 -1.46
CA TRP A 85 1.11 1.73 -1.59
C TRP A 85 -0.39 1.58 -1.82
N LYS A 86 -0.79 1.23 -3.02
CA LYS A 86 -2.20 1.17 -3.35
C LYS A 86 -2.69 -0.26 -3.45
N ILE A 87 -3.87 -0.49 -2.90
CA ILE A 87 -4.56 -1.75 -3.09
C ILE A 87 -5.58 -1.60 -4.21
N LYS A 88 -5.34 -2.29 -5.32
CA LYS A 88 -6.26 -2.27 -6.44
C LYS A 88 -7.12 -3.53 -6.43
N ASN A 89 -8.40 -3.35 -6.15
CA ASN A 89 -9.33 -4.48 -6.08
C ASN A 89 -10.17 -4.55 -7.35
N ASN A 90 -10.23 -5.73 -7.93
CA ASN A 90 -10.86 -5.92 -9.24
C ASN A 90 -12.37 -6.01 -9.16
N SER A 91 -12.87 -6.77 -8.20
CA SER A 91 -14.29 -7.11 -8.19
C SER A 91 -15.03 -6.38 -7.07
N SER A 92 -16.35 -6.58 -7.03
CA SER A 92 -17.23 -5.82 -6.16
C SER A 92 -17.21 -6.31 -4.72
N GLU A 93 -16.55 -7.42 -4.46
CA GLU A 93 -16.55 -8.01 -3.13
C GLU A 93 -15.60 -7.25 -2.21
N THR A 94 -16.08 -6.92 -1.03
CA THR A 94 -15.23 -6.32 -0.01
C THR A 94 -14.21 -7.34 0.45
N SER A 95 -12.99 -7.20 -0.05
CA SER A 95 -11.97 -8.22 0.14
C SER A 95 -11.07 -7.86 1.31
N ASN A 96 -10.79 -8.85 2.15
CA ASN A 96 -9.94 -8.63 3.31
C ASN A 96 -8.47 -8.68 2.93
N TYR A 97 -7.81 -7.54 3.02
CA TYR A 97 -6.39 -7.46 2.71
C TYR A 97 -5.57 -7.46 4.00
N SER A 98 -4.40 -8.04 3.95
CA SER A 98 -3.48 -8.00 5.08
C SER A 98 -2.17 -7.37 4.65
N LEU A 99 -2.10 -6.06 4.79
CA LEU A 99 -0.99 -5.28 4.25
C LEU A 99 0.03 -4.92 5.31
N ASP A 100 1.23 -5.47 5.18
CA ASP A 100 2.34 -5.17 6.08
C ASP A 100 3.26 -4.15 5.41
N ALA A 101 2.99 -2.86 5.63
CA ALA A 101 3.74 -1.80 4.97
C ALA A 101 3.83 -0.54 5.83
N THR A 102 4.57 0.44 5.33
CA THR A 102 4.71 1.74 5.98
C THR A 102 4.60 2.86 4.93
N VAL A 103 3.40 3.43 4.83
CA VAL A 103 3.11 4.44 3.82
C VAL A 103 2.02 5.38 4.31
N HIS A 104 1.80 6.48 3.59
CA HIS A 104 0.85 7.49 4.02
C HIS A 104 -0.53 7.25 3.42
N ASP A 105 -1.15 8.33 2.98
CA ASP A 105 -2.57 8.31 2.58
C ASP A 105 -2.73 8.51 1.07
N ASP A 106 -3.91 8.16 0.56
CA ASP A 106 -4.15 8.19 -0.89
C ASP A 106 -5.66 8.26 -1.24
N LYS A 107 -6.46 7.23 -0.94
CA LYS A 107 -7.83 7.20 -1.44
C LYS A 107 -8.84 6.66 -0.40
N GLU A 108 -10.10 6.58 -0.83
CA GLU A 108 -11.21 6.25 0.05
C GLU A 108 -11.30 4.76 0.34
N ASP A 109 -10.83 4.35 1.51
CA ASP A 109 -10.96 2.97 1.94
C ASP A 109 -12.00 2.87 3.05
N SER A 110 -12.43 1.65 3.33
CA SER A 110 -13.46 1.40 4.32
C SER A 110 -12.89 0.91 5.65
N ASP A 111 -11.57 0.72 5.74
CA ASP A 111 -11.01 0.14 6.95
C ASP A 111 -9.73 0.79 7.43
N VAL A 112 -8.84 1.17 6.52
CA VAL A 112 -7.54 1.72 6.89
C VAL A 112 -7.67 2.92 7.86
N LEU A 113 -8.47 3.92 7.47
CA LEU A 113 -8.67 5.12 8.29
C LEU A 113 -9.61 6.08 7.57
N THR A 114 -10.09 7.08 8.30
CA THR A 114 -10.98 8.09 7.75
C THR A 114 -10.20 9.14 6.97
N LYS A 115 -8.99 9.46 7.43
CA LYS A 115 -8.16 10.44 6.76
C LYS A 115 -7.28 9.77 5.72
N CYS A 116 -7.74 9.77 4.48
CA CYS A 116 -7.05 9.09 3.39
C CYS A 116 -7.69 9.40 2.02
N PRO A 117 -9.04 9.28 1.88
CA PRO A 117 -9.78 9.45 0.62
C PRO A 117 -9.27 10.53 -0.34
N VAL A 118 -8.98 10.12 -1.57
CA VAL A 118 -8.86 11.06 -2.69
C VAL A 118 -10.15 10.97 -3.52
N ARG A 1 2.35 8.63 11.18
CA ARG A 1 3.70 8.41 10.68
C ARG A 1 3.95 6.91 10.49
N ILE A 2 4.37 6.53 9.29
CA ILE A 2 4.55 5.11 8.98
C ILE A 2 5.94 4.78 8.42
N PRO A 3 7.03 5.01 9.19
CA PRO A 3 8.39 4.71 8.77
C PRO A 3 8.84 3.27 9.08
N ASN A 4 8.12 2.57 9.96
CA ASN A 4 8.49 1.19 10.31
C ASN A 4 7.63 0.19 9.53
N ILE A 5 7.79 -1.09 9.83
CA ILE A 5 7.09 -2.14 9.09
C ILE A 5 6.06 -2.86 9.97
N ALA A 6 4.98 -3.28 9.34
CA ALA A 6 3.86 -3.91 10.03
C ALA A 6 3.00 -4.70 9.06
N THR A 7 1.99 -5.35 9.58
CA THR A 7 0.98 -5.97 8.76
C THR A 7 -0.40 -5.52 9.21
N TYR A 8 -1.13 -4.85 8.33
CA TYR A 8 -2.44 -4.30 8.65
C TYR A 8 -3.54 -5.29 8.33
N THR A 9 -4.74 -4.99 8.81
CA THR A 9 -5.92 -5.75 8.46
C THR A 9 -7.12 -4.81 8.32
N GLY A 10 -7.88 -4.96 7.24
CA GLY A 10 -9.02 -4.09 7.00
C GLY A 10 -9.87 -4.56 5.84
N THR A 11 -11.10 -4.08 5.75
CA THR A 11 -12.03 -4.54 4.74
C THR A 11 -12.13 -3.55 3.58
N ILE A 12 -11.86 -4.03 2.37
CA ILE A 12 -11.99 -3.21 1.17
C ILE A 12 -13.28 -3.56 0.45
N GLN A 13 -13.89 -2.58 -0.21
CA GLN A 13 -15.14 -2.81 -0.93
C GLN A 13 -14.85 -3.28 -2.34
N GLY A 14 -15.88 -3.78 -3.02
CA GLY A 14 -15.72 -4.23 -4.37
C GLY A 14 -15.41 -3.08 -5.31
N LYS A 15 -14.46 -3.31 -6.21
CA LYS A 15 -13.99 -2.27 -7.13
C LYS A 15 -13.44 -1.09 -6.34
N GLY A 16 -12.73 -1.41 -5.26
CA GLY A 16 -12.19 -0.39 -4.40
C GLY A 16 -10.74 -0.13 -4.67
N GLU A 17 -10.38 1.14 -4.64
CA GLU A 17 -8.99 1.55 -4.81
C GLU A 17 -8.61 2.47 -3.65
N VAL A 18 -7.70 2.01 -2.81
CA VAL A 18 -7.30 2.79 -1.64
C VAL A 18 -5.83 3.16 -1.71
N CYS A 19 -5.53 4.37 -1.29
CA CYS A 19 -4.17 4.87 -1.31
C CYS A 19 -3.70 5.19 0.09
N ILE A 20 -2.59 4.59 0.49
CA ILE A 20 -1.92 4.95 1.72
C ILE A 20 -0.75 5.87 1.41
N ILE A 21 -0.85 7.11 1.85
CA ILE A 21 0.20 8.08 1.61
C ILE A 21 1.51 7.61 2.23
N GLY A 22 2.56 7.60 1.42
CA GLY A 22 3.86 7.19 1.89
C GLY A 22 4.48 8.24 2.78
N ASN A 23 5.78 8.14 3.01
CA ASN A 23 6.44 9.03 3.96
C ASN A 23 6.63 10.41 3.34
N LYS A 24 5.95 11.38 3.93
CA LYS A 24 5.89 12.73 3.40
C LYS A 24 7.21 13.49 3.59
N GLU A 25 7.80 13.87 2.45
CA GLU A 25 8.96 14.77 2.40
C GLU A 25 10.22 14.13 2.95
N GLY A 26 11.18 13.86 2.07
CA GLY A 26 12.45 13.33 2.47
C GLY A 26 13.39 14.41 2.94
N LYS A 27 13.20 14.85 4.18
CA LYS A 27 14.04 15.89 4.78
C LYS A 27 15.45 15.36 5.03
N THR A 28 15.67 14.85 6.23
CA THR A 28 16.95 14.24 6.57
C THR A 28 16.91 12.75 6.25
N ARG A 29 15.70 12.26 6.03
CA ARG A 29 15.47 10.86 5.70
C ARG A 29 14.09 10.72 5.09
N GLY A 30 13.82 9.56 4.50
CA GLY A 30 12.51 9.31 3.94
C GLY A 30 11.66 8.49 4.88
N GLY A 31 11.88 7.19 4.85
CA GLY A 31 11.15 6.28 5.71
C GLY A 31 11.35 4.85 5.32
N GLU A 32 10.50 4.36 4.43
CA GLU A 32 10.64 3.01 3.90
C GLU A 32 10.14 2.93 2.47
N LEU A 33 10.24 1.75 1.90
CA LEU A 33 9.72 1.43 0.60
C LEU A 33 9.38 -0.05 0.61
N TYR A 34 9.02 -0.54 1.78
CA TYR A 34 8.67 -1.92 1.92
C TYR A 34 7.18 -2.10 2.17
N ALA A 35 6.61 -3.10 1.52
CA ALA A 35 5.19 -3.37 1.59
C ALA A 35 4.94 -4.84 1.26
N VAL A 36 3.99 -5.45 1.93
CA VAL A 36 3.61 -6.83 1.63
C VAL A 36 2.09 -6.95 1.62
N LEU A 37 1.55 -7.50 0.53
CA LEU A 37 0.10 -7.56 0.37
C LEU A 37 -0.41 -8.99 0.55
N HIS A 38 -1.55 -9.12 1.24
CA HIS A 38 -2.23 -10.40 1.38
C HIS A 38 -3.74 -10.17 1.31
N SER A 39 -4.49 -11.22 1.02
CA SER A 39 -5.94 -11.14 0.98
C SER A 39 -6.56 -12.48 1.38
N THR A 40 -6.87 -12.61 2.66
CA THR A 40 -7.42 -13.85 3.20
C THR A 40 -8.92 -14.00 2.88
N ASN A 41 -9.23 -14.12 1.59
CA ASN A 41 -10.62 -14.25 1.14
C ASN A 41 -10.70 -15.25 0.00
N VAL A 42 -11.88 -15.38 -0.59
CA VAL A 42 -12.05 -16.23 -1.76
C VAL A 42 -11.22 -15.70 -2.92
N ASN A 43 -11.62 -14.54 -3.43
CA ASN A 43 -10.93 -13.91 -4.53
C ASN A 43 -9.89 -12.94 -4.02
N ALA A 44 -8.64 -13.38 -4.00
CA ALA A 44 -7.52 -12.53 -3.63
C ALA A 44 -7.16 -11.60 -4.79
N ASP A 45 -8.17 -10.98 -5.38
CA ASP A 45 -8.01 -10.18 -6.58
C ASP A 45 -7.58 -8.76 -6.24
N MET A 46 -6.53 -8.65 -5.45
CA MET A 46 -6.01 -7.35 -5.05
C MET A 46 -4.64 -7.13 -5.66
N THR A 47 -4.38 -5.92 -6.10
CA THR A 47 -3.09 -5.60 -6.69
C THR A 47 -2.38 -4.53 -5.88
N LEU A 48 -1.21 -4.87 -5.38
CA LEU A 48 -0.40 -3.93 -4.62
C LEU A 48 0.43 -3.10 -5.59
N ILE A 49 0.07 -1.84 -5.74
CA ILE A 49 0.69 -1.01 -6.74
C ILE A 49 1.36 0.21 -6.13
N LEU A 50 2.65 0.36 -6.40
CA LEU A 50 3.43 1.49 -5.92
C LEU A 50 3.31 2.61 -6.92
N LEU A 51 2.48 3.58 -6.60
CA LEU A 51 2.14 4.60 -7.57
C LEU A 51 2.24 6.01 -7.03
N ARG A 52 2.80 6.92 -7.80
CA ARG A 52 2.79 8.31 -7.41
C ARG A 52 2.12 9.16 -8.48
N ASN A 53 0.92 9.61 -8.19
CA ASN A 53 0.24 10.60 -9.01
C ASN A 53 -0.31 11.69 -8.12
N VAL A 54 0.41 12.78 -8.00
CA VAL A 54 -0.07 13.91 -7.24
C VAL A 54 0.04 15.17 -8.08
N GLY A 55 -1.10 15.78 -8.35
CA GLY A 55 -1.15 16.87 -9.31
C GLY A 55 -1.41 16.34 -10.71
N GLY A 56 -1.88 15.10 -10.78
CA GLY A 56 -2.19 14.49 -12.06
C GLY A 56 -3.66 14.19 -12.21
N ASN A 57 -3.98 13.13 -12.95
CA ASN A 57 -5.37 12.77 -13.22
C ASN A 57 -5.99 12.03 -12.04
N GLY A 58 -5.18 11.25 -11.34
CA GLY A 58 -5.68 10.47 -10.23
C GLY A 58 -4.78 9.27 -9.96
N TRP A 59 -4.95 8.63 -8.81
CA TRP A 59 -4.12 7.49 -8.43
C TRP A 59 -4.27 6.35 -9.44
N GLY A 60 -3.35 6.27 -10.39
CA GLY A 60 -3.45 5.28 -11.46
C GLY A 60 -2.44 4.16 -11.33
N GLU A 61 -1.87 3.75 -12.45
CA GLU A 61 -0.97 2.61 -12.50
C GLU A 61 0.51 3.03 -12.61
N ILE A 62 1.34 2.45 -11.75
CA ILE A 62 2.79 2.54 -11.88
C ILE A 62 3.42 1.16 -11.70
N LYS A 63 3.87 0.86 -10.48
CA LYS A 63 4.54 -0.41 -10.20
C LYS A 63 3.60 -1.41 -9.50
N ARG A 64 3.09 -2.38 -10.25
CA ARG A 64 2.16 -3.37 -9.69
C ARG A 64 2.92 -4.55 -9.10
N ASN A 65 2.29 -5.28 -8.18
CA ASN A 65 2.83 -6.55 -7.71
C ASN A 65 1.72 -7.49 -7.23
N ASP A 66 2.08 -8.76 -7.14
CA ASP A 66 1.14 -9.86 -6.94
C ASP A 66 0.62 -9.92 -5.51
N ILE A 67 -0.42 -10.74 -5.30
CA ILE A 67 -1.03 -10.91 -3.98
C ILE A 67 -0.29 -11.95 -3.17
N ASP A 68 -0.41 -11.82 -1.84
CA ASP A 68 0.34 -12.67 -0.90
C ASP A 68 1.81 -12.63 -1.23
N LYS A 69 2.28 -11.45 -1.62
CA LYS A 69 3.63 -11.30 -2.11
C LYS A 69 4.27 -10.05 -1.55
N PRO A 70 5.48 -10.19 -1.01
CA PRO A 70 6.36 -9.07 -0.74
C PRO A 70 7.20 -8.79 -1.98
N LEU A 71 6.78 -7.80 -2.73
CA LEU A 71 7.49 -7.40 -3.94
C LEU A 71 7.64 -5.89 -3.94
N LYS A 72 8.79 -5.41 -3.53
CA LYS A 72 9.00 -3.99 -3.40
C LYS A 72 10.07 -3.48 -4.34
N TYR A 73 9.67 -2.54 -5.19
CA TYR A 73 10.53 -2.09 -6.27
C TYR A 73 10.44 -0.60 -6.49
N GLU A 74 11.58 0.01 -6.77
CA GLU A 74 11.70 1.41 -7.17
C GLU A 74 13.18 1.70 -7.39
N ASP A 75 13.48 2.78 -8.10
CA ASP A 75 14.85 3.15 -8.38
C ASP A 75 15.55 3.69 -7.14
N TYR A 76 15.80 2.80 -6.18
CA TYR A 76 16.57 3.16 -4.99
C TYR A 76 18.05 3.00 -5.29
N TYR A 77 18.34 2.61 -6.53
CA TYR A 77 19.71 2.44 -7.00
C TYR A 77 20.25 3.75 -7.53
N THR A 78 19.49 4.39 -8.40
CA THR A 78 19.88 5.66 -8.99
C THR A 78 19.18 6.82 -8.30
N SER A 79 17.94 7.08 -8.71
CA SER A 79 17.17 8.17 -8.14
C SER A 79 15.67 7.92 -8.28
N GLY A 80 15.00 7.78 -7.16
CA GLY A 80 13.57 7.53 -7.18
C GLY A 80 13.00 7.41 -5.79
N LEU A 81 11.89 8.10 -5.54
CA LEU A 81 11.25 8.09 -4.24
C LEU A 81 9.78 8.48 -4.35
N SER A 82 9.28 8.53 -5.57
CA SER A 82 7.90 8.93 -5.79
C SER A 82 7.00 7.71 -5.96
N TRP A 83 6.08 7.53 -5.01
CA TRP A 83 5.16 6.40 -5.03
C TRP A 83 4.17 6.50 -3.88
N ILE A 84 3.20 5.61 -3.87
CA ILE A 84 2.19 5.51 -2.81
C ILE A 84 1.80 4.06 -2.61
N TRP A 85 1.32 3.72 -1.41
CA TRP A 85 0.83 2.37 -1.13
C TRP A 85 -0.61 2.25 -1.64
N LYS A 86 -0.80 1.85 -2.89
CA LYS A 86 -2.14 1.75 -3.44
C LYS A 86 -2.61 0.30 -3.51
N ILE A 87 -3.77 0.04 -2.97
CA ILE A 87 -4.40 -1.27 -3.02
C ILE A 87 -5.69 -1.20 -3.83
N LYS A 88 -5.65 -1.74 -5.03
CA LYS A 88 -6.83 -1.81 -5.87
C LYS A 88 -7.24 -3.26 -6.03
N ASN A 89 -8.53 -3.52 -5.96
CA ASN A 89 -9.03 -4.87 -6.08
C ASN A 89 -9.98 -5.00 -7.26
N ASN A 90 -9.92 -6.14 -7.93
CA ASN A 90 -10.76 -6.38 -9.10
C ASN A 90 -12.06 -7.07 -8.69
N SER A 91 -12.09 -7.55 -7.45
CA SER A 91 -13.26 -8.21 -6.92
C SER A 91 -14.36 -7.21 -6.61
N SER A 92 -15.61 -7.61 -6.79
CA SER A 92 -16.74 -6.77 -6.42
C SER A 92 -17.22 -7.14 -5.03
N GLU A 93 -16.64 -8.22 -4.50
CA GLU A 93 -16.95 -8.70 -3.17
C GLU A 93 -16.11 -7.97 -2.12
N THR A 94 -16.71 -7.67 -0.98
CA THR A 94 -15.99 -7.08 0.13
C THR A 94 -14.89 -8.01 0.61
N SER A 95 -13.64 -7.59 0.45
CA SER A 95 -12.51 -8.42 0.78
C SER A 95 -11.72 -7.85 1.96
N ASN A 96 -11.42 -8.70 2.93
CA ASN A 96 -10.57 -8.32 4.05
C ASN A 96 -9.11 -8.47 3.65
N TYR A 97 -8.38 -7.37 3.64
CA TYR A 97 -7.00 -7.38 3.17
C TYR A 97 -6.02 -7.32 4.33
N SER A 98 -4.86 -7.92 4.13
CA SER A 98 -3.76 -7.79 5.05
C SER A 98 -2.74 -6.81 4.47
N LEU A 99 -2.86 -5.57 4.89
CA LEU A 99 -2.10 -4.47 4.31
C LEU A 99 -0.63 -4.50 4.72
N ASP A 100 0.16 -3.78 3.94
CA ASP A 100 1.60 -3.85 3.96
C ASP A 100 2.23 -3.08 5.10
N ALA A 101 3.50 -3.34 5.28
CA ALA A 101 4.31 -2.77 6.32
C ALA A 101 4.57 -1.29 6.17
N THR A 102 3.86 -0.51 6.95
CA THR A 102 4.27 0.85 7.28
C THR A 102 3.59 1.25 8.59
N VAL A 103 4.33 1.41 9.67
CA VAL A 103 3.69 1.61 10.96
C VAL A 103 4.51 2.45 11.94
N HIS A 104 3.84 2.81 13.05
CA HIS A 104 4.41 3.42 14.25
C HIS A 104 5.93 3.36 14.33
N ASP A 105 6.57 4.47 14.03
CA ASP A 105 7.99 4.63 14.22
C ASP A 105 8.28 6.09 14.58
N ASP A 106 9.39 6.64 14.10
CA ASP A 106 9.73 8.03 14.37
C ASP A 106 9.64 8.87 13.09
N LYS A 107 8.97 10.00 13.20
CA LYS A 107 8.84 10.94 12.10
C LYS A 107 8.36 12.29 12.63
N GLU A 108 8.34 13.29 11.78
CA GLU A 108 7.95 14.63 12.20
C GLU A 108 6.45 14.83 12.02
N ASP A 109 5.96 14.59 10.81
CA ASP A 109 4.55 14.75 10.52
C ASP A 109 3.94 13.45 9.99
N SER A 110 2.63 13.42 9.88
CA SER A 110 1.89 12.21 9.53
C SER A 110 1.96 11.89 8.04
N ASP A 111 1.86 10.61 7.70
CA ASP A 111 1.82 10.17 6.33
C ASP A 111 0.41 9.68 6.02
N VAL A 112 -0.07 8.74 6.83
CA VAL A 112 -1.41 8.20 6.66
C VAL A 112 -2.39 8.88 7.59
N LEU A 113 -3.29 9.67 7.01
CA LEU A 113 -4.34 10.32 7.80
C LEU A 113 -5.59 10.51 6.95
N THR A 114 -5.41 11.06 5.76
CA THR A 114 -6.52 11.32 4.85
C THR A 114 -7.12 10.03 4.32
N LYS A 115 -6.25 9.11 3.86
CA LYS A 115 -6.66 7.85 3.25
C LYS A 115 -7.34 8.11 1.91
N CYS A 116 -6.56 8.04 0.84
CA CYS A 116 -7.05 8.33 -0.49
C CYS A 116 -7.96 7.22 -0.99
N PRO A 117 -9.18 7.58 -1.41
CA PRO A 117 -10.13 6.64 -2.01
C PRO A 117 -10.02 6.60 -3.53
N VAL A 118 -8.79 6.73 -4.04
CA VAL A 118 -8.56 6.72 -5.47
C VAL A 118 -7.59 5.60 -5.82
N ARG A 1 0.17 -7.25 20.14
CA ARG A 1 0.58 -5.86 19.95
C ARG A 1 1.49 -5.73 18.74
N ILE A 2 1.04 -5.01 17.72
CA ILE A 2 1.86 -4.80 16.54
C ILE A 2 2.76 -3.59 16.74
N PRO A 3 4.07 -3.77 16.53
CA PRO A 3 5.07 -2.73 16.74
C PRO A 3 5.19 -1.76 15.56
N ASN A 4 6.35 -1.76 14.91
CA ASN A 4 6.66 -0.79 13.87
C ASN A 4 6.18 -1.23 12.49
N ILE A 5 5.25 -2.17 12.46
CA ILE A 5 4.70 -2.65 11.21
C ILE A 5 3.30 -2.09 10.99
N ALA A 6 3.18 -1.18 10.03
CA ALA A 6 1.89 -0.61 9.70
C ALA A 6 1.05 -1.64 8.97
N THR A 7 0.19 -2.33 9.70
CA THR A 7 -0.61 -3.40 9.15
C THR A 7 -2.04 -2.93 8.90
N TYR A 8 -2.43 -2.86 7.65
CA TYR A 8 -3.78 -2.48 7.31
C TYR A 8 -4.53 -3.71 6.82
N THR A 9 -4.93 -4.53 7.77
CA THR A 9 -5.70 -5.73 7.49
C THR A 9 -7.20 -5.39 7.50
N GLY A 10 -7.53 -4.31 6.83
CA GLY A 10 -8.90 -3.85 6.80
C GLY A 10 -9.69 -4.52 5.69
N THR A 11 -10.98 -4.69 5.92
CA THR A 11 -11.83 -5.26 4.91
C THR A 11 -12.26 -4.19 3.92
N ILE A 12 -12.13 -4.48 2.64
CA ILE A 12 -12.40 -3.50 1.62
C ILE A 12 -13.54 -3.98 0.71
N GLN A 13 -14.46 -3.07 0.42
CA GLN A 13 -15.65 -3.39 -0.36
C GLN A 13 -15.29 -3.60 -1.83
N GLY A 14 -16.27 -4.03 -2.62
CA GLY A 14 -16.08 -4.17 -4.04
C GLY A 14 -15.60 -2.89 -4.68
N LYS A 15 -14.69 -3.00 -5.64
CA LYS A 15 -14.01 -1.85 -6.21
C LYS A 15 -13.22 -1.17 -5.11
N GLY A 16 -12.35 -1.96 -4.50
CA GLY A 16 -11.58 -1.51 -3.37
C GLY A 16 -10.75 -0.30 -3.67
N GLU A 17 -10.53 0.52 -2.67
CA GLU A 17 -9.96 1.83 -2.89
C GLU A 17 -8.51 1.85 -2.49
N VAL A 18 -7.75 2.61 -3.27
CA VAL A 18 -6.38 2.26 -3.55
C VAL A 18 -5.38 3.26 -3.03
N CYS A 19 -5.18 3.26 -1.71
CA CYS A 19 -4.29 4.25 -1.10
C CYS A 19 -3.71 3.80 0.24
N ILE A 20 -2.39 3.68 0.32
CA ILE A 20 -1.71 3.61 1.61
C ILE A 20 -0.44 4.44 1.57
N ILE A 21 -0.51 5.64 2.12
CA ILE A 21 0.63 6.55 2.11
C ILE A 21 1.44 6.42 3.39
N GLY A 22 2.28 5.38 3.44
CA GLY A 22 3.09 5.14 4.61
C GLY A 22 4.52 5.63 4.44
N ASN A 23 4.84 6.11 3.26
CA ASN A 23 6.19 6.61 2.98
C ASN A 23 6.35 8.02 3.54
N LYS A 24 7.04 8.10 4.67
CA LYS A 24 7.32 9.38 5.30
C LYS A 24 8.81 9.47 5.64
N GLU A 25 9.24 8.67 6.61
CA GLU A 25 10.64 8.61 7.00
C GLU A 25 11.06 7.16 7.23
N GLY A 26 12.32 6.87 6.98
CA GLY A 26 12.80 5.52 7.13
C GLY A 26 14.24 5.36 6.68
N LYS A 27 14.67 4.12 6.55
CA LYS A 27 16.03 3.81 6.13
C LYS A 27 16.02 2.75 5.04
N THR A 28 16.94 2.86 4.09
CA THR A 28 17.01 1.93 2.98
C THR A 28 17.71 0.64 3.39
N ARG A 29 17.21 0.00 4.44
CA ARG A 29 17.77 -1.23 4.94
C ARG A 29 16.74 -1.99 5.77
N GLY A 30 16.16 -3.01 5.17
CA GLY A 30 15.12 -3.77 5.85
C GLY A 30 13.77 -3.10 5.72
N GLY A 31 13.61 -2.38 4.62
CA GLY A 31 12.37 -1.65 4.38
C GLY A 31 12.44 -0.80 3.14
N GLU A 32 13.31 -1.18 2.21
CA GLU A 32 13.48 -0.46 0.96
C GLU A 32 12.26 -0.69 0.05
N LEU A 33 11.26 0.17 0.22
CA LEU A 33 9.97 0.02 -0.46
C LEU A 33 9.42 -1.37 -0.21
N TYR A 34 9.44 -1.78 1.05
CA TYR A 34 8.98 -3.11 1.42
C TYR A 34 7.59 -3.04 2.03
N ALA A 35 6.64 -3.66 1.35
CA ALA A 35 5.29 -3.81 1.87
C ALA A 35 4.64 -5.03 1.23
N VAL A 36 3.98 -5.84 2.03
CA VAL A 36 3.35 -7.04 1.51
C VAL A 36 1.84 -6.93 1.59
N LEU A 37 1.19 -7.03 0.45
CA LEU A 37 -0.26 -7.08 0.39
C LEU A 37 -0.71 -8.52 0.55
N HIS A 38 -1.26 -8.83 1.71
CA HIS A 38 -1.68 -10.19 2.01
C HIS A 38 -3.17 -10.38 1.74
N SER A 39 -3.51 -11.54 1.20
CA SER A 39 -4.89 -11.89 0.95
C SER A 39 -5.39 -12.88 2.00
N THR A 40 -5.93 -12.36 3.10
CA THR A 40 -6.45 -13.19 4.17
C THR A 40 -7.90 -13.63 3.89
N ASN A 41 -8.18 -13.90 2.61
CA ASN A 41 -9.53 -14.26 2.20
C ASN A 41 -9.47 -15.25 1.04
N VAL A 42 -10.64 -15.67 0.57
CA VAL A 42 -10.74 -16.69 -0.47
C VAL A 42 -10.56 -16.12 -1.87
N ASN A 43 -11.34 -15.09 -2.19
CA ASN A 43 -11.34 -14.50 -3.53
C ASN A 43 -10.22 -13.46 -3.66
N ALA A 44 -9.00 -13.94 -3.78
CA ALA A 44 -7.83 -13.07 -3.84
C ALA A 44 -7.56 -12.59 -5.26
N ASP A 45 -8.01 -11.38 -5.54
CA ASP A 45 -7.70 -10.71 -6.78
C ASP A 45 -7.57 -9.22 -6.51
N MET A 46 -6.71 -8.90 -5.57
CA MET A 46 -6.50 -7.52 -5.15
C MET A 46 -5.17 -7.05 -5.71
N THR A 47 -5.20 -5.95 -6.42
CA THR A 47 -4.03 -5.50 -7.15
C THR A 47 -3.22 -4.48 -6.35
N LEU A 48 -1.99 -4.84 -6.02
CA LEU A 48 -1.09 -3.96 -5.30
C LEU A 48 -0.12 -3.33 -6.28
N ILE A 49 -0.17 -2.03 -6.43
CA ILE A 49 0.65 -1.37 -7.43
C ILE A 49 1.46 -0.23 -6.80
N LEU A 50 2.77 -0.28 -7.03
CA LEU A 50 3.72 0.67 -6.45
C LEU A 50 3.71 1.97 -7.26
N LEU A 51 3.45 3.08 -6.58
CA LEU A 51 3.28 4.36 -7.24
C LEU A 51 4.09 5.46 -6.58
N ARG A 52 4.36 6.52 -7.34
CA ARG A 52 4.82 7.77 -6.77
C ARG A 52 4.20 8.93 -7.52
N ASN A 53 3.19 9.53 -6.90
CA ASN A 53 2.48 10.66 -7.48
C ASN A 53 2.28 11.73 -6.42
N VAL A 54 2.12 12.97 -6.82
CA VAL A 54 1.89 14.05 -5.86
C VAL A 54 1.41 15.32 -6.55
N GLY A 55 1.45 15.34 -7.88
CA GLY A 55 0.99 16.49 -8.63
C GLY A 55 -0.45 16.34 -9.08
N GLY A 56 -1.36 16.28 -8.13
CA GLY A 56 -2.77 16.13 -8.44
C GLY A 56 -3.49 15.28 -7.41
N ASN A 57 -4.82 15.40 -7.38
CA ASN A 57 -5.61 14.63 -6.43
C ASN A 57 -5.98 13.28 -6.99
N GLY A 58 -5.02 12.38 -6.98
CA GLY A 58 -5.21 11.04 -7.47
C GLY A 58 -3.95 10.22 -7.29
N TRP A 59 -3.72 9.28 -8.20
CA TRP A 59 -2.48 8.50 -8.21
C TRP A 59 -2.13 8.11 -9.65
N GLY A 60 -0.84 8.00 -9.96
CA GLY A 60 -0.40 7.61 -11.30
C GLY A 60 0.36 6.30 -11.28
N GLU A 61 -0.19 5.27 -11.92
CA GLU A 61 0.26 3.89 -11.75
C GLU A 61 1.63 3.63 -12.37
N ILE A 62 2.40 2.75 -11.71
CA ILE A 62 3.70 2.33 -12.20
C ILE A 62 3.84 0.80 -12.17
N LYS A 63 4.28 0.25 -11.03
CA LYS A 63 4.62 -1.17 -10.95
C LYS A 63 3.51 -1.98 -10.30
N ARG A 64 2.84 -2.81 -11.09
CA ARG A 64 1.74 -3.64 -10.58
C ARG A 64 2.28 -4.95 -10.01
N ASN A 65 1.69 -5.40 -8.90
CA ASN A 65 2.08 -6.68 -8.29
C ASN A 65 0.85 -7.52 -7.94
N ASP A 66 1.13 -8.80 -7.72
CA ASP A 66 0.11 -9.82 -7.49
C ASP A 66 -0.37 -9.81 -6.03
N ILE A 67 -1.22 -10.78 -5.66
CA ILE A 67 -1.78 -10.84 -4.31
C ILE A 67 -0.93 -11.72 -3.42
N ASP A 68 -0.87 -11.36 -2.14
CA ASP A 68 -0.05 -12.06 -1.15
C ASP A 68 1.42 -12.00 -1.55
N LYS A 69 1.85 -10.81 -1.91
CA LYS A 69 3.22 -10.60 -2.39
C LYS A 69 3.87 -9.43 -1.70
N PRO A 70 5.12 -9.61 -1.24
CA PRO A 70 5.92 -8.55 -0.65
C PRO A 70 6.68 -7.75 -1.71
N LEU A 71 6.45 -6.45 -1.76
CA LEU A 71 7.16 -5.57 -2.68
C LEU A 71 8.52 -5.23 -2.11
N LYS A 72 9.56 -5.36 -2.94
CA LYS A 72 10.90 -4.95 -2.57
C LYS A 72 11.56 -4.21 -3.72
N TYR A 73 12.10 -3.03 -3.43
CA TYR A 73 12.78 -2.25 -4.44
C TYR A 73 14.19 -1.89 -4.00
N GLU A 74 15.18 -2.29 -4.78
CA GLU A 74 16.58 -2.08 -4.43
C GLU A 74 16.96 -0.62 -4.62
N ASP A 75 16.40 0.01 -5.64
CA ASP A 75 16.71 1.40 -5.97
C ASP A 75 15.56 2.02 -6.76
N TYR A 76 15.36 3.33 -6.61
CA TYR A 76 14.22 4.01 -7.25
C TYR A 76 14.64 4.72 -8.54
N TYR A 77 15.89 4.51 -8.94
CA TYR A 77 16.45 5.04 -10.19
C TYR A 77 16.71 6.54 -10.10
N THR A 78 15.66 7.32 -9.90
CA THR A 78 15.78 8.78 -9.88
C THR A 78 15.25 9.37 -8.57
N SER A 79 16.15 9.50 -7.59
CA SER A 79 15.82 10.09 -6.30
C SER A 79 14.67 9.34 -5.60
N GLY A 80 14.00 10.01 -4.67
CA GLY A 80 12.89 9.41 -3.97
C GLY A 80 11.76 10.38 -3.73
N LEU A 81 10.82 10.44 -4.67
CA LEU A 81 9.63 11.26 -4.52
C LEU A 81 8.67 10.61 -3.53
N SER A 82 7.48 11.18 -3.35
CA SER A 82 6.50 10.58 -2.48
C SER A 82 5.94 9.31 -3.11
N TRP A 83 6.12 8.19 -2.43
CA TRP A 83 5.64 6.90 -2.91
C TRP A 83 4.39 6.49 -2.17
N ILE A 84 3.64 5.58 -2.75
CA ILE A 84 2.40 5.12 -2.14
C ILE A 84 2.15 3.65 -2.47
N TRP A 85 1.50 2.96 -1.55
CA TRP A 85 1.07 1.59 -1.80
C TRP A 85 -0.38 1.59 -2.25
N LYS A 86 -0.57 1.65 -3.55
CA LYS A 86 -1.89 1.72 -4.15
C LYS A 86 -2.56 0.35 -4.09
N ILE A 87 -3.81 0.30 -3.59
CA ILE A 87 -4.52 -1.01 -3.51
C ILE A 87 -5.94 -0.99 -4.05
N LYS A 88 -6.12 -1.45 -5.28
CA LYS A 88 -7.45 -1.59 -5.86
C LYS A 88 -7.90 -3.02 -5.62
N ASN A 89 -9.12 -3.18 -5.13
CA ASN A 89 -9.56 -4.49 -4.67
C ASN A 89 -10.54 -5.15 -5.63
N ASN A 90 -10.12 -6.30 -6.14
CA ASN A 90 -11.00 -7.27 -6.77
C ASN A 90 -11.79 -6.66 -7.91
N SER A 91 -13.05 -6.35 -7.63
CA SER A 91 -14.02 -6.00 -8.64
C SER A 91 -15.39 -5.81 -8.01
N SER A 92 -16.27 -6.78 -8.18
CA SER A 92 -17.62 -6.70 -7.64
C SER A 92 -17.68 -7.27 -6.22
N GLU A 93 -16.77 -8.20 -5.94
CA GLU A 93 -16.79 -8.94 -4.69
C GLU A 93 -16.05 -8.21 -3.58
N THR A 94 -16.52 -8.42 -2.36
CA THR A 94 -15.87 -7.87 -1.18
C THR A 94 -14.72 -8.78 -0.74
N SER A 95 -13.61 -8.18 -0.33
CA SER A 95 -12.46 -8.92 0.14
C SER A 95 -11.79 -8.17 1.29
N ASN A 96 -10.82 -8.81 1.90
CA ASN A 96 -10.01 -8.14 2.91
C ASN A 96 -8.57 -8.12 2.45
N TYR A 97 -7.93 -6.97 2.56
CA TYR A 97 -6.53 -6.89 2.25
C TYR A 97 -5.74 -6.67 3.53
N SER A 98 -4.50 -7.06 3.53
CA SER A 98 -3.63 -6.79 4.65
C SER A 98 -2.34 -6.19 4.15
N LEU A 99 -2.24 -4.89 4.24
CA LEU A 99 -1.04 -4.20 3.85
C LEU A 99 -0.10 -4.10 5.03
N ASP A 100 0.88 -5.00 5.08
CA ASP A 100 1.85 -4.98 6.15
C ASP A 100 3.12 -4.31 5.65
N ALA A 101 3.35 -3.08 6.10
CA ALA A 101 4.51 -2.32 5.66
C ALA A 101 5.38 -1.93 6.85
N THR A 102 6.68 -2.07 6.67
CA THR A 102 7.63 -1.71 7.72
C THR A 102 8.06 -0.25 7.55
N VAL A 103 7.61 0.59 8.46
CA VAL A 103 7.87 2.02 8.38
C VAL A 103 8.56 2.51 9.65
N HIS A 104 9.18 3.68 9.57
CA HIS A 104 9.79 4.28 10.74
C HIS A 104 8.90 5.39 11.28
N ASP A 105 7.68 5.01 11.62
CA ASP A 105 6.70 5.94 12.16
C ASP A 105 6.04 5.33 13.39
N ASP A 106 5.61 6.16 14.31
CA ASP A 106 4.99 5.68 15.55
C ASP A 106 3.62 6.30 15.75
N LYS A 107 3.03 6.78 14.67
CA LYS A 107 1.69 7.36 14.72
C LYS A 107 0.76 6.61 13.77
N GLU A 108 1.32 6.10 12.68
CA GLU A 108 0.57 5.32 11.70
C GLU A 108 -0.44 6.22 10.99
N ASP A 109 -1.71 5.79 10.96
CA ASP A 109 -2.80 6.60 10.41
C ASP A 109 -2.76 6.63 8.88
N SER A 110 -1.77 7.35 8.35
CA SER A 110 -1.65 7.59 6.90
C SER A 110 -2.84 8.39 6.38
N ASP A 111 -3.99 7.73 6.31
CA ASP A 111 -5.25 8.31 5.89
C ASP A 111 -6.34 7.26 6.04
N VAL A 112 -6.61 6.53 4.95
CA VAL A 112 -7.53 5.40 4.96
C VAL A 112 -8.99 5.83 5.10
N LEU A 113 -9.26 6.75 6.02
CA LEU A 113 -10.62 7.19 6.30
C LEU A 113 -11.20 7.96 5.11
N THR A 114 -10.35 8.67 4.39
CA THR A 114 -10.78 9.34 3.17
C THR A 114 -10.57 8.40 1.98
N LYS A 115 -11.64 7.71 1.61
CA LYS A 115 -11.61 6.73 0.55
C LYS A 115 -11.11 7.33 -0.76
N CYS A 116 -10.12 6.68 -1.36
CA CYS A 116 -9.58 7.12 -2.64
C CYS A 116 -9.65 6.00 -3.68
N PRO A 117 -10.80 5.88 -4.37
CA PRO A 117 -10.98 4.87 -5.42
C PRO A 117 -10.29 5.30 -6.72
N VAL A 118 -8.97 5.26 -6.72
CA VAL A 118 -8.21 5.72 -7.86
C VAL A 118 -7.74 4.56 -8.72
N ARG A 1 14.40 -1.05 9.78
CA ARG A 1 13.33 -0.37 10.47
C ARG A 1 12.67 0.70 9.60
N ILE A 2 11.59 0.34 8.94
CA ILE A 2 10.77 1.32 8.26
C ILE A 2 9.98 2.11 9.30
N PRO A 3 10.11 3.44 9.30
CA PRO A 3 9.41 4.29 10.24
C PRO A 3 8.00 4.64 9.74
N ASN A 4 7.15 3.63 9.59
CA ASN A 4 5.84 3.86 9.00
C ASN A 4 4.73 2.97 9.58
N ILE A 5 4.17 2.11 8.74
CA ILE A 5 2.86 1.50 9.00
C ILE A 5 2.93 0.12 9.63
N ALA A 6 1.89 -0.17 10.40
CA ALA A 6 1.70 -1.44 11.08
C ALA A 6 1.21 -2.52 10.12
N THR A 7 0.95 -3.71 10.65
CA THR A 7 0.32 -4.74 9.87
C THR A 7 -1.16 -4.41 9.68
N TYR A 8 -1.50 -3.97 8.48
CA TYR A 8 -2.84 -3.51 8.15
C TYR A 8 -3.75 -4.67 7.76
N THR A 9 -4.68 -5.01 8.62
CA THR A 9 -5.68 -6.00 8.27
C THR A 9 -7.03 -5.33 8.12
N GLY A 10 -7.34 -4.91 6.90
CA GLY A 10 -8.55 -4.16 6.66
C GLY A 10 -9.35 -4.72 5.50
N THR A 11 -10.62 -4.35 5.45
CA THR A 11 -11.50 -4.82 4.39
C THR A 11 -11.79 -3.70 3.40
N ILE A 12 -11.26 -3.84 2.19
CA ILE A 12 -11.44 -2.83 1.15
C ILE A 12 -12.83 -2.98 0.51
N GLN A 13 -13.34 -1.90 -0.04
CA GLN A 13 -14.68 -1.86 -0.58
C GLN A 13 -14.78 -2.66 -1.88
N GLY A 14 -15.90 -3.33 -2.07
CA GLY A 14 -16.11 -4.11 -3.28
C GLY A 14 -16.01 -3.27 -4.54
N LYS A 15 -15.08 -3.65 -5.42
CA LYS A 15 -14.81 -2.91 -6.65
C LYS A 15 -14.42 -1.47 -6.35
N GLY A 16 -13.26 -1.30 -5.73
CA GLY A 16 -12.80 0.03 -5.37
C GLY A 16 -11.34 0.26 -5.68
N GLU A 17 -10.91 1.50 -5.50
CA GLU A 17 -9.53 1.92 -5.77
C GLU A 17 -9.10 2.95 -4.73
N VAL A 18 -8.14 2.58 -3.90
CA VAL A 18 -7.72 3.40 -2.77
C VAL A 18 -6.23 3.15 -2.49
N CYS A 19 -5.59 4.05 -1.76
CA CYS A 19 -4.17 3.92 -1.50
C CYS A 19 -3.90 2.74 -0.56
N ILE A 20 -3.41 1.65 -1.16
CA ILE A 20 -2.98 0.44 -0.43
C ILE A 20 -2.29 -0.49 -1.42
N ILE A 21 -1.93 -1.69 -0.96
CA ILE A 21 -1.20 -2.67 -1.76
C ILE A 21 -2.07 -3.31 -2.87
N GLY A 22 -1.98 -4.64 -3.03
CA GLY A 22 -2.78 -5.31 -4.04
C GLY A 22 -2.17 -6.62 -4.55
N ASN A 23 -2.71 -7.12 -5.66
CA ASN A 23 -2.31 -8.41 -6.26
C ASN A 23 -2.01 -8.22 -7.75
N LYS A 24 -1.76 -9.32 -8.46
CA LYS A 24 -1.57 -9.31 -9.92
C LYS A 24 -0.26 -8.63 -10.32
N GLU A 25 0.77 -9.45 -10.52
CA GLU A 25 2.09 -8.95 -10.84
C GLU A 25 2.18 -8.44 -12.27
N GLY A 26 3.27 -7.73 -12.57
CA GLY A 26 3.48 -7.18 -13.89
C GLY A 26 4.92 -6.75 -14.11
N LYS A 27 5.57 -6.28 -13.04
CA LYS A 27 6.92 -5.76 -13.10
C LYS A 27 7.67 -6.08 -11.81
N THR A 28 8.25 -7.27 -11.73
CA THR A 28 8.89 -7.76 -10.50
C THR A 28 10.17 -6.98 -10.15
N ARG A 29 10.59 -6.09 -11.04
CA ARG A 29 11.76 -5.25 -10.76
C ARG A 29 11.49 -4.35 -9.56
N GLY A 30 12.45 -4.31 -8.64
CA GLY A 30 12.31 -3.48 -7.47
C GLY A 30 12.83 -4.14 -6.21
N GLY A 31 13.47 -3.37 -5.36
CA GLY A 31 13.99 -3.88 -4.11
C GLY A 31 14.00 -2.83 -3.02
N GLU A 32 13.57 -1.63 -3.40
CA GLU A 32 13.51 -0.48 -2.52
C GLU A 32 12.44 -0.64 -1.45
N LEU A 33 11.43 -1.43 -1.76
CA LEU A 33 10.20 -1.41 -0.99
C LEU A 33 9.87 -2.79 -0.39
N TYR A 34 9.57 -2.83 0.93
CA TYR A 34 8.98 -4.01 1.54
C TYR A 34 7.72 -3.70 2.39
N ALA A 35 6.58 -4.07 1.85
CA ALA A 35 5.31 -4.10 2.57
C ALA A 35 4.53 -5.27 2.03
N VAL A 36 4.63 -6.40 2.69
CA VAL A 36 4.12 -7.62 2.10
C VAL A 36 2.64 -7.79 2.38
N LEU A 37 1.86 -7.67 1.32
CA LEU A 37 0.42 -7.88 1.44
C LEU A 37 0.11 -9.35 1.35
N HIS A 38 -0.83 -9.76 2.19
CA HIS A 38 -1.41 -11.10 2.15
C HIS A 38 -2.92 -10.95 2.05
N SER A 39 -3.65 -12.03 1.84
CA SER A 39 -5.10 -11.94 1.76
C SER A 39 -5.76 -13.25 2.13
N THR A 40 -6.90 -13.14 2.78
CA THR A 40 -7.71 -14.30 3.15
C THR A 40 -9.18 -13.97 3.04
N ASN A 41 -9.67 -13.89 1.81
CA ASN A 41 -11.07 -13.53 1.56
C ASN A 41 -11.57 -14.21 0.29
N VAL A 42 -12.83 -13.95 -0.06
CA VAL A 42 -13.45 -14.54 -1.25
C VAL A 42 -12.54 -14.44 -2.48
N ASN A 43 -12.16 -13.22 -2.83
CA ASN A 43 -11.29 -13.00 -3.97
C ASN A 43 -10.06 -12.20 -3.55
N ALA A 44 -8.93 -12.89 -3.47
CA ALA A 44 -7.66 -12.23 -3.18
C ALA A 44 -7.14 -11.55 -4.44
N ASP A 45 -7.84 -11.78 -5.54
CA ASP A 45 -7.51 -11.16 -6.81
C ASP A 45 -7.65 -9.65 -6.72
N MET A 46 -6.52 -8.98 -6.86
CA MET A 46 -6.42 -7.54 -6.66
C MET A 46 -5.36 -6.99 -7.59
N THR A 47 -5.03 -5.72 -7.45
CA THR A 47 -3.93 -5.14 -8.21
C THR A 47 -3.05 -4.25 -7.33
N LEU A 48 -1.77 -4.61 -7.19
CA LEU A 48 -0.82 -3.80 -6.44
C LEU A 48 -0.13 -2.85 -7.41
N ILE A 49 -0.49 -1.59 -7.37
CA ILE A 49 0.17 -0.64 -8.24
C ILE A 49 0.91 0.41 -7.40
N LEU A 50 2.16 0.64 -7.77
CA LEU A 50 3.00 1.62 -7.11
C LEU A 50 2.92 2.94 -7.86
N LEU A 51 2.69 4.01 -7.13
CA LEU A 51 2.48 5.32 -7.73
C LEU A 51 3.36 6.36 -7.09
N ARG A 52 3.61 7.42 -7.83
CA ARG A 52 4.29 8.58 -7.29
C ARG A 52 3.75 9.83 -7.96
N ASN A 53 2.98 10.59 -7.21
CA ASN A 53 2.44 11.85 -7.68
C ASN A 53 2.66 12.91 -6.62
N VAL A 54 3.07 14.08 -7.03
CA VAL A 54 3.28 15.16 -6.08
C VAL A 54 3.28 16.51 -6.78
N GLY A 55 2.55 17.46 -6.21
CA GLY A 55 2.42 18.75 -6.82
C GLY A 55 0.98 19.17 -6.97
N GLY A 56 0.19 18.30 -7.59
CA GLY A 56 -1.22 18.57 -7.77
C GLY A 56 -1.73 18.08 -9.11
N ASN A 57 -2.13 16.82 -9.14
CA ASN A 57 -2.66 16.22 -10.36
C ASN A 57 -3.47 14.96 -10.01
N GLY A 58 -2.79 13.98 -9.46
CA GLY A 58 -3.42 12.72 -9.14
C GLY A 58 -2.43 11.59 -9.22
N TRP A 59 -2.55 10.63 -8.30
CA TRP A 59 -1.61 9.51 -8.22
C TRP A 59 -1.41 8.85 -9.59
N GLY A 60 -0.15 8.86 -10.05
CA GLY A 60 0.16 8.28 -11.35
C GLY A 60 0.78 6.90 -11.22
N GLU A 61 0.17 5.92 -11.88
CA GLU A 61 0.56 4.53 -11.78
C GLU A 61 1.82 4.24 -12.61
N ILE A 62 2.59 3.22 -12.19
CA ILE A 62 3.78 2.83 -12.94
C ILE A 62 4.20 1.38 -12.64
N LYS A 63 4.40 1.03 -11.38
CA LYS A 63 4.90 -0.29 -11.01
C LYS A 63 3.77 -1.21 -10.55
N ARG A 64 3.93 -2.51 -10.78
CA ARG A 64 2.92 -3.48 -10.38
C ARG A 64 3.51 -4.58 -9.48
N ASN A 65 2.67 -5.18 -8.66
CA ASN A 65 3.06 -6.30 -7.80
C ASN A 65 1.85 -7.19 -7.50
N ASP A 66 2.10 -8.38 -6.97
CA ASP A 66 1.03 -9.33 -6.65
C ASP A 66 0.89 -9.54 -5.16
N ILE A 67 0.10 -10.55 -4.80
CA ILE A 67 -0.20 -10.87 -3.41
C ILE A 67 0.94 -11.67 -2.78
N ASP A 68 0.99 -11.63 -1.46
CA ASP A 68 2.07 -12.22 -0.67
C ASP A 68 3.40 -11.67 -1.16
N LYS A 69 3.39 -10.38 -1.47
CA LYS A 69 4.57 -9.69 -1.99
C LYS A 69 4.79 -8.36 -1.29
N PRO A 70 6.06 -8.01 -1.00
CA PRO A 70 6.42 -6.84 -0.21
C PRO A 70 6.74 -5.58 -1.03
N LEU A 71 5.97 -4.52 -0.78
CA LEU A 71 6.24 -3.20 -1.37
C LEU A 71 6.09 -2.06 -0.34
N LYS A 72 7.16 -1.76 0.44
CA LYS A 72 7.25 -0.52 1.26
C LYS A 72 8.66 0.07 1.24
N TYR A 73 8.86 1.16 0.53
CA TYR A 73 10.18 1.80 0.50
C TYR A 73 10.49 2.40 1.88
N GLU A 74 11.66 2.05 2.41
CA GLU A 74 12.09 2.52 3.72
C GLU A 74 12.10 4.05 3.77
N ASP A 75 13.11 4.66 3.16
CA ASP A 75 13.17 6.11 3.03
C ASP A 75 12.81 6.50 1.62
N TYR A 76 11.71 7.22 1.49
CA TYR A 76 11.17 7.59 0.19
C TYR A 76 12.08 8.61 -0.52
N TYR A 77 12.74 9.45 0.26
CA TYR A 77 13.49 10.57 -0.29
C TYR A 77 14.83 10.15 -0.87
N THR A 78 15.16 8.88 -0.72
CA THR A 78 16.39 8.35 -1.31
C THR A 78 16.29 8.30 -2.82
N SER A 79 15.07 8.17 -3.32
CA SER A 79 14.81 8.12 -4.75
C SER A 79 13.35 8.43 -5.03
N GLY A 80 12.94 9.65 -4.73
CA GLY A 80 11.56 10.05 -4.91
C GLY A 80 11.09 10.94 -3.77
N LEU A 81 9.79 11.24 -3.76
CA LEU A 81 9.22 12.05 -2.71
C LEU A 81 8.28 11.20 -1.86
N SER A 82 7.17 10.80 -2.47
CA SER A 82 6.22 9.93 -1.82
C SER A 82 5.86 8.78 -2.74
N TRP A 83 6.13 7.57 -2.31
CA TRP A 83 5.76 6.38 -3.07
C TRP A 83 4.50 5.78 -2.48
N ILE A 84 3.41 5.86 -3.21
CA ILE A 84 2.13 5.39 -2.72
C ILE A 84 1.73 4.10 -3.42
N TRP A 85 0.92 3.31 -2.76
CA TRP A 85 0.36 2.12 -3.36
C TRP A 85 -1.11 2.36 -3.61
N LYS A 86 -1.66 1.78 -4.66
CA LYS A 86 -3.08 1.86 -4.92
C LYS A 86 -3.66 0.47 -5.13
N ILE A 87 -4.65 0.14 -4.32
CA ILE A 87 -5.32 -1.15 -4.40
C ILE A 87 -6.44 -1.06 -5.44
N LYS A 88 -6.49 -2.03 -6.32
CA LYS A 88 -7.60 -2.17 -7.24
C LYS A 88 -8.16 -3.57 -7.13
N ASN A 89 -9.30 -3.72 -6.51
CA ASN A 89 -9.86 -5.04 -6.30
C ASN A 89 -10.97 -5.33 -7.30
N ASN A 90 -10.85 -6.46 -7.99
CA ASN A 90 -11.88 -6.90 -8.90
C ASN A 90 -12.98 -7.63 -8.13
N SER A 91 -12.72 -7.85 -6.86
CA SER A 91 -13.71 -8.41 -5.96
C SER A 91 -14.89 -7.45 -5.82
N SER A 92 -16.03 -7.86 -6.34
CA SER A 92 -17.24 -7.06 -6.25
C SER A 92 -17.73 -7.00 -4.80
N GLU A 93 -17.28 -7.95 -3.99
CA GLU A 93 -17.60 -7.96 -2.57
C GLU A 93 -16.43 -7.42 -1.76
N THR A 94 -16.66 -7.19 -0.47
CA THR A 94 -15.64 -6.68 0.42
C THR A 94 -14.44 -7.61 0.48
N SER A 95 -13.25 -7.07 0.27
CA SER A 95 -12.04 -7.87 0.23
C SER A 95 -11.13 -7.57 1.42
N ASN A 96 -10.89 -8.58 2.25
CA ASN A 96 -10.06 -8.42 3.45
C ASN A 96 -8.59 -8.68 3.10
N TYR A 97 -7.74 -7.72 3.43
CA TYR A 97 -6.32 -7.82 3.12
C TYR A 97 -5.47 -7.75 4.39
N SER A 98 -4.21 -8.18 4.29
CA SER A 98 -3.26 -8.05 5.38
C SER A 98 -1.95 -7.44 4.86
N LEU A 99 -1.82 -6.13 4.99
CA LEU A 99 -0.64 -5.41 4.50
C LEU A 99 0.30 -5.05 5.65
N ASP A 100 1.42 -5.75 5.80
CA ASP A 100 2.37 -5.34 6.83
C ASP A 100 3.53 -4.56 6.27
N ALA A 101 3.68 -3.37 6.82
CA ALA A 101 4.89 -2.60 6.67
C ALA A 101 5.56 -2.59 8.04
N THR A 102 6.71 -1.96 8.16
CA THR A 102 7.35 -1.90 9.47
C THR A 102 6.82 -0.70 10.25
N VAL A 103 6.34 -0.99 11.45
CA VAL A 103 5.68 0.02 12.27
C VAL A 103 6.68 0.82 13.11
N HIS A 104 6.39 2.10 13.25
CA HIS A 104 7.19 2.99 14.09
C HIS A 104 6.32 4.16 14.52
N ASP A 105 5.60 4.71 13.56
CA ASP A 105 4.75 5.85 13.83
C ASP A 105 3.29 5.44 13.76
N ASP A 106 2.61 5.53 14.89
CA ASP A 106 1.19 5.21 14.97
C ASP A 106 0.37 6.48 14.99
N LYS A 107 0.84 7.48 14.26
CA LYS A 107 0.18 8.78 14.19
C LYS A 107 -0.49 8.97 12.84
N GLU A 108 0.06 8.32 11.82
CA GLU A 108 -0.46 8.44 10.47
C GLU A 108 -1.76 7.66 10.31
N ASP A 109 -2.60 8.12 9.40
CA ASP A 109 -3.91 7.50 9.17
C ASP A 109 -4.15 7.36 7.65
N SER A 110 -3.13 7.71 6.88
CA SER A 110 -3.21 7.77 5.42
C SER A 110 -3.93 6.55 4.83
N ASP A 111 -3.31 5.39 4.93
CA ASP A 111 -3.86 4.17 4.37
C ASP A 111 -4.84 3.53 5.36
N VAL A 112 -6.00 3.11 4.88
CA VAL A 112 -6.99 2.46 5.73
C VAL A 112 -8.10 1.78 4.91
N LEU A 113 -9.02 2.56 4.34
CA LEU A 113 -10.16 2.00 3.64
C LEU A 113 -10.57 2.87 2.45
N THR A 114 -11.06 4.07 2.75
CA THR A 114 -11.49 4.98 1.71
C THR A 114 -10.63 6.24 1.70
N LYS A 115 -9.58 6.22 0.90
CA LYS A 115 -8.67 7.34 0.79
C LYS A 115 -8.12 7.42 -0.63
N CYS A 116 -7.80 8.64 -1.06
CA CYS A 116 -7.26 8.89 -2.40
C CYS A 116 -8.32 8.67 -3.48
N PRO A 117 -9.16 9.68 -3.75
CA PRO A 117 -10.14 9.63 -4.83
C PRO A 117 -9.48 9.81 -6.19
N VAL A 118 -8.79 8.75 -6.63
CA VAL A 118 -8.07 8.80 -7.88
C VAL A 118 -8.31 7.51 -8.67
N ARG A 1 -1.45 -2.16 17.38
CA ARG A 1 -0.42 -1.27 17.89
C ARG A 1 0.96 -1.85 17.63
N ILE A 2 1.37 -1.84 16.37
CA ILE A 2 2.67 -2.40 15.98
C ILE A 2 3.48 -1.38 15.18
N PRO A 3 4.36 -0.63 15.85
CA PRO A 3 5.21 0.38 15.22
C PRO A 3 6.39 -0.21 14.45
N ASN A 4 6.71 -1.46 14.76
CA ASN A 4 7.82 -2.14 14.08
C ASN A 4 7.37 -2.63 12.72
N ILE A 5 6.30 -3.41 12.72
CA ILE A 5 5.70 -3.89 11.48
C ILE A 5 4.37 -3.20 11.27
N ALA A 6 4.34 -2.26 10.33
CA ALA A 6 3.13 -1.50 10.06
C ALA A 6 2.15 -2.34 9.24
N THR A 7 1.40 -3.20 9.92
CA THR A 7 0.40 -4.02 9.28
C THR A 7 -0.91 -3.26 9.15
N TYR A 8 -1.17 -2.75 7.96
CA TYR A 8 -2.40 -2.04 7.68
C TYR A 8 -3.49 -3.02 7.28
N THR A 9 -4.23 -3.50 8.27
CA THR A 9 -5.32 -4.43 8.03
C THR A 9 -6.63 -3.69 7.81
N GLY A 10 -6.91 -3.37 6.55
CA GLY A 10 -8.12 -2.65 6.22
C GLY A 10 -8.94 -3.40 5.19
N THR A 11 -10.19 -3.01 5.02
CA THR A 11 -11.06 -3.68 4.08
C THR A 11 -11.43 -2.76 2.91
N ILE A 12 -11.03 -3.17 1.72
CA ILE A 12 -11.42 -2.49 0.50
C ILE A 12 -12.71 -3.14 -0.02
N GLN A 13 -13.50 -2.39 -0.76
CA GLN A 13 -14.78 -2.89 -1.22
C GLN A 13 -14.77 -3.22 -2.70
N GLY A 14 -14.27 -4.40 -3.03
CA GLY A 14 -14.41 -4.93 -4.37
C GLY A 14 -13.56 -4.21 -5.38
N LYS A 15 -14.08 -4.06 -6.59
CA LYS A 15 -13.33 -3.45 -7.69
C LYS A 15 -13.20 -1.94 -7.50
N GLY A 16 -12.69 -1.55 -6.36
CA GLY A 16 -12.42 -0.17 -6.08
C GLY A 16 -10.93 0.07 -5.98
N GLU A 17 -10.56 1.31 -5.73
CA GLU A 17 -9.17 1.69 -5.63
C GLU A 17 -8.96 2.58 -4.42
N VAL A 18 -8.13 2.14 -3.50
CA VAL A 18 -7.82 2.92 -2.32
C VAL A 18 -6.33 2.87 -2.02
N CYS A 19 -5.77 4.00 -1.64
CA CYS A 19 -4.35 4.09 -1.35
C CYS A 19 -4.07 3.74 0.11
N ILE A 20 -2.98 3.05 0.35
CA ILE A 20 -2.53 2.86 1.72
C ILE A 20 -1.81 4.12 2.16
N ILE A 21 -2.37 4.71 3.20
CA ILE A 21 -1.92 5.97 3.75
C ILE A 21 -2.34 6.03 5.21
N GLY A 22 -2.48 7.23 5.75
CA GLY A 22 -2.99 7.38 7.09
C GLY A 22 -2.17 8.35 7.90
N ASN A 23 -2.08 8.11 9.19
CA ASN A 23 -1.34 8.98 10.08
C ASN A 23 -0.15 8.25 10.68
N LYS A 24 1.01 8.87 10.56
CA LYS A 24 2.25 8.34 11.10
C LYS A 24 3.16 9.50 11.48
N GLU A 25 2.52 10.63 11.74
CA GLU A 25 3.21 11.92 11.86
C GLU A 25 3.78 12.28 10.50
N GLY A 26 5.01 12.79 10.43
CA GLY A 26 5.56 13.10 9.13
C GLY A 26 6.96 13.70 9.18
N LYS A 27 7.95 12.87 9.44
CA LYS A 27 9.34 13.26 9.28
C LYS A 27 10.22 12.02 9.06
N THR A 28 9.65 11.04 8.40
CA THR A 28 10.32 9.78 8.14
C THR A 28 11.12 9.86 6.83
N ARG A 29 11.74 8.75 6.46
CA ARG A 29 12.43 8.65 5.19
C ARG A 29 11.60 7.83 4.21
N GLY A 30 11.94 7.90 2.94
CA GLY A 30 11.21 7.16 1.93
C GLY A 30 12.14 6.56 0.89
N GLY A 31 12.38 5.26 0.99
CA GLY A 31 13.23 4.59 0.05
C GLY A 31 13.08 3.09 0.09
N GLU A 32 13.36 2.50 1.24
CA GLU A 32 13.36 1.04 1.36
C GLU A 32 11.95 0.52 1.60
N LEU A 33 11.09 0.79 0.64
CA LEU A 33 9.70 0.36 0.70
C LEU A 33 9.59 -1.15 0.59
N TYR A 34 9.31 -1.80 1.71
CA TYR A 34 9.09 -3.23 1.74
C TYR A 34 7.71 -3.53 2.32
N ALA A 35 6.74 -3.80 1.45
CA ALA A 35 5.38 -4.08 1.88
C ALA A 35 4.79 -5.27 1.15
N VAL A 36 4.36 -6.27 1.88
CA VAL A 36 3.72 -7.45 1.30
C VAL A 36 2.21 -7.38 1.53
N LEU A 37 1.43 -7.75 0.52
CA LEU A 37 -0.01 -7.73 0.67
C LEU A 37 -0.54 -9.15 0.68
N HIS A 38 -1.45 -9.41 1.60
CA HIS A 38 -2.14 -10.68 1.65
C HIS A 38 -3.61 -10.45 1.41
N SER A 39 -4.09 -10.95 0.30
CA SER A 39 -5.49 -10.83 -0.07
C SER A 39 -6.34 -11.78 0.77
N THR A 40 -6.92 -11.25 1.84
CA THR A 40 -7.71 -12.07 2.75
C THR A 40 -9.19 -12.02 2.37
N ASN A 41 -9.57 -12.90 1.45
CA ASN A 41 -10.96 -12.96 0.97
C ASN A 41 -11.16 -14.20 0.10
N VAL A 42 -12.33 -14.28 -0.53
CA VAL A 42 -12.69 -15.43 -1.36
C VAL A 42 -11.92 -15.40 -2.69
N ASN A 43 -12.27 -14.46 -3.55
CA ASN A 43 -11.63 -14.35 -4.85
C ASN A 43 -10.44 -13.41 -4.76
N ALA A 44 -9.37 -13.92 -4.17
CA ALA A 44 -8.21 -13.12 -3.84
C ALA A 44 -7.38 -12.77 -5.08
N ASP A 45 -7.93 -11.90 -5.91
CA ASP A 45 -7.22 -11.36 -7.04
C ASP A 45 -7.12 -9.85 -6.88
N MET A 46 -6.23 -9.41 -6.01
CA MET A 46 -6.11 -7.99 -5.74
C MET A 46 -4.76 -7.53 -6.25
N THR A 47 -4.55 -6.24 -6.28
CA THR A 47 -3.30 -5.71 -6.76
C THR A 47 -2.85 -4.53 -5.92
N LEU A 48 -1.72 -4.69 -5.24
CA LEU A 48 -1.12 -3.62 -4.50
C LEU A 48 -0.11 -2.92 -5.38
N ILE A 49 -0.44 -1.73 -5.82
CA ILE A 49 0.43 -1.01 -6.72
C ILE A 49 1.13 0.13 -6.02
N LEU A 50 2.43 0.12 -6.14
CA LEU A 50 3.25 1.20 -5.64
C LEU A 50 3.22 2.34 -6.64
N LEU A 51 2.47 3.39 -6.31
CA LEU A 51 2.26 4.49 -7.22
C LEU A 51 2.45 5.83 -6.52
N ARG A 52 2.64 6.87 -7.31
CA ARG A 52 2.74 8.23 -6.79
C ARG A 52 2.39 9.26 -7.86
N ASN A 53 1.24 9.89 -7.73
CA ASN A 53 0.90 11.03 -8.57
C ASN A 53 0.37 12.16 -7.70
N VAL A 54 1.29 12.91 -7.10
CA VAL A 54 0.91 13.98 -6.22
C VAL A 54 0.91 15.31 -6.96
N GLY A 55 -0.27 15.92 -7.02
CA GLY A 55 -0.47 17.10 -7.84
C GLY A 55 -1.59 16.85 -8.82
N GLY A 56 -1.81 15.57 -9.11
CA GLY A 56 -2.91 15.17 -9.96
C GLY A 56 -3.88 14.29 -9.20
N ASN A 57 -5.13 14.73 -9.13
CA ASN A 57 -6.15 14.02 -8.35
C ASN A 57 -6.70 12.82 -9.11
N GLY A 58 -5.84 11.83 -9.35
CA GLY A 58 -6.24 10.62 -10.01
C GLY A 58 -5.16 9.57 -9.93
N TRP A 59 -5.20 8.77 -8.86
CA TRP A 59 -4.12 7.82 -8.57
C TRP A 59 -4.10 6.69 -9.59
N GLY A 60 -3.07 6.71 -10.43
CA GLY A 60 -2.96 5.80 -11.55
C GLY A 60 -2.30 4.48 -11.17
N GLU A 61 -1.85 3.74 -12.18
CA GLU A 61 -1.12 2.50 -11.96
C GLU A 61 0.39 2.67 -12.18
N ILE A 62 1.21 2.01 -11.36
CA ILE A 62 2.65 1.90 -11.63
C ILE A 62 3.11 0.45 -11.45
N LYS A 63 3.58 0.10 -10.25
CA LYS A 63 4.04 -1.27 -10.00
C LYS A 63 2.98 -2.07 -9.27
N ARG A 64 2.32 -2.94 -10.02
CA ARG A 64 1.24 -3.76 -9.48
C ARG A 64 1.78 -5.07 -8.91
N ASN A 65 1.51 -5.30 -7.62
CA ASN A 65 1.91 -6.55 -6.97
C ASN A 65 1.00 -6.89 -5.79
N ASP A 66 0.10 -7.87 -5.93
CA ASP A 66 -0.58 -8.44 -4.77
C ASP A 66 -1.05 -9.86 -5.01
N ILE A 67 -0.39 -10.78 -4.36
CA ILE A 67 -0.92 -12.10 -4.10
C ILE A 67 -0.09 -12.80 -3.04
N ASP A 68 -0.19 -12.31 -1.81
CA ASP A 68 0.57 -12.87 -0.69
C ASP A 68 2.05 -12.67 -0.94
N LYS A 69 2.39 -11.52 -1.52
CA LYS A 69 3.76 -11.28 -1.95
C LYS A 69 4.17 -9.84 -1.67
N PRO A 70 5.46 -9.62 -1.37
CA PRO A 70 5.98 -8.30 -1.03
C PRO A 70 6.35 -7.46 -2.24
N LEU A 71 6.02 -6.19 -2.17
CA LEU A 71 6.44 -5.22 -3.18
C LEU A 71 7.62 -4.43 -2.65
N LYS A 72 8.82 -4.89 -3.00
CA LYS A 72 10.02 -4.15 -2.69
C LYS A 72 10.72 -3.77 -3.99
N TYR A 73 11.00 -2.49 -4.15
CA TYR A 73 11.66 -2.01 -5.35
C TYR A 73 13.09 -1.61 -5.03
N GLU A 74 13.97 -1.75 -6.01
CA GLU A 74 15.32 -1.22 -5.88
C GLU A 74 15.35 0.19 -6.41
N ASP A 75 14.33 0.53 -7.19
CA ASP A 75 14.17 1.86 -7.73
C ASP A 75 13.39 2.74 -6.77
N TYR A 76 14.10 3.36 -5.85
CA TYR A 76 13.49 4.26 -4.88
C TYR A 76 14.19 5.61 -4.90
N TYR A 77 14.75 5.94 -6.06
CA TYR A 77 15.45 7.20 -6.20
C TYR A 77 14.66 8.11 -7.14
N THR A 78 15.36 8.91 -7.94
CA THR A 78 14.70 9.87 -8.81
C THR A 78 13.91 10.88 -7.98
N SER A 79 14.61 11.54 -7.06
CA SER A 79 14.03 12.52 -6.13
C SER A 79 13.27 11.81 -5.00
N GLY A 80 13.44 12.34 -3.79
CA GLY A 80 12.76 11.78 -2.63
C GLY A 80 11.29 12.16 -2.58
N LEU A 81 10.53 11.65 -3.53
CA LEU A 81 9.11 11.94 -3.63
C LEU A 81 8.31 11.03 -2.71
N SER A 82 7.07 11.40 -2.45
CA SER A 82 6.17 10.58 -1.65
C SER A 82 5.48 9.53 -2.54
N TRP A 83 4.81 8.58 -1.90
CA TRP A 83 4.20 7.46 -2.60
C TRP A 83 2.89 7.09 -1.92
N ILE A 84 2.12 6.23 -2.57
CA ILE A 84 0.93 5.65 -1.97
C ILE A 84 0.85 4.19 -2.35
N TRP A 85 0.40 3.36 -1.43
CA TRP A 85 0.29 1.93 -1.70
C TRP A 85 -1.14 1.59 -2.12
N LYS A 86 -1.40 1.67 -3.42
CA LYS A 86 -2.75 1.57 -3.95
C LYS A 86 -3.25 0.14 -4.04
N ILE A 87 -4.31 -0.16 -3.30
CA ILE A 87 -4.98 -1.45 -3.38
C ILE A 87 -6.18 -1.36 -4.29
N LYS A 88 -6.16 -2.14 -5.35
CA LYS A 88 -7.27 -2.22 -6.27
C LYS A 88 -7.66 -3.67 -6.48
N ASN A 89 -8.95 -3.95 -6.44
CA ASN A 89 -9.45 -5.32 -6.49
C ASN A 89 -10.29 -5.54 -7.75
N ASN A 90 -10.62 -6.79 -8.05
CA ASN A 90 -11.21 -7.14 -9.33
C ASN A 90 -12.73 -7.30 -9.28
N SER A 91 -13.23 -8.00 -8.27
CA SER A 91 -14.65 -8.40 -8.24
C SER A 91 -15.11 -8.73 -6.83
N SER A 92 -16.44 -8.64 -6.61
CA SER A 92 -17.09 -9.04 -5.35
C SER A 92 -16.50 -8.31 -4.16
N GLU A 93 -17.22 -7.32 -3.63
CA GLU A 93 -16.61 -6.46 -2.65
C GLU A 93 -16.66 -7.06 -1.25
N THR A 94 -15.89 -8.12 -1.07
CA THR A 94 -15.34 -8.47 0.21
C THR A 94 -13.82 -8.54 0.10
N SER A 95 -13.10 -7.50 0.44
CA SER A 95 -11.65 -7.55 0.25
C SER A 95 -10.90 -6.99 1.46
N ASN A 96 -10.45 -7.88 2.34
CA ASN A 96 -9.61 -7.49 3.46
C ASN A 96 -8.15 -7.64 3.08
N TYR A 97 -7.37 -6.60 3.24
CA TYR A 97 -5.96 -6.65 2.89
C TYR A 97 -5.09 -6.55 4.13
N SER A 98 -4.14 -7.44 4.25
CA SER A 98 -3.16 -7.37 5.31
C SER A 98 -1.85 -6.85 4.75
N LEU A 99 -1.60 -5.55 4.88
CA LEU A 99 -0.39 -4.95 4.34
C LEU A 99 0.69 -4.88 5.40
N ASP A 100 1.70 -5.72 5.27
CA ASP A 100 2.81 -5.74 6.21
C ASP A 100 3.94 -4.86 5.68
N ALA A 101 4.03 -3.64 6.17
CA ALA A 101 5.06 -2.70 5.72
C ALA A 101 6.13 -2.52 6.79
N THR A 102 7.32 -3.00 6.49
CA THR A 102 8.46 -2.83 7.37
C THR A 102 9.74 -2.75 6.55
N VAL A 103 10.67 -1.90 6.98
CA VAL A 103 11.92 -1.73 6.26
C VAL A 103 12.93 -2.79 6.69
N HIS A 104 13.70 -3.32 5.74
CA HIS A 104 14.59 -4.43 6.03
C HIS A 104 16.04 -4.13 5.65
N ASP A 105 16.35 -2.86 5.48
CA ASP A 105 17.72 -2.46 5.15
C ASP A 105 18.10 -1.20 5.92
N ASP A 106 17.31 -0.15 5.76
CA ASP A 106 17.52 1.08 6.51
C ASP A 106 16.53 1.13 7.68
N LYS A 107 16.35 2.30 8.27
CA LYS A 107 15.40 2.45 9.38
C LYS A 107 14.57 3.71 9.20
N GLU A 108 13.40 3.75 9.85
CA GLU A 108 12.49 4.89 9.80
C GLU A 108 12.06 5.19 8.36
N ASP A 109 11.80 4.13 7.61
CA ASP A 109 11.39 4.26 6.22
C ASP A 109 9.90 4.06 6.08
N SER A 110 9.18 5.13 5.79
CA SER A 110 7.72 5.09 5.69
C SER A 110 7.21 6.29 4.88
N ASP A 111 6.54 6.00 3.76
CA ASP A 111 5.98 7.03 2.91
C ASP A 111 4.72 7.61 3.56
N VAL A 112 3.58 6.95 3.33
CA VAL A 112 2.31 7.31 3.98
C VAL A 112 1.94 8.77 3.73
N LEU A 113 1.30 9.01 2.58
CA LEU A 113 0.82 10.35 2.24
C LEU A 113 -0.27 10.80 3.21
N THR A 114 -0.54 12.11 3.22
CA THR A 114 -1.49 12.68 4.17
C THR A 114 -2.94 12.50 3.73
N LYS A 115 -3.35 11.23 3.60
CA LYS A 115 -4.73 10.86 3.29
C LYS A 115 -5.13 11.28 1.87
N CYS A 116 -5.40 10.29 1.03
CA CYS A 116 -5.91 10.56 -0.31
C CYS A 116 -7.38 10.15 -0.37
N PRO A 117 -8.29 11.12 -0.55
CA PRO A 117 -9.73 10.86 -0.61
C PRO A 117 -10.16 10.32 -1.97
N VAL A 118 -9.50 9.26 -2.41
CA VAL A 118 -9.78 8.65 -3.70
C VAL A 118 -10.74 7.49 -3.54
N ARG A 1 9.96 -15.96 13.96
CA ARG A 1 10.92 -14.89 14.13
C ARG A 1 11.14 -14.16 12.80
N ILE A 2 10.56 -12.97 12.69
CA ILE A 2 10.59 -12.22 11.44
C ILE A 2 10.86 -10.75 11.72
N PRO A 3 11.14 -9.95 10.67
CA PRO A 3 11.32 -8.50 10.79
C PRO A 3 10.08 -7.80 11.37
N ASN A 4 10.23 -6.54 11.73
CA ASN A 4 9.14 -5.78 12.34
C ASN A 4 8.14 -5.32 11.29
N ILE A 5 7.13 -6.15 11.05
CA ILE A 5 6.10 -5.83 10.08
C ILE A 5 4.79 -5.50 10.79
N ALA A 6 4.02 -4.61 10.19
CA ALA A 6 2.71 -4.23 10.70
C ALA A 6 1.65 -4.53 9.66
N THR A 7 0.78 -5.47 9.97
CA THR A 7 -0.24 -5.91 9.03
C THR A 7 -1.44 -4.96 9.01
N TYR A 8 -1.48 -4.10 8.01
CA TYR A 8 -2.63 -3.22 7.78
C TYR A 8 -3.77 -4.07 7.24
N THR A 9 -4.83 -4.21 8.01
CA THR A 9 -5.95 -5.04 7.59
C THR A 9 -7.19 -4.20 7.34
N GLY A 10 -7.18 -3.45 6.25
CA GLY A 10 -8.29 -2.59 5.92
C GLY A 10 -9.28 -3.27 5.00
N THR A 11 -10.49 -2.74 4.93
CA THR A 11 -11.53 -3.32 4.08
C THR A 11 -11.79 -2.44 2.86
N ILE A 12 -11.68 -3.06 1.68
CA ILE A 12 -11.88 -2.36 0.43
C ILE A 12 -13.19 -2.77 -0.22
N GLN A 13 -13.77 -1.89 -1.02
CA GLN A 13 -15.03 -2.17 -1.69
C GLN A 13 -14.79 -3.07 -2.91
N GLY A 14 -15.87 -3.44 -3.58
CA GLY A 14 -15.76 -4.32 -4.73
C GLY A 14 -15.23 -3.62 -5.96
N LYS A 15 -14.16 -4.19 -6.52
CA LYS A 15 -13.53 -3.67 -7.75
C LYS A 15 -13.14 -2.21 -7.59
N GLY A 16 -12.44 -1.90 -6.51
CA GLY A 16 -12.02 -0.55 -6.25
C GLY A 16 -10.51 -0.41 -6.21
N GLU A 17 -10.05 0.81 -6.03
CA GLU A 17 -8.62 1.10 -5.94
C GLU A 17 -8.39 2.32 -5.07
N VAL A 18 -7.77 2.12 -3.92
CA VAL A 18 -7.64 3.18 -2.93
C VAL A 18 -6.18 3.47 -2.60
N CYS A 19 -5.91 4.75 -2.36
CA CYS A 19 -4.58 5.24 -2.05
C CYS A 19 -4.29 5.13 -0.55
N ILE A 20 -3.31 4.33 -0.19
CA ILE A 20 -2.93 4.16 1.21
C ILE A 20 -1.43 4.43 1.38
N ILE A 21 -1.07 5.09 2.46
CA ILE A 21 0.33 5.23 2.85
C ILE A 21 0.41 5.47 4.36
N GLY A 22 0.30 4.38 5.10
CA GLY A 22 0.25 4.48 6.55
C GLY A 22 -1.18 4.58 7.01
N ASN A 23 -1.43 4.18 8.25
CA ASN A 23 -2.77 4.22 8.81
C ASN A 23 -2.95 5.48 9.65
N LYS A 24 -4.19 5.94 9.78
CA LYS A 24 -4.49 7.10 10.61
C LYS A 24 -4.58 6.70 12.08
N GLU A 25 -3.48 6.17 12.59
CA GLU A 25 -3.42 5.72 13.97
C GLU A 25 -2.58 6.68 14.81
N GLY A 26 -1.55 7.25 14.20
CA GLY A 26 -0.65 8.13 14.92
C GLY A 26 0.37 7.36 15.73
N LYS A 27 0.48 6.07 15.43
CA LYS A 27 1.42 5.19 16.13
C LYS A 27 2.07 4.23 15.15
N THR A 28 1.28 3.30 14.64
CA THR A 28 1.76 2.33 13.67
C THR A 28 1.98 2.97 12.30
N ARG A 29 3.15 3.54 12.09
CA ARG A 29 3.47 4.18 10.83
C ARG A 29 4.50 3.37 10.04
N GLY A 30 4.01 2.52 9.16
CA GLY A 30 4.87 1.78 8.27
C GLY A 30 5.25 2.61 7.06
N GLY A 31 6.25 3.46 7.22
CA GLY A 31 6.66 4.33 6.15
C GLY A 31 7.95 3.89 5.49
N GLU A 32 7.84 3.37 4.28
CA GLU A 32 8.99 2.91 3.51
C GLU A 32 8.56 2.64 2.08
N LEU A 33 9.35 1.85 1.36
CA LEU A 33 9.01 1.44 0.01
C LEU A 33 8.92 -0.07 -0.07
N TYR A 34 8.65 -0.70 1.07
CA TYR A 34 8.49 -2.14 1.15
C TYR A 34 7.11 -2.47 1.70
N ALA A 35 6.35 -3.22 0.92
CA ALA A 35 5.02 -3.64 1.33
C ALA A 35 4.67 -4.98 0.71
N VAL A 36 4.51 -5.99 1.55
CA VAL A 36 4.10 -7.30 1.05
C VAL A 36 2.60 -7.48 1.24
N LEU A 37 1.88 -7.44 0.14
CA LEU A 37 0.43 -7.49 0.15
C LEU A 37 -0.05 -8.94 0.22
N HIS A 38 -0.92 -9.21 1.19
CA HIS A 38 -1.61 -10.49 1.27
C HIS A 38 -3.10 -10.25 1.16
N SER A 39 -3.88 -11.30 0.95
CA SER A 39 -5.32 -11.18 0.90
C SER A 39 -5.98 -12.42 1.49
N THR A 40 -6.28 -12.37 2.79
CA THR A 40 -6.91 -13.49 3.45
C THR A 40 -8.43 -13.26 3.59
N ASN A 41 -9.13 -13.44 2.47
CA ASN A 41 -10.58 -13.25 2.43
C ASN A 41 -11.13 -13.78 1.10
N VAL A 42 -12.44 -13.66 0.91
CA VAL A 42 -13.10 -14.11 -0.31
C VAL A 42 -12.45 -13.52 -1.55
N ASN A 43 -12.20 -14.36 -2.53
CA ASN A 43 -11.67 -13.95 -3.82
C ASN A 43 -10.41 -13.10 -3.63
N ALA A 44 -9.33 -13.76 -3.22
CA ALA A 44 -8.04 -13.10 -3.04
C ALA A 44 -7.45 -12.65 -4.38
N ASP A 45 -8.10 -11.66 -4.97
CA ASP A 45 -7.64 -11.06 -6.22
C ASP A 45 -7.34 -9.60 -5.98
N MET A 46 -6.19 -9.33 -5.36
CA MET A 46 -5.81 -7.99 -5.01
C MET A 46 -4.41 -7.69 -5.52
N THR A 47 -4.27 -6.60 -6.23
CA THR A 47 -2.98 -6.19 -6.75
C THR A 47 -2.58 -4.83 -6.18
N LEU A 48 -1.42 -4.78 -5.56
CA LEU A 48 -0.90 -3.54 -5.01
C LEU A 48 0.00 -2.87 -6.03
N ILE A 49 -0.41 -1.73 -6.52
CA ILE A 49 0.42 -0.98 -7.45
C ILE A 49 1.03 0.22 -6.74
N LEU A 50 2.35 0.25 -6.76
CA LEU A 50 3.11 1.29 -6.11
C LEU A 50 3.09 2.54 -6.98
N LEU A 51 2.63 3.63 -6.39
CA LEU A 51 2.28 4.83 -7.12
C LEU A 51 3.13 6.02 -6.71
N ARG A 52 3.39 6.92 -7.67
CA ARG A 52 4.10 8.16 -7.41
C ARG A 52 3.80 9.16 -8.55
N ASN A 53 2.99 10.16 -8.22
CA ASN A 53 2.66 11.23 -9.14
C ASN A 53 2.77 12.53 -8.38
N VAL A 54 2.69 13.62 -9.11
CA VAL A 54 2.81 14.95 -8.56
C VAL A 54 2.01 15.17 -7.28
N GLY A 55 0.72 14.82 -7.31
CA GLY A 55 -0.19 15.06 -6.19
C GLY A 55 0.49 15.01 -4.84
N GLY A 56 1.24 13.96 -4.62
CA GLY A 56 2.04 13.83 -3.41
C GLY A 56 2.75 12.50 -3.35
N ASN A 57 3.16 12.02 -4.54
CA ASN A 57 3.72 10.68 -4.70
C ASN A 57 2.64 9.62 -4.49
N GLY A 58 2.08 9.13 -5.60
CA GLY A 58 0.95 8.25 -5.54
C GLY A 58 0.27 8.09 -6.88
N TRP A 59 -1.03 8.26 -6.82
CA TRP A 59 -1.97 8.16 -7.91
C TRP A 59 -1.36 8.54 -9.26
N GLY A 60 -0.88 7.50 -9.93
CA GLY A 60 0.02 7.64 -11.07
C GLY A 60 1.05 6.53 -11.01
N GLU A 61 0.77 5.46 -11.72
CA GLU A 61 1.38 4.16 -11.45
C GLU A 61 2.85 4.06 -11.86
N ILE A 62 3.57 3.20 -11.14
CA ILE A 62 4.91 2.79 -11.52
C ILE A 62 5.03 1.26 -11.48
N LYS A 63 5.15 0.72 -10.27
CA LYS A 63 5.40 -0.71 -10.10
C LYS A 63 4.14 -1.47 -9.73
N ARG A 64 3.97 -2.65 -10.33
CA ARG A 64 2.83 -3.50 -10.02
C ARG A 64 3.25 -4.68 -9.16
N ASN A 65 2.41 -5.04 -8.20
CA ASN A 65 2.65 -6.19 -7.35
C ASN A 65 1.35 -7.00 -7.21
N ASP A 66 1.48 -8.31 -7.03
CA ASP A 66 0.31 -9.20 -6.94
C ASP A 66 0.12 -9.76 -5.53
N ILE A 67 -0.72 -10.79 -5.43
CA ILE A 67 -1.18 -11.30 -4.14
C ILE A 67 -0.12 -12.15 -3.45
N ASP A 68 -0.01 -11.95 -2.14
CA ASP A 68 0.97 -12.63 -1.29
C ASP A 68 2.38 -12.42 -1.83
N LYS A 69 2.62 -11.21 -2.31
CA LYS A 69 3.91 -10.86 -2.88
C LYS A 69 4.47 -9.62 -2.19
N PRO A 70 5.78 -9.62 -1.90
CA PRO A 70 6.46 -8.46 -1.34
C PRO A 70 6.89 -7.48 -2.40
N LEU A 71 6.39 -6.25 -2.32
CA LEU A 71 6.80 -5.20 -3.24
C LEU A 71 7.84 -4.32 -2.56
N LYS A 72 9.00 -4.21 -3.17
CA LYS A 72 10.07 -3.38 -2.62
C LYS A 72 10.70 -2.52 -3.71
N TYR A 73 10.94 -1.25 -3.39
CA TYR A 73 11.57 -0.33 -4.30
C TYR A 73 12.67 0.44 -3.60
N GLU A 74 13.62 0.92 -4.36
CA GLU A 74 14.71 1.71 -3.82
C GLU A 74 14.36 3.20 -3.82
N ASP A 75 15.30 4.03 -3.38
CA ASP A 75 15.11 5.48 -3.30
C ASP A 75 13.91 5.83 -2.42
N TYR A 76 14.12 5.78 -1.11
CA TYR A 76 13.05 5.97 -0.15
C TYR A 76 12.69 7.45 0.00
N TYR A 77 13.69 8.30 -0.06
CA TYR A 77 13.51 9.71 0.24
C TYR A 77 13.56 10.58 -1.00
N THR A 78 12.43 11.18 -1.35
CA THR A 78 12.38 12.21 -2.38
C THR A 78 12.69 13.56 -1.75
N SER A 79 11.64 14.25 -1.33
CA SER A 79 11.79 15.51 -0.60
C SER A 79 10.88 15.52 0.62
N GLY A 80 10.20 14.40 0.86
CA GLY A 80 9.28 14.31 1.98
C GLY A 80 7.95 13.69 1.57
N LEU A 81 7.64 13.81 0.30
CA LEU A 81 6.41 13.24 -0.25
C LEU A 81 6.47 11.70 -0.21
N SER A 82 5.43 11.09 0.33
CA SER A 82 5.39 9.65 0.49
C SER A 82 4.58 9.01 -0.63
N TRP A 83 5.17 8.02 -1.30
CA TRP A 83 4.53 7.33 -2.42
C TRP A 83 3.33 6.54 -1.91
N ILE A 84 2.32 6.40 -2.76
CA ILE A 84 1.08 5.78 -2.35
C ILE A 84 1.01 4.31 -2.77
N TRP A 85 0.42 3.49 -1.92
CA TRP A 85 0.09 2.12 -2.28
C TRP A 85 -1.34 2.07 -2.76
N LYS A 86 -1.56 1.79 -4.03
CA LYS A 86 -2.91 1.68 -4.54
C LYS A 86 -3.34 0.22 -4.55
N ILE A 87 -4.14 -0.13 -3.56
CA ILE A 87 -4.70 -1.48 -3.48
C ILE A 87 -5.90 -1.59 -4.40
N LYS A 88 -5.75 -2.34 -5.47
CA LYS A 88 -6.83 -2.56 -6.41
C LYS A 88 -7.26 -4.02 -6.35
N ASN A 89 -8.54 -4.25 -6.14
CA ASN A 89 -9.06 -5.61 -6.01
C ASN A 89 -10.02 -5.92 -7.15
N ASN A 90 -10.35 -7.21 -7.28
CA ASN A 90 -11.30 -7.65 -8.30
C ASN A 90 -12.46 -8.39 -7.65
N SER A 91 -12.47 -8.41 -6.33
CA SER A 91 -13.54 -9.05 -5.58
C SER A 91 -14.75 -8.12 -5.48
N SER A 92 -15.94 -8.68 -5.65
CA SER A 92 -17.17 -7.91 -5.61
C SER A 92 -17.56 -7.56 -4.18
N GLU A 93 -17.30 -8.47 -3.25
CA GLU A 93 -17.65 -8.27 -1.85
C GLU A 93 -16.60 -7.42 -1.16
N THR A 94 -16.95 -6.91 0.02
CA THR A 94 -16.01 -6.16 0.84
C THR A 94 -14.83 -7.05 1.23
N SER A 95 -13.70 -6.80 0.59
CA SER A 95 -12.53 -7.63 0.81
C SER A 95 -11.55 -6.95 1.75
N ASN A 96 -10.86 -7.74 2.56
CA ASN A 96 -9.82 -7.20 3.40
C ASN A 96 -8.46 -7.50 2.79
N TYR A 97 -7.57 -6.52 2.88
CA TYR A 97 -6.20 -6.73 2.46
C TYR A 97 -5.31 -6.81 3.68
N SER A 98 -4.35 -7.70 3.64
CA SER A 98 -3.39 -7.81 4.72
C SER A 98 -2.07 -7.20 4.27
N LEU A 99 -1.93 -5.92 4.52
CA LEU A 99 -0.76 -5.17 4.04
C LEU A 99 0.35 -5.18 5.09
N ASP A 100 1.33 -6.04 4.89
CA ASP A 100 2.46 -6.12 5.81
C ASP A 100 3.50 -5.10 5.44
N ALA A 101 3.44 -3.95 6.09
CA ALA A 101 4.41 -2.88 5.87
C ALA A 101 5.44 -2.88 6.97
N THR A 102 6.56 -2.22 6.74
CA THR A 102 7.61 -2.15 7.75
C THR A 102 7.40 -0.98 8.68
N VAL A 103 6.80 -1.25 9.83
CA VAL A 103 6.58 -0.22 10.82
C VAL A 103 7.90 0.23 11.42
N HIS A 104 8.32 1.43 11.05
CA HIS A 104 9.59 1.96 11.50
C HIS A 104 9.51 2.28 12.98
N ASP A 105 8.70 3.27 13.31
CA ASP A 105 8.52 3.71 14.69
C ASP A 105 7.43 4.77 14.77
N ASP A 106 7.40 5.47 15.89
CA ASP A 106 6.42 6.52 16.13
C ASP A 106 6.69 7.71 15.22
N LYS A 107 5.83 7.92 14.24
CA LYS A 107 6.03 8.99 13.29
C LYS A 107 4.79 9.87 13.20
N GLU A 108 4.62 10.56 12.08
CA GLU A 108 3.62 11.62 11.99
C GLU A 108 2.40 11.20 11.18
N ASP A 109 2.32 11.71 9.95
CA ASP A 109 1.07 11.67 9.18
C ASP A 109 0.96 10.41 8.33
N SER A 110 -0.07 10.40 7.49
CA SER A 110 -0.38 9.29 6.61
C SER A 110 -1.50 9.70 5.67
N ASP A 111 -1.21 9.76 4.36
CA ASP A 111 -2.24 10.13 3.39
C ASP A 111 -3.11 8.93 3.07
N VAL A 112 -4.02 8.63 3.98
CA VAL A 112 -4.94 7.53 3.80
C VAL A 112 -6.36 8.06 3.74
N LEU A 113 -7.06 7.72 2.67
CA LEU A 113 -8.44 8.13 2.50
C LEU A 113 -9.29 6.90 2.20
N THR A 114 -10.49 6.87 2.77
CA THR A 114 -11.41 5.76 2.56
C THR A 114 -11.92 5.75 1.13
N LYS A 115 -11.17 5.09 0.25
CA LYS A 115 -11.51 4.96 -1.17
C LYS A 115 -11.44 6.32 -1.86
N CYS A 116 -10.21 6.81 -2.04
CA CYS A 116 -9.99 8.06 -2.76
C CYS A 116 -10.15 7.83 -4.26
N PRO A 117 -11.04 8.59 -4.91
CA PRO A 117 -11.31 8.46 -6.34
C PRO A 117 -10.26 9.13 -7.21
N VAL A 118 -9.01 8.77 -7.00
CA VAL A 118 -7.90 9.32 -7.78
C VAL A 118 -6.96 8.20 -8.18
N ARG A 1 9.54 -12.96 15.02
CA ARG A 1 8.56 -11.89 14.90
C ARG A 1 9.27 -10.55 14.83
N ILE A 2 9.11 -9.87 13.70
CA ILE A 2 9.69 -8.54 13.53
C ILE A 2 8.93 -7.53 14.36
N PRO A 3 9.63 -6.72 15.17
CA PRO A 3 8.99 -5.75 16.07
C PRO A 3 8.38 -4.56 15.33
N ASN A 4 8.65 -4.44 14.04
CA ASN A 4 8.18 -3.29 13.27
C ASN A 4 7.34 -3.71 12.08
N ILE A 5 6.44 -4.67 12.28
CA ILE A 5 5.51 -5.04 11.24
C ILE A 5 4.16 -4.38 11.46
N ALA A 6 3.89 -3.37 10.65
CA ALA A 6 2.63 -2.67 10.72
C ALA A 6 1.67 -3.26 9.70
N THR A 7 0.97 -4.31 10.11
CA THR A 7 0.00 -4.97 9.25
C THR A 7 -1.26 -4.12 9.12
N TYR A 8 -1.35 -3.39 8.02
CA TYR A 8 -2.52 -2.60 7.73
C TYR A 8 -3.62 -3.49 7.19
N THR A 9 -4.69 -3.61 7.96
CA THR A 9 -5.78 -4.49 7.62
C THR A 9 -7.06 -3.70 7.40
N GLY A 10 -7.59 -3.74 6.20
CA GLY A 10 -8.79 -2.98 5.89
C GLY A 10 -9.70 -3.71 4.93
N THR A 11 -10.99 -3.50 5.09
CA THR A 11 -11.97 -4.12 4.22
C THR A 11 -12.30 -3.22 3.04
N ILE A 12 -11.48 -3.33 1.99
CA ILE A 12 -11.74 -2.62 0.74
C ILE A 12 -12.97 -3.23 0.06
N GLN A 13 -13.66 -2.46 -0.76
CA GLN A 13 -14.90 -2.93 -1.35
C GLN A 13 -14.77 -3.12 -2.87
N GLY A 14 -14.19 -4.26 -3.26
CA GLY A 14 -14.20 -4.68 -4.65
C GLY A 14 -13.59 -3.65 -5.57
N LYS A 15 -14.42 -3.04 -6.39
CA LYS A 15 -13.98 -2.00 -7.32
C LYS A 15 -13.56 -0.74 -6.57
N GLY A 16 -12.68 -0.92 -5.61
CA GLY A 16 -12.15 0.17 -4.85
C GLY A 16 -10.71 0.42 -5.21
N GLU A 17 -10.36 1.70 -5.26
CA GLU A 17 -9.00 2.14 -5.53
C GLU A 17 -8.69 3.33 -4.65
N VAL A 18 -7.76 3.14 -3.72
CA VAL A 18 -7.46 4.19 -2.74
C VAL A 18 -5.96 4.33 -2.52
N CYS A 19 -5.59 5.47 -1.96
CA CYS A 19 -4.20 5.81 -1.69
C CYS A 19 -3.94 5.87 -0.19
N ILE A 20 -3.16 4.95 0.34
CA ILE A 20 -2.79 4.97 1.75
C ILE A 20 -1.33 5.35 1.92
N ILE A 21 -1.02 6.09 2.98
CA ILE A 21 0.32 6.59 3.20
C ILE A 21 1.16 5.61 4.02
N GLY A 22 1.16 5.77 5.34
CA GLY A 22 1.96 4.92 6.19
C GLY A 22 3.42 5.32 6.16
N ASN A 23 3.66 6.61 5.93
CA ASN A 23 5.01 7.12 5.78
C ASN A 23 5.50 7.74 7.09
N LYS A 24 6.75 8.19 7.09
CA LYS A 24 7.34 8.82 8.26
C LYS A 24 8.30 9.91 7.81
N GLU A 25 8.35 11.02 8.56
CA GLU A 25 9.24 12.12 8.25
C GLU A 25 10.69 11.66 8.24
N GLY A 26 11.00 10.69 9.10
CA GLY A 26 12.31 10.09 9.09
C GLY A 26 12.42 9.03 8.00
N LYS A 27 12.55 9.49 6.76
CA LYS A 27 12.62 8.60 5.61
C LYS A 27 14.00 7.96 5.50
N THR A 28 14.18 6.83 6.17
CA THR A 28 15.41 6.08 6.10
C THR A 28 15.68 5.55 4.69
N ARG A 29 16.88 5.82 4.19
CA ARG A 29 17.26 5.36 2.87
C ARG A 29 17.83 3.95 2.94
N GLY A 30 16.99 2.97 2.71
CA GLY A 30 17.42 1.59 2.75
C GLY A 30 17.78 1.08 1.38
N GLY A 31 16.92 1.35 0.42
CA GLY A 31 17.17 0.91 -0.94
C GLY A 31 16.57 -0.46 -1.22
N GLU A 32 15.71 -0.93 -0.33
CA GLU A 32 15.07 -2.22 -0.51
C GLU A 32 13.56 -2.10 -0.32
N LEU A 33 12.83 -2.31 -1.40
CA LEU A 33 11.37 -2.23 -1.37
C LEU A 33 10.75 -3.53 -0.84
N TYR A 34 10.51 -3.61 0.46
CA TYR A 34 9.72 -4.72 0.99
C TYR A 34 8.51 -4.24 1.82
N ALA A 35 7.32 -4.55 1.29
CA ALA A 35 6.04 -4.38 1.99
C ALA A 35 5.05 -5.37 1.41
N VAL A 36 4.74 -6.43 2.13
CA VAL A 36 3.97 -7.52 1.55
C VAL A 36 2.48 -7.34 1.78
N LEU A 37 1.71 -7.48 0.72
CA LEU A 37 0.27 -7.50 0.85
C LEU A 37 -0.21 -8.93 0.81
N HIS A 38 -0.87 -9.34 1.88
CA HIS A 38 -1.47 -10.65 1.96
C HIS A 38 -2.94 -10.54 1.58
N SER A 39 -3.39 -11.44 0.73
CA SER A 39 -4.77 -11.46 0.30
C SER A 39 -5.51 -12.62 0.93
N THR A 40 -6.34 -12.32 1.92
CA THR A 40 -7.11 -13.35 2.61
C THR A 40 -8.58 -13.28 2.20
N ASN A 41 -8.96 -14.13 1.25
CA ASN A 41 -10.33 -14.16 0.75
C ASN A 41 -10.52 -15.29 -0.25
N VAL A 42 -11.74 -15.44 -0.75
CA VAL A 42 -12.07 -16.46 -1.72
C VAL A 42 -11.58 -16.04 -3.11
N ASN A 43 -12.09 -14.91 -3.58
CA ASN A 43 -11.71 -14.37 -4.88
C ASN A 43 -10.33 -13.73 -4.82
N ALA A 44 -9.86 -13.54 -3.58
CA ALA A 44 -8.66 -12.76 -3.24
C ALA A 44 -7.71 -12.50 -4.41
N ASP A 45 -8.02 -11.45 -5.16
CA ASP A 45 -7.13 -10.97 -6.19
C ASP A 45 -7.02 -9.45 -6.06
N MET A 46 -6.47 -9.03 -4.93
CA MET A 46 -6.46 -7.62 -4.58
C MET A 46 -5.06 -7.08 -4.76
N THR A 47 -4.94 -6.06 -5.58
CA THR A 47 -3.66 -5.59 -6.03
C THR A 47 -3.06 -4.57 -5.08
N LEU A 48 -1.89 -4.90 -4.53
CA LEU A 48 -1.08 -3.91 -3.88
C LEU A 48 -0.25 -3.24 -4.94
N ILE A 49 -0.65 -2.05 -5.32
CA ILE A 49 0.03 -1.39 -6.40
C ILE A 49 0.84 -0.20 -5.87
N LEU A 50 2.10 -0.18 -6.28
CA LEU A 50 3.03 0.87 -5.91
C LEU A 50 2.74 2.07 -6.78
N LEU A 51 2.49 3.19 -6.14
CA LEU A 51 1.86 4.31 -6.80
C LEU A 51 2.65 5.60 -6.73
N ARG A 52 2.11 6.53 -7.48
CA ARG A 52 2.68 7.79 -7.89
C ARG A 52 2.47 8.93 -6.90
N ASN A 53 2.65 10.14 -7.42
CA ASN A 53 2.59 11.40 -6.68
C ASN A 53 1.36 11.52 -5.78
N VAL A 54 1.49 12.32 -4.74
CA VAL A 54 0.34 12.67 -3.92
C VAL A 54 0.33 14.19 -3.73
N GLY A 55 -0.73 14.83 -4.19
CA GLY A 55 -0.74 16.28 -4.26
C GLY A 55 -0.13 16.73 -5.56
N GLY A 56 -0.68 16.23 -6.67
CA GLY A 56 -0.12 16.50 -7.97
C GLY A 56 -1.17 16.50 -9.05
N ASN A 57 -1.13 15.49 -9.92
CA ASN A 57 -2.05 15.42 -11.04
C ASN A 57 -2.67 14.03 -11.17
N GLY A 58 -3.44 13.63 -10.17
CA GLY A 58 -4.15 12.37 -10.24
C GLY A 58 -3.28 11.18 -9.85
N TRP A 59 -3.79 9.97 -10.04
CA TRP A 59 -3.10 8.76 -9.62
C TRP A 59 -2.84 7.85 -10.82
N GLY A 60 -1.61 7.86 -11.30
CA GLY A 60 -1.23 6.99 -12.41
C GLY A 60 -0.71 5.65 -11.94
N GLU A 61 -1.24 4.58 -12.53
CA GLU A 61 -0.87 3.22 -12.15
C GLU A 61 0.52 2.87 -12.69
N ILE A 62 1.26 2.03 -11.96
CA ILE A 62 2.57 1.59 -12.41
C ILE A 62 2.92 0.18 -11.91
N LYS A 63 3.19 -0.01 -10.62
CA LYS A 63 3.68 -1.31 -10.14
C LYS A 63 2.57 -2.12 -9.48
N ARG A 64 2.13 -3.19 -10.14
CA ARG A 64 1.08 -4.05 -9.60
C ARG A 64 1.67 -5.35 -9.06
N ASN A 65 1.35 -5.67 -7.82
CA ASN A 65 1.82 -6.90 -7.18
C ASN A 65 0.79 -7.38 -6.17
N ASP A 66 0.21 -8.57 -6.38
CA ASP A 66 -0.85 -9.01 -5.49
C ASP A 66 -0.92 -10.52 -5.28
N ILE A 67 -0.50 -10.94 -4.09
CA ILE A 67 -0.82 -12.25 -3.53
C ILE A 67 -0.38 -12.27 -2.07
N ASP A 68 0.88 -12.61 -1.92
CA ASP A 68 1.62 -12.45 -0.68
C ASP A 68 2.90 -11.75 -1.07
N LYS A 69 2.74 -10.65 -1.80
CA LYS A 69 3.85 -10.04 -2.51
C LYS A 69 4.44 -8.89 -1.73
N PRO A 70 5.72 -8.98 -1.38
CA PRO A 70 6.42 -7.96 -0.62
C PRO A 70 7.12 -6.93 -1.50
N LEU A 71 6.49 -5.78 -1.65
CA LEU A 71 7.08 -4.66 -2.34
C LEU A 71 6.85 -3.40 -1.53
N LYS A 72 7.91 -2.73 -1.11
CA LYS A 72 7.79 -1.48 -0.36
C LYS A 72 7.82 -0.29 -1.29
N TYR A 73 7.72 0.87 -0.71
CA TYR A 73 7.69 2.11 -1.47
C TYR A 73 8.64 3.14 -0.86
N GLU A 74 9.48 3.70 -1.73
CA GLU A 74 10.41 4.77 -1.39
C GLU A 74 11.30 5.01 -2.60
N ASP A 75 12.05 6.09 -2.58
CA ASP A 75 12.88 6.45 -3.72
C ASP A 75 14.10 5.55 -3.81
N TYR A 76 14.25 4.91 -4.95
CA TYR A 76 15.42 4.07 -5.22
C TYR A 76 16.58 4.95 -5.68
N TYR A 77 16.28 6.20 -5.96
CA TYR A 77 17.28 7.16 -6.41
C TYR A 77 17.44 8.28 -5.38
N THR A 78 17.92 9.43 -5.82
CA THR A 78 18.15 10.56 -4.94
C THR A 78 17.32 11.77 -5.35
N SER A 79 16.03 11.56 -5.53
CA SER A 79 15.14 12.64 -5.98
C SER A 79 14.22 13.08 -4.85
N GLY A 80 13.75 12.12 -4.06
CA GLY A 80 12.79 12.44 -3.01
C GLY A 80 11.38 12.42 -3.53
N LEU A 81 11.04 11.35 -4.23
CA LEU A 81 9.74 11.24 -4.88
C LEU A 81 8.68 10.77 -3.90
N SER A 82 7.42 10.96 -4.26
CA SER A 82 6.30 10.52 -3.45
C SER A 82 5.62 9.32 -4.09
N TRP A 83 5.38 8.29 -3.29
CA TRP A 83 4.77 7.06 -3.75
C TRP A 83 3.62 6.70 -2.82
N ILE A 84 2.52 6.21 -3.35
CA ILE A 84 1.43 5.76 -2.49
C ILE A 84 1.15 4.26 -2.68
N TRP A 85 0.53 3.65 -1.68
CA TRP A 85 0.02 2.30 -1.84
C TRP A 85 -1.40 2.36 -2.39
N LYS A 86 -1.61 1.76 -3.55
CA LYS A 86 -2.95 1.69 -4.10
C LYS A 86 -3.59 0.36 -3.74
N ILE A 87 -4.67 0.44 -2.99
CA ILE A 87 -5.49 -0.73 -2.72
C ILE A 87 -6.56 -0.82 -3.78
N LYS A 88 -6.36 -1.73 -4.72
CA LYS A 88 -7.28 -1.90 -5.83
C LYS A 88 -7.74 -3.34 -5.91
N ASN A 89 -9.01 -3.54 -6.17
CA ASN A 89 -9.55 -4.89 -6.32
C ASN A 89 -10.40 -4.98 -7.59
N ASN A 90 -10.61 -6.21 -8.06
CA ASN A 90 -11.24 -6.43 -9.37
C ASN A 90 -12.59 -7.14 -9.24
N SER A 91 -12.69 -8.04 -8.27
CA SER A 91 -13.83 -8.94 -8.17
C SER A 91 -15.02 -8.28 -7.47
N SER A 92 -15.92 -9.11 -6.93
CA SER A 92 -17.02 -8.64 -6.12
C SER A 92 -16.47 -8.12 -4.81
N GLU A 93 -17.23 -7.31 -4.11
CA GLU A 93 -16.61 -6.55 -3.06
C GLU A 93 -16.79 -7.14 -1.68
N THR A 94 -16.08 -8.23 -1.43
CA THR A 94 -15.57 -8.56 -0.12
C THR A 94 -14.06 -8.61 -0.20
N SER A 95 -13.36 -7.55 0.17
CA SER A 95 -11.92 -7.57 0.03
C SER A 95 -11.23 -7.16 1.32
N ASN A 96 -10.49 -8.09 1.89
CA ASN A 96 -9.75 -7.83 3.12
C ASN A 96 -8.27 -8.01 2.87
N TYR A 97 -7.53 -6.91 2.93
CA TYR A 97 -6.10 -6.94 2.66
C TYR A 97 -5.30 -6.81 3.94
N SER A 98 -4.20 -7.53 4.02
CA SER A 98 -3.26 -7.38 5.12
C SER A 98 -1.92 -6.89 4.59
N LEU A 99 -1.66 -5.61 4.74
CA LEU A 99 -0.42 -5.02 4.26
C LEU A 99 0.63 -4.99 5.36
N ASP A 100 1.63 -5.85 5.25
CA ASP A 100 2.70 -5.92 6.23
C ASP A 100 3.84 -4.98 5.84
N ALA A 101 3.75 -3.74 6.28
CA ALA A 101 4.78 -2.76 5.98
C ALA A 101 5.71 -2.60 7.17
N THR A 102 6.99 -2.42 6.89
CA THR A 102 8.00 -2.33 7.93
C THR A 102 8.20 -0.89 8.39
N VAL A 103 7.40 -0.48 9.36
CA VAL A 103 7.51 0.84 9.95
C VAL A 103 7.27 0.76 11.44
N HIS A 104 8.08 1.47 12.22
CA HIS A 104 7.91 1.50 13.67
C HIS A 104 6.74 2.41 14.04
N ASP A 105 5.66 1.82 14.50
CA ASP A 105 4.53 2.60 14.99
C ASP A 105 4.82 3.10 16.39
N ASP A 106 4.82 4.42 16.56
CA ASP A 106 4.98 5.01 17.87
C ASP A 106 3.61 5.09 18.52
N LYS A 107 2.67 5.67 17.78
CA LYS A 107 1.27 5.69 18.15
C LYS A 107 0.44 6.34 17.06
N GLU A 108 0.67 5.91 15.83
CA GLU A 108 -0.10 6.39 14.70
C GLU A 108 -1.20 5.39 14.40
N ASP A 109 -0.82 4.11 14.34
CA ASP A 109 -1.73 2.99 14.14
C ASP A 109 -2.41 3.02 12.77
N SER A 110 -3.31 3.97 12.59
CA SER A 110 -4.10 4.04 11.38
C SER A 110 -3.79 5.31 10.58
N ASP A 111 -2.85 5.20 9.65
CA ASP A 111 -2.55 6.31 8.73
C ASP A 111 -3.46 6.21 7.51
N VAL A 112 -4.72 5.87 7.78
CA VAL A 112 -5.72 5.70 6.74
C VAL A 112 -6.98 6.45 7.14
N LEU A 113 -7.21 7.59 6.52
CA LEU A 113 -8.36 8.42 6.86
C LEU A 113 -8.91 9.11 5.62
N THR A 114 -10.01 9.83 5.80
CA THR A 114 -10.65 10.55 4.71
C THR A 114 -11.05 9.59 3.58
N LYS A 115 -10.85 10.00 2.33
CA LYS A 115 -11.20 9.18 1.18
C LYS A 115 -10.27 9.50 0.02
N CYS A 116 -10.23 8.62 -0.97
CA CYS A 116 -9.37 8.81 -2.13
C CYS A 116 -10.18 8.77 -3.42
N PRO A 117 -10.23 9.89 -4.14
CA PRO A 117 -10.98 10.00 -5.39
C PRO A 117 -10.31 9.28 -6.54
N VAL A 118 -10.31 7.95 -6.49
CA VAL A 118 -9.75 7.14 -7.57
C VAL A 118 -10.77 6.10 -8.00
#